data_3PJ0
#
_entry.id   3PJ0
#
_cell.length_a   85.593
_cell.length_b   96.642
_cell.length_c   99.478
_cell.angle_alpha   90.000
_cell.angle_beta   110.810
_cell.angle_gamma   90.000
#
_symmetry.space_group_name_H-M   'P 1 21 1'
#
loop_
_entity.id
_entity.type
_entity.pdbx_description
1 polymer 'Lmo0305 protein'
2 non-polymer (4R)-2-METHYLPENTANE-2,4-DIOL
3 non-polymer 'SODIUM ION'
4 non-polymer 'CHLORIDE ION'
5 non-polymer (4S)-2-METHYL-2,4-PENTANEDIOL
6 water water
#
_entity_poly.entity_id   1
_entity_poly.type   'polypeptide(L)'
_entity_poly.pdbx_seq_one_letter_code
;G(MSE)TNTLKTSYQKTPYKLGGNGPRNVGVLTEALQNIDDNLESDIYGNGAVIEDFETKIAKILGKQSAVFFPSGT
(MSE)AQQIALRIWADRKENRRVAYHPLSHLEIHEQDGLKELQQITPLLLGTANQLLTIDDIKSLREPVSSVLIELPQRE
IGGQLPAFEELEKISEYCHEQGISLHLDGARLWEITPFYQKSAEEICALFDSVYVSFY(LLP)GIGGIAGAILAGNDDFV
QEAKIWKRRYGGDLISLYPYILSADYYFEKRIGK(MSE)AEYFEAAKGLAERFNSCSGVKTVPEVPVSN(MSE)FHVYFE
NSADEIGAILTKIQDETGVGISGYLQEKSADVCAFEVSVGDAFAEIPAKNLELVFRCLEKEL
;
_entity_poly.pdbx_strand_id   A,B,C,D
#
loop_
_chem_comp.id
_chem_comp.type
_chem_comp.name
_chem_comp.formula
CL non-polymer 'CHLORIDE ION' 'Cl -1'
MPD non-polymer (4S)-2-METHYL-2,4-PENTANEDIOL 'C6 H14 O2'
MRD non-polymer (4R)-2-METHYLPENTANE-2,4-DIOL 'C6 H14 O2'
NA non-polymer 'SODIUM ION' 'Na 1'
#
# COMPACT_ATOMS: atom_id res chain seq x y z
N GLY A 1 21.74 16.30 24.60
N GLY A 1 22.37 17.49 22.75
CA GLY A 1 21.54 16.29 23.11
CA GLY A 1 21.54 16.31 23.09
C GLY A 1 20.10 16.58 22.73
C GLY A 1 20.10 16.56 22.74
N MSE A 2 19.72 16.23 21.50
CA MSE A 2 18.35 16.47 21.01
C MSE A 2 17.28 15.85 21.90
O MSE A 2 16.32 16.53 22.25
CB MSE A 2 18.17 15.92 19.58
CG MSE A 2 16.75 16.11 19.01
SE MSE A 2 15.38 14.79 19.59
CE MSE A 2 16.22 13.17 18.88
N THR A 3 17.47 14.58 22.24
CA THR A 3 16.53 13.82 23.04
C THR A 3 16.06 14.56 24.31
N ASN A 4 17.01 15.01 25.12
CA ASN A 4 16.66 15.67 26.38
C ASN A 4 16.10 17.09 26.18
N THR A 5 16.62 17.80 25.19
CA THR A 5 16.14 19.15 24.87
C THR A 5 14.66 19.09 24.42
N LEU A 6 14.33 18.12 23.56
CA LEU A 6 12.94 17.94 23.10
C LEU A 6 12.03 17.56 24.25
N LYS A 7 12.48 16.61 25.08
CA LYS A 7 11.72 16.14 26.25
C LYS A 7 11.38 17.33 27.16
N THR A 8 12.38 18.14 27.47
CA THR A 8 12.24 19.29 28.35
C THR A 8 11.31 20.33 27.76
N SER A 9 11.49 20.61 26.46
CA SER A 9 10.62 21.56 25.76
C SER A 9 9.15 21.13 25.79
N TYR A 10 8.93 19.84 25.55
CA TYR A 10 7.58 19.27 25.53
C TYR A 10 6.94 19.32 26.91
N GLN A 11 7.71 18.87 27.90
CA GLN A 11 7.23 18.89 29.27
C GLN A 11 6.80 20.30 29.76
N LYS A 12 7.41 21.37 29.24
CA LYS A 12 7.10 22.74 29.65
CA LYS A 12 7.08 22.74 29.68
C LYS A 12 5.88 23.35 28.96
N THR A 13 5.35 22.70 27.93
CA THR A 13 4.24 23.29 27.19
C THR A 13 2.94 23.26 27.98
N PRO A 14 2.19 24.38 27.98
CA PRO A 14 0.92 24.36 28.70
C PRO A 14 -0.15 23.58 27.93
N TYR A 15 -0.04 23.57 26.60
CA TYR A 15 -0.98 22.86 25.76
C TYR A 15 -0.34 21.64 25.07
N LYS A 16 -1.18 20.67 24.72
CA LYS A 16 -0.71 19.43 24.08
C LYS A 16 -1.65 19.02 22.91
N LEU A 17 -1.08 18.60 21.79
CA LEU A 17 -1.90 18.07 20.72
C LEU A 17 -2.50 16.72 21.20
N GLY A 18 -1.68 15.90 21.84
CA GLY A 18 -2.14 14.59 22.27
C GLY A 18 -2.55 14.44 23.72
N GLY A 19 -3.26 13.37 24.00
CA GLY A 19 -3.63 13.00 25.36
C GLY A 19 -4.79 13.71 26.04
N ASN A 20 -4.93 13.41 27.34
CA ASN A 20 -6.00 13.95 28.17
C ASN A 20 -5.46 14.73 29.35
N GLY A 21 -4.33 15.38 29.17
CA GLY A 21 -3.73 16.14 30.25
C GLY A 21 -2.89 15.30 31.20
N PRO A 22 -2.38 15.94 32.24
CA PRO A 22 -1.48 15.22 33.17
C PRO A 22 -2.04 13.98 33.87
N ARG A 23 -1.22 12.92 33.98
CA ARG A 23 -1.60 11.72 34.71
CA ARG A 23 -1.62 11.73 34.73
C ARG A 23 -1.15 11.99 36.15
N ASN A 24 -2.03 12.58 36.92
CA ASN A 24 -1.72 12.93 38.31
C ASN A 24 -2.78 12.43 39.26
N VAL A 25 -2.55 12.61 40.55
CA VAL A 25 -3.52 12.10 41.55
C VAL A 25 -4.94 12.69 41.42
N GLY A 26 -5.01 13.92 40.96
CA GLY A 26 -6.28 14.62 40.64
C GLY A 26 -7.20 13.84 39.71
N VAL A 27 -6.65 12.97 38.88
CA VAL A 27 -7.46 12.16 38.00
C VAL A 27 -8.35 11.22 38.86
N LEU A 28 -7.77 10.67 39.91
CA LEU A 28 -8.49 9.79 40.84
C LEU A 28 -9.45 10.58 41.74
N THR A 29 -8.98 11.67 42.33
CA THR A 29 -9.83 12.44 43.25
C THR A 29 -11.07 12.97 42.49
N GLU A 30 -10.90 13.38 41.23
CA GLU A 30 -12.07 13.81 40.43
C GLU A 30 -13.09 12.68 40.29
N ALA A 31 -12.59 11.47 40.01
CA ALA A 31 -13.47 10.32 39.85
C ALA A 31 -14.23 9.98 41.14
N LEU A 32 -13.66 10.30 42.29
CA LEU A 32 -14.29 9.97 43.58
C LEU A 32 -15.24 11.04 44.10
N GLN A 33 -15.40 12.15 43.37
CA GLN A 33 -16.23 13.25 43.86
C GLN A 33 -17.65 12.83 44.16
N ASN A 34 -18.24 12.05 43.24
CA ASN A 34 -19.65 11.66 43.41
C ASN A 34 -19.87 10.33 44.13
N ILE A 35 -18.80 9.73 44.66
CA ILE A 35 -18.86 8.42 45.31
C ILE A 35 -18.99 8.57 46.83
N ASP A 36 -19.90 7.80 47.41
CA ASP A 36 -20.15 7.81 48.85
C ASP A 36 -19.01 7.09 49.58
N ASP A 37 -18.41 7.73 50.60
CA ASP A 37 -17.33 7.09 51.35
C ASP A 37 -17.76 5.77 51.99
N ASN A 38 -19.05 5.58 52.20
CA ASN A 38 -19.58 4.34 52.78
C ASN A 38 -19.79 3.23 51.77
N LEU A 39 -19.49 3.47 50.48
CA LEU A 39 -19.64 2.43 49.47
C LEU A 39 -18.68 1.31 49.79
N GLU A 40 -19.20 0.09 49.84
CA GLU A 40 -18.37 -1.04 50.19
C GLU A 40 -17.46 -1.46 49.06
N SER A 41 -16.25 -1.83 49.44
CA SER A 41 -15.31 -2.36 48.52
C SER A 41 -15.77 -3.71 47.99
N ASP A 42 -15.36 -3.97 46.76
CA ASP A 42 -15.45 -5.32 46.19
C ASP A 42 -14.51 -6.20 47.07
N ILE A 43 -14.75 -7.51 47.08
CA ILE A 43 -13.98 -8.47 47.84
C ILE A 43 -13.62 -9.68 46.95
N TYR A 44 -12.35 -9.77 46.57
CA TYR A 44 -11.84 -10.87 45.72
C TYR A 44 -12.77 -11.23 44.57
N GLY A 45 -13.08 -10.23 43.73
CA GLY A 45 -13.91 -10.46 42.56
C GLY A 45 -15.42 -10.42 42.71
N ASN A 46 -15.91 -10.21 43.92
CA ASN A 46 -17.34 -10.18 44.19
C ASN A 46 -17.76 -8.86 44.81
N GLY A 47 -19.05 -8.58 44.77
CA GLY A 47 -19.57 -7.34 45.33
C GLY A 47 -20.16 -6.43 44.29
N ALA A 48 -21.16 -5.65 44.67
CA ALA A 48 -21.83 -4.79 43.68
C ALA A 48 -20.90 -3.91 42.85
N VAL A 49 -19.89 -3.28 43.47
CA VAL A 49 -19.07 -2.33 42.72
C VAL A 49 -18.40 -3.00 41.50
N ILE A 50 -17.87 -4.22 41.66
CA ILE A 50 -17.24 -4.90 40.55
C ILE A 50 -18.26 -5.63 39.66
N GLU A 51 -19.22 -6.30 40.26
CA GLU A 51 -20.23 -7.05 39.49
C GLU A 51 -21.08 -6.17 38.60
N ASP A 52 -21.50 -5.01 39.11
CA ASP A 52 -22.28 -4.08 38.32
C ASP A 52 -21.47 -3.56 37.11
N PHE A 53 -20.17 -3.29 37.30
CA PHE A 53 -19.38 -2.77 36.19
C PHE A 53 -19.16 -3.85 35.15
N GLU A 54 -18.87 -5.06 35.59
CA GLU A 54 -18.74 -6.18 34.66
C GLU A 54 -20.02 -6.38 33.83
N THR A 55 -21.16 -6.39 34.52
CA THR A 55 -22.48 -6.58 33.83
C THR A 55 -22.75 -5.48 32.80
N LYS A 56 -22.43 -4.25 33.16
CA LYS A 56 -22.60 -3.10 32.28
C LYS A 56 -21.75 -3.15 31.00
N ILE A 57 -20.48 -3.48 31.15
CA ILE A 57 -19.58 -3.53 29.99
C ILE A 57 -19.91 -4.78 29.17
N ALA A 58 -20.27 -5.88 29.84
CA ALA A 58 -20.67 -7.07 29.09
C ALA A 58 -21.86 -6.74 28.18
N LYS A 59 -22.84 -6.00 28.70
CA LYS A 59 -24.02 -5.61 27.90
C LYS A 59 -23.64 -4.69 26.71
N ILE A 60 -22.75 -3.74 26.96
CA ILE A 60 -22.25 -2.82 25.91
C ILE A 60 -21.48 -3.58 24.79
N LEU A 61 -20.77 -4.63 25.18
CA LEU A 61 -20.05 -5.45 24.22
C LEU A 61 -20.86 -6.61 23.65
N GLY A 62 -22.10 -6.77 24.11
CA GLY A 62 -22.98 -7.84 23.61
C GLY A 62 -22.52 -9.26 23.96
N LYS A 63 -21.88 -9.42 25.10
CA LYS A 63 -21.39 -10.72 25.55
C LYS A 63 -22.15 -11.16 26.82
N GLN A 64 -22.16 -12.46 27.07
CA GLN A 64 -22.87 -13.00 28.23
C GLN A 64 -22.32 -12.50 29.57
N SER A 65 -21.00 -12.42 29.68
N SER A 65 -20.99 -12.46 29.67
CA SER A 65 -20.42 -11.93 30.92
CA SER A 65 -20.33 -12.11 30.91
C SER A 65 -19.02 -11.41 30.68
C SER A 65 -19.04 -11.34 30.66
N ALA A 66 -18.47 -10.84 31.74
CA ALA A 66 -17.17 -10.17 31.68
C ALA A 66 -16.50 -10.25 33.02
N VAL A 67 -15.18 -10.03 33.00
CA VAL A 67 -14.39 -10.02 34.21
C VAL A 67 -13.46 -8.81 34.16
N PHE A 68 -13.44 -8.08 35.26
CA PHE A 68 -12.56 -6.94 35.37
C PHE A 68 -11.15 -7.39 35.78
N PHE A 69 -10.18 -7.01 34.96
CA PHE A 69 -8.77 -7.34 35.18
C PHE A 69 -7.88 -6.12 35.47
N PRO A 70 -6.84 -6.29 36.31
N PRO A 70 -6.84 -6.29 36.30
CA PRO A 70 -5.95 -5.15 36.51
CA PRO A 70 -5.95 -5.15 36.51
C PRO A 70 -5.25 -4.71 35.23
C PRO A 70 -5.24 -4.70 35.23
N SER A 71 -5.02 -5.62 34.30
CA SER A 71 -4.36 -5.30 33.05
C SER A 71 -4.78 -6.17 31.89
N GLY A 72 -4.61 -5.60 30.70
CA GLY A 72 -4.79 -6.30 29.45
C GLY A 72 -3.69 -7.33 29.24
N THR A 73 -2.47 -7.05 29.71
CA THR A 73 -1.37 -7.99 29.60
C THR A 73 -1.77 -9.34 30.23
N MSE A 74 -2.27 -9.31 31.46
CA MSE A 74 -2.78 -10.51 32.11
C MSE A 74 -3.97 -11.12 31.35
O MSE A 74 -4.04 -12.33 31.05
CB MSE A 74 -3.31 -10.13 33.52
CG MSE A 74 -3.69 -11.29 34.34
SE MSE A 74 -4.15 -10.75 36.12
CE MSE A 74 -2.40 -10.06 36.70
N ALA A 75 -4.94 -10.28 31.02
CA ALA A 75 -6.22 -10.75 30.45
C ALA A 75 -6.09 -11.48 29.12
N GLN A 76 -5.24 -10.98 28.23
CA GLN A 76 -5.10 -11.55 26.87
C GLN A 76 -4.28 -12.84 26.82
N GLN A 77 -3.19 -12.93 27.60
CA GLN A 77 -2.46 -14.20 27.71
C GLN A 77 -3.43 -15.31 28.20
N ILE A 78 -4.26 -14.96 29.18
CA ILE A 78 -5.28 -15.88 29.70
C ILE A 78 -6.32 -16.27 28.65
N ALA A 79 -6.79 -15.31 27.85
CA ALA A 79 -7.78 -15.61 26.83
C ALA A 79 -7.22 -16.66 25.86
N LEU A 80 -6.00 -16.43 25.38
CA LEU A 80 -5.37 -17.33 24.39
C LEU A 80 -5.12 -18.73 24.98
N ARG A 81 -4.73 -18.80 26.26
CA ARG A 81 -4.59 -20.11 26.93
C ARG A 81 -5.91 -20.90 27.01
N ILE A 82 -7.00 -20.22 27.37
CA ILE A 82 -8.28 -20.87 27.43
C ILE A 82 -8.64 -21.46 26.05
N TRP A 83 -8.49 -20.68 24.98
CA TRP A 83 -8.80 -21.20 23.64
C TRP A 83 -7.83 -22.32 23.24
N ALA A 84 -6.55 -22.23 23.63
CA ALA A 84 -5.58 -23.30 23.33
C ALA A 84 -6.00 -24.61 24.00
N ASP A 85 -6.46 -24.52 25.25
CA ASP A 85 -6.97 -25.69 25.95
C ASP A 85 -8.22 -26.28 25.32
N ARG A 86 -9.17 -25.46 24.89
CA ARG A 86 -10.39 -25.93 24.21
C ARG A 86 -10.09 -26.66 22.90
N LYS A 87 -9.09 -26.17 22.17
CA LYS A 87 -8.70 -26.72 20.86
CA LYS A 87 -8.74 -26.75 20.87
C LYS A 87 -7.52 -27.68 20.93
N GLU A 88 -6.96 -27.88 22.13
CA GLU A 88 -5.75 -28.70 22.34
CA GLU A 88 -5.77 -28.72 22.30
C GLU A 88 -4.69 -28.33 21.29
N ASN A 89 -4.36 -27.04 21.24
CA ASN A 89 -3.38 -26.54 20.27
C ASN A 89 -2.76 -25.25 20.81
N ARG A 90 -1.48 -25.30 21.14
CA ARG A 90 -0.75 -24.15 21.73
C ARG A 90 -0.19 -23.17 20.71
N ARG A 91 -0.55 -23.30 19.44
CA ARG A 91 -0.14 -22.30 18.45
C ARG A 91 -1.26 -21.28 18.31
N VAL A 92 -0.88 -20.01 18.18
CA VAL A 92 -1.83 -18.91 17.88
C VAL A 92 -1.25 -18.10 16.74
N ALA A 93 -2.03 -17.16 16.18
CA ALA A 93 -1.53 -16.32 15.12
C ALA A 93 -1.97 -14.88 15.28
N TYR A 94 -1.04 -13.97 15.02
CA TYR A 94 -1.33 -12.56 15.09
C TYR A 94 -0.29 -11.71 14.35
N HIS A 95 -0.56 -10.40 14.26
CA HIS A 95 0.34 -9.48 13.61
C HIS A 95 1.71 -9.49 14.32
N PRO A 96 2.82 -9.35 13.57
CA PRO A 96 4.18 -9.33 14.16
C PRO A 96 4.40 -8.31 15.34
N LEU A 97 3.62 -7.23 15.34
CA LEU A 97 3.76 -6.17 16.34
C LEU A 97 2.63 -6.23 17.36
N SER A 98 2.00 -7.38 17.52
CA SER A 98 0.99 -7.53 18.57
C SER A 98 1.61 -7.16 19.92
N HIS A 99 0.79 -6.67 20.83
CA HIS A 99 1.29 -6.23 22.12
C HIS A 99 1.88 -7.45 22.84
N LEU A 100 1.27 -8.60 22.62
CA LEU A 100 1.74 -9.84 23.21
C LEU A 100 3.16 -10.24 22.76
N GLU A 101 3.48 -9.90 21.50
CA GLU A 101 4.75 -10.30 20.94
C GLU A 101 5.90 -9.39 21.34
N ILE A 102 5.62 -8.09 21.48
CA ILE A 102 6.71 -7.12 21.71
C ILE A 102 6.70 -6.29 22.99
N HIS A 103 5.58 -6.18 23.69
CA HIS A 103 5.50 -5.31 24.86
C HIS A 103 5.24 -5.97 26.21
N GLU A 104 5.34 -7.30 26.28
CA GLU A 104 5.04 -8.00 27.52
C GLU A 104 6.19 -8.89 28.02
N GLN A 105 7.40 -8.54 27.61
CA GLN A 105 8.59 -9.32 28.01
C GLN A 105 8.40 -10.82 27.74
N ASP A 106 7.72 -11.16 26.64
CA ASP A 106 7.53 -12.55 26.18
C ASP A 106 6.70 -13.39 27.14
N GLY A 107 5.80 -12.73 27.87
CA GLY A 107 4.95 -13.41 28.84
C GLY A 107 4.18 -14.59 28.26
N LEU A 108 3.59 -14.39 27.09
CA LEU A 108 2.77 -15.46 26.45
C LEU A 108 3.60 -16.71 26.21
N LYS A 109 4.82 -16.52 25.70
CA LYS A 109 5.76 -17.62 25.49
C LYS A 109 6.26 -18.25 26.81
N GLU A 110 6.63 -17.42 27.77
CA GLU A 110 7.28 -17.89 29.00
C GLU A 110 6.32 -18.45 30.03
N LEU A 111 5.11 -17.88 30.11
CA LEU A 111 4.14 -18.32 31.09
C LEU A 111 3.13 -19.34 30.54
N GLN A 112 2.87 -19.29 29.23
CA GLN A 112 1.88 -20.19 28.66
C GLN A 112 2.47 -21.19 27.65
N GLN A 113 3.76 -21.06 27.32
CA GLN A 113 4.39 -21.94 26.33
C GLN A 113 3.53 -22.04 25.07
N ILE A 114 2.96 -20.90 24.69
CA ILE A 114 2.21 -20.75 23.45
C ILE A 114 3.17 -20.23 22.36
N THR A 115 3.02 -20.74 21.14
CA THR A 115 3.91 -20.40 20.02
C THR A 115 3.14 -19.52 19.04
N PRO A 116 3.52 -18.24 18.91
CA PRO A 116 2.76 -17.37 18.02
C PRO A 116 3.34 -17.39 16.62
N LEU A 117 2.48 -17.63 15.64
CA LEU A 117 2.84 -17.64 14.24
C LEU A 117 2.50 -16.22 13.79
N LEU A 118 3.47 -15.54 13.18
CA LEU A 118 3.28 -14.14 12.84
C LEU A 118 2.65 -13.99 11.45
N LEU A 119 1.64 -13.14 11.36
CA LEU A 119 0.87 -13.00 10.12
C LEU A 119 1.33 -11.80 9.30
N GLY A 120 1.72 -12.08 8.07
CA GLY A 120 2.13 -11.03 7.12
C GLY A 120 3.48 -10.44 7.44
N THR A 121 3.59 -9.11 7.40
CA THR A 121 4.84 -8.42 7.64
C THR A 121 4.58 -7.30 8.66
N ALA A 122 5.64 -6.88 9.35
CA ALA A 122 5.53 -5.89 10.42
C ALA A 122 5.01 -4.53 9.96
N ASN A 123 5.21 -4.21 8.68
CA ASN A 123 4.83 -2.90 8.16
C ASN A 123 3.42 -2.72 7.59
N GLN A 124 2.57 -3.74 7.65
CA GLN A 124 1.23 -3.61 7.06
C GLN A 124 0.20 -4.45 7.73
N LEU A 125 -1.05 -4.16 7.40
CA LEU A 125 -2.15 -4.93 7.95
C LEU A 125 -2.08 -6.39 7.53
N LEU A 126 -2.39 -7.26 8.47
CA LEU A 126 -2.49 -8.68 8.16
C LEU A 126 -3.74 -8.85 7.30
N THR A 127 -3.76 -9.89 6.48
CA THR A 127 -4.96 -10.19 5.68
C THR A 127 -5.42 -11.62 5.83
N ILE A 128 -6.64 -11.89 5.37
CA ILE A 128 -7.15 -13.26 5.35
C ILE A 128 -6.19 -14.20 4.59
N ASP A 129 -5.49 -13.69 3.56
CA ASP A 129 -4.51 -14.46 2.79
CA ASP A 129 -4.53 -14.49 2.82
C ASP A 129 -3.37 -14.96 3.70
N ASP A 130 -2.98 -14.16 4.68
CA ASP A 130 -1.91 -14.56 5.61
C ASP A 130 -2.38 -15.71 6.48
N ILE A 131 -3.63 -15.65 6.93
CA ILE A 131 -4.23 -16.69 7.74
C ILE A 131 -4.33 -18.00 6.93
N LYS A 132 -4.80 -17.89 5.70
CA LYS A 132 -4.91 -19.03 4.77
C LYS A 132 -3.55 -19.65 4.46
N SER A 133 -2.48 -18.87 4.54
CA SER A 133 -1.12 -19.34 4.26
C SER A 133 -0.40 -19.95 5.48
N LEU A 134 -1.05 -19.99 6.65
CA LEU A 134 -0.44 -20.62 7.83
C LEU A 134 -0.04 -22.04 7.52
N ARG A 135 1.16 -22.42 7.90
CA ARG A 135 1.70 -23.77 7.63
C ARG A 135 1.32 -24.85 8.64
N GLU A 136 0.61 -24.46 9.68
CA GLU A 136 0.07 -25.40 10.65
C GLU A 136 -1.18 -24.78 11.26
N PRO A 137 -2.05 -25.64 11.81
CA PRO A 137 -3.28 -25.14 12.41
C PRO A 137 -3.02 -24.34 13.69
N VAL A 138 -3.96 -23.47 14.01
CA VAL A 138 -3.89 -22.65 15.22
C VAL A 138 -5.18 -22.73 16.02
N SER A 139 -5.09 -22.55 17.35
CA SER A 139 -6.28 -22.53 18.19
C SER A 139 -7.02 -21.21 18.06
N SER A 140 -6.26 -20.12 17.94
CA SER A 140 -6.87 -18.82 17.75
C SER A 140 -6.02 -17.85 16.93
N VAL A 141 -6.72 -16.84 16.42
CA VAL A 141 -6.15 -15.70 15.74
C VAL A 141 -6.57 -14.53 16.61
N LEU A 142 -5.64 -13.60 16.78
CA LEU A 142 -5.88 -12.38 17.55
C LEU A 142 -5.79 -11.24 16.58
N ILE A 143 -6.78 -10.35 16.63
CA ILE A 143 -6.84 -9.16 15.78
C ILE A 143 -6.86 -7.91 16.68
N GLU A 144 -6.05 -6.92 16.34
CA GLU A 144 -5.98 -5.65 17.09
C GLU A 144 -6.61 -4.54 16.24
N LEU A 145 -7.75 -3.98 16.70
CA LEU A 145 -8.47 -2.93 15.99
C LEU A 145 -8.34 -1.62 16.79
N PRO A 146 -7.61 -0.63 16.26
CA PRO A 146 -6.85 -0.60 15.03
C PRO A 146 -5.46 -1.11 15.34
N GLN A 147 -4.59 -1.25 14.34
CA GLN A 147 -3.23 -1.76 14.56
C GLN A 147 -2.36 -0.58 14.91
N ARG A 148 -2.20 -0.37 16.21
CA ARG A 148 -1.51 0.82 16.72
C ARG A 148 -0.08 1.04 16.24
N GLU A 149 0.73 -0.03 16.20
CA GLU A 149 2.14 0.12 15.85
C GLU A 149 2.39 0.54 14.40
N ILE A 150 1.36 0.43 13.55
CA ILE A 150 1.49 0.89 12.16
C ILE A 150 0.65 2.17 11.93
N GLY A 151 0.35 2.87 13.00
CA GLY A 151 -0.33 4.13 12.93
C GLY A 151 -1.80 4.12 13.23
N GLY A 152 -2.34 2.97 13.62
CA GLY A 152 -3.77 2.86 13.88
C GLY A 152 -4.49 2.55 12.57
N GLN A 153 -4.10 1.46 11.93
CA GLN A 153 -4.76 1.08 10.66
C GLN A 153 -5.86 0.02 10.89
N LEU A 154 -6.86 0.03 9.99
CA LEU A 154 -7.99 -0.88 10.04
C LEU A 154 -8.30 -1.52 8.71
N PRO A 155 -8.67 -2.81 8.71
CA PRO A 155 -9.21 -3.38 7.50
C PRO A 155 -10.65 -2.87 7.29
N ALA A 156 -11.09 -2.87 6.04
CA ALA A 156 -12.50 -2.61 5.77
C ALA A 156 -13.33 -3.56 6.65
N PHE A 157 -14.51 -3.11 7.10
CA PHE A 157 -15.33 -3.95 7.95
C PHE A 157 -15.68 -5.29 7.27
N GLU A 158 -15.99 -5.23 5.98
CA GLU A 158 -16.33 -6.45 5.22
C GLU A 158 -15.22 -7.49 5.25
N GLU A 159 -13.97 -7.04 5.36
CA GLU A 159 -12.85 -7.97 5.42
C GLU A 159 -12.74 -8.62 6.80
N LEU A 160 -13.16 -7.89 7.84
CA LEU A 160 -13.20 -8.45 9.18
C LEU A 160 -14.30 -9.51 9.21
N GLU A 161 -15.42 -9.24 8.54
CA GLU A 161 -16.50 -10.23 8.44
C GLU A 161 -15.99 -11.52 7.78
N LYS A 162 -15.27 -11.37 6.69
CA LYS A 162 -14.72 -12.53 5.98
C LYS A 162 -13.71 -13.31 6.84
N ILE A 163 -12.91 -12.60 7.63
CA ILE A 163 -11.96 -13.27 8.52
C ILE A 163 -12.70 -14.08 9.58
N SER A 164 -13.75 -13.47 10.13
CA SER A 164 -14.60 -14.12 11.13
C SER A 164 -15.25 -15.36 10.56
N GLU A 165 -15.82 -15.24 9.36
CA GLU A 165 -16.50 -16.37 8.72
C GLU A 165 -15.51 -17.53 8.44
N TYR A 166 -14.30 -17.21 8.02
CA TYR A 166 -13.31 -18.25 7.72
C TYR A 166 -12.89 -18.95 9.00
N CYS A 167 -12.64 -18.16 10.04
CA CYS A 167 -12.25 -18.74 11.32
C CYS A 167 -13.39 -19.64 11.85
N HIS A 168 -14.63 -19.21 11.72
CA HIS A 168 -15.75 -20.02 12.14
C HIS A 168 -15.78 -21.39 11.39
N GLU A 169 -15.60 -21.36 10.08
CA GLU A 169 -15.55 -22.55 9.23
C GLU A 169 -14.39 -23.51 9.57
N GLN A 170 -13.23 -22.96 9.97
CA GLN A 170 -12.05 -23.76 10.29
C GLN A 170 -11.91 -24.15 11.79
N GLY A 171 -12.88 -23.72 12.60
CA GLY A 171 -12.81 -23.99 14.04
C GLY A 171 -11.69 -23.25 14.76
N ILE A 172 -11.36 -22.05 14.27
CA ILE A 172 -10.34 -21.18 14.87
C ILE A 172 -11.05 -20.11 15.71
N SER A 173 -10.71 -19.99 17.00
CA SER A 173 -11.31 -18.97 17.87
C SER A 173 -10.75 -17.61 17.45
N LEU A 174 -11.57 -16.56 17.54
CA LEU A 174 -11.15 -15.22 17.12
C LEU A 174 -11.26 -14.34 18.34
N HIS A 175 -10.14 -13.70 18.70
CA HIS A 175 -10.02 -12.84 19.87
C HIS A 175 -9.69 -11.40 19.47
N LEU A 176 -10.43 -10.44 20.04
CA LEU A 176 -10.23 -9.03 19.78
C LEU A 176 -9.39 -8.31 20.82
N ASP A 177 -8.22 -7.82 20.40
CA ASP A 177 -7.44 -6.92 21.20
C ASP A 177 -8.11 -5.57 20.91
N GLY A 178 -9.02 -5.22 21.80
CA GLY A 178 -9.80 -4.02 21.70
C GLY A 178 -9.33 -2.94 22.66
N ALA A 179 -8.02 -2.86 22.88
CA ALA A 179 -7.44 -1.83 23.72
C ALA A 179 -7.96 -0.44 23.29
N ARG A 180 -8.14 -0.27 21.98
CA ARG A 180 -8.64 1.00 21.39
C ARG A 180 -9.95 0.79 20.63
N LEU A 181 -10.78 -0.13 21.12
CA LEU A 181 -12.08 -0.36 20.47
C LEU A 181 -12.99 0.86 20.41
N TRP A 182 -13.10 1.58 21.50
CA TRP A 182 -14.03 2.69 21.61
C TRP A 182 -13.76 3.74 20.53
N GLU A 183 -12.47 3.92 20.24
CA GLU A 183 -12.01 4.90 19.28
C GLU A 183 -12.35 4.61 17.81
N ILE A 184 -12.69 3.36 17.48
CA ILE A 184 -12.96 2.98 16.07
C ILE A 184 -14.45 2.92 15.66
N THR A 185 -15.37 3.00 16.60
CA THR A 185 -16.79 2.92 16.23
C THR A 185 -17.22 4.06 15.30
N PRO A 186 -16.67 5.28 15.48
CA PRO A 186 -17.09 6.35 14.52
C PRO A 186 -16.75 6.05 13.04
N PHE A 187 -15.55 5.57 12.78
CA PHE A 187 -15.13 5.23 11.41
C PHE A 187 -15.90 4.06 10.84
N TYR A 188 -16.04 3.00 11.61
CA TYR A 188 -16.80 1.86 11.14
C TYR A 188 -18.31 2.09 11.04
N GLN A 189 -18.84 3.07 11.77
CA GLN A 189 -20.28 3.29 11.82
C GLN A 189 -20.99 1.97 12.29
N LYS A 190 -20.33 1.34 13.26
CA LYS A 190 -20.78 0.09 13.91
C LYS A 190 -20.70 0.29 15.42
N SER A 191 -21.63 -0.30 16.18
CA SER A 191 -21.53 -0.22 17.64
C SER A 191 -20.45 -1.18 18.14
N ALA A 192 -20.05 -0.99 19.39
CA ALA A 192 -19.10 -1.88 20.04
C ALA A 192 -19.61 -3.31 19.96
N GLU A 193 -20.91 -3.51 20.19
CA GLU A 193 -21.55 -4.83 20.13
C GLU A 193 -21.41 -5.44 18.74
N GLU A 194 -21.67 -4.65 17.71
CA GLU A 194 -21.58 -5.15 16.33
C GLU A 194 -20.18 -5.64 16.00
N ILE A 195 -19.17 -4.86 16.37
CA ILE A 195 -17.78 -5.24 16.11
C ILE A 195 -17.42 -6.50 16.90
N CYS A 196 -17.78 -6.51 18.18
CA CYS A 196 -17.45 -7.65 19.05
C CYS A 196 -18.20 -8.94 18.70
N ALA A 197 -19.33 -8.81 18.02
CA ALA A 197 -20.14 -9.97 17.60
C ALA A 197 -19.39 -10.92 16.65
N LEU A 198 -18.33 -10.43 16.03
CA LEU A 198 -17.57 -11.24 15.09
C LEU A 198 -16.48 -12.06 15.81
N PHE A 199 -16.36 -11.88 17.12
CA PHE A 199 -15.29 -12.48 17.91
C PHE A 199 -15.82 -13.37 19.02
N ASP A 200 -15.04 -14.37 19.35
CA ASP A 200 -15.34 -15.24 20.48
C ASP A 200 -15.09 -14.55 21.81
N SER A 201 -14.01 -13.78 21.90
CA SER A 201 -13.68 -13.08 23.13
C SER A 201 -13.12 -11.71 22.79
N VAL A 202 -13.19 -10.81 23.77
CA VAL A 202 -12.68 -9.44 23.58
C VAL A 202 -12.11 -8.86 24.86
N TYR A 203 -11.05 -8.09 24.69
CA TYR A 203 -10.41 -7.32 25.71
C TYR A 203 -10.55 -5.84 25.36
N VAL A 204 -10.99 -5.05 26.34
CA VAL A 204 -11.05 -3.58 26.20
C VAL A 204 -10.30 -2.90 27.38
N SER A 205 -9.71 -1.73 27.11
CA SER A 205 -8.99 -0.94 28.10
C SER A 205 -9.79 0.29 28.54
N PHE A 206 -9.49 0.76 29.75
CA PHE A 206 -10.08 2.00 30.26
C PHE A 206 -9.03 3.10 30.50
N TYR A 207 -7.80 2.92 30.04
CA TYR A 207 -6.81 3.99 30.21
C TYR A 207 -6.19 4.54 28.91
N1 LLP A 208 -2.77 -4.33 23.80
C2 LLP A 208 -2.70 -3.06 23.27
C2' LLP A 208 -2.84 -2.93 21.77
C3 LLP A 208 -2.51 -1.97 24.11
O3 LLP A 208 -2.43 -0.82 23.62
C4 LLP A 208 -2.39 -2.17 25.52
C4' LLP A 208 -2.18 -0.97 26.43
C5 LLP A 208 -2.42 -3.48 26.02
C6 LLP A 208 -2.63 -4.55 25.15
C5' LLP A 208 -2.23 -3.89 27.47
OP4 LLP A 208 -2.81 -3.21 28.58
P LLP A 208 -2.20 -3.18 30.05
OP1 LLP A 208 -3.50 -3.03 30.75
OP2 LLP A 208 -1.27 -2.02 30.10
OP3 LLP A 208 -1.47 -4.45 30.25
N LLP A 208 -6.66 4.08 27.78
CA LLP A 208 -6.18 4.51 26.48
CB LLP A 208 -6.14 3.34 25.49
CG LLP A 208 -5.27 2.13 25.91
CD LLP A 208 -3.82 2.45 26.26
CE LLP A 208 -3.08 1.21 26.83
NZ LLP A 208 -2.78 0.13 25.89
C LLP A 208 -7.10 5.67 26.03
O LLP A 208 -7.03 6.74 26.64
N GLY A 209 -7.98 5.49 25.05
CA GLY A 209 -8.88 6.55 24.62
C GLY A 209 -9.82 7.09 25.71
N ILE A 210 -10.20 6.24 26.66
CA ILE A 210 -11.09 6.64 27.79
C ILE A 210 -10.33 7.56 28.76
N GLY A 211 -9.03 7.37 28.88
CA GLY A 211 -8.22 8.26 29.71
C GLY A 211 -8.38 8.08 31.22
N GLY A 212 -8.76 6.87 31.62
CA GLY A 212 -8.83 6.50 33.02
C GLY A 212 -7.43 6.23 33.56
N ILE A 213 -7.35 5.52 34.69
CA ILE A 213 -6.09 5.30 35.38
C ILE A 213 -5.43 4.01 34.88
N ALA A 214 -6.15 2.90 35.02
CA ALA A 214 -5.70 1.59 34.58
C ALA A 214 -6.86 0.61 34.59
N GLY A 215 -6.67 -0.57 34.03
CA GLY A 215 -7.71 -1.58 34.05
C GLY A 215 -8.21 -2.05 32.71
N ALA A 216 -8.90 -3.19 32.76
CA ALA A 216 -9.31 -3.91 31.57
C ALA A 216 -10.54 -4.76 31.85
N ILE A 217 -11.28 -5.02 30.80
CA ILE A 217 -12.38 -5.95 30.86
C ILE A 217 -12.11 -7.01 29.80
N LEU A 218 -12.32 -8.27 30.17
CA LEU A 218 -12.28 -9.39 29.24
C LEU A 218 -13.72 -9.93 29.24
N ALA A 219 -14.31 -10.07 28.05
CA ALA A 219 -15.68 -10.52 27.92
C ALA A 219 -15.87 -11.67 26.90
N GLY A 220 -16.91 -12.46 27.14
CA GLY A 220 -17.26 -13.58 26.24
C GLY A 220 -18.33 -14.43 26.87
N ASN A 221 -18.41 -15.70 26.49
CA ASN A 221 -19.41 -16.58 27.05
C ASN A 221 -19.14 -16.81 28.53
N ASP A 222 -20.21 -17.13 29.27
N ASP A 222 -20.18 -17.13 29.29
CA ASP A 222 -20.14 -17.47 30.69
CA ASP A 222 -20.00 -17.34 30.71
C ASP A 222 -19.04 -18.49 31.01
C ASP A 222 -19.01 -18.49 31.04
N ASP A 223 -19.03 -19.59 30.28
CA ASP A 223 -18.04 -20.68 30.54
C ASP A 223 -16.60 -20.17 30.37
N PHE A 224 -16.39 -19.40 29.30
CA PHE A 224 -15.08 -18.76 29.05
C PHE A 224 -14.65 -17.84 30.20
N VAL A 225 -15.55 -16.95 30.64
CA VAL A 225 -15.27 -15.99 31.72
C VAL A 225 -15.00 -16.70 33.05
N GLN A 226 -15.71 -17.79 33.28
CA GLN A 226 -15.48 -18.53 34.52
C GLN A 226 -14.09 -19.15 34.54
N GLU A 227 -13.62 -19.65 33.41
CA GLU A 227 -12.25 -20.17 33.33
C GLU A 227 -11.26 -19.04 33.52
N ALA A 228 -11.56 -17.87 32.95
CA ALA A 228 -10.65 -16.72 33.07
C ALA A 228 -10.47 -16.28 34.52
N LYS A 229 -11.52 -16.43 35.34
CA LYS A 229 -11.44 -16.04 36.74
C LYS A 229 -10.52 -16.97 37.53
N ILE A 230 -10.49 -18.24 37.17
CA ILE A 230 -9.56 -19.18 37.80
C ILE A 230 -8.11 -18.76 37.47
N TRP A 231 -7.86 -18.46 36.20
CA TRP A 231 -6.53 -18.01 35.77
C TRP A 231 -6.16 -16.68 36.42
N LYS A 232 -7.15 -15.79 36.59
CA LYS A 232 -6.90 -14.49 37.26
C LYS A 232 -6.28 -14.70 38.67
N ARG A 233 -6.82 -15.64 39.44
CA ARG A 233 -6.27 -15.94 40.77
C ARG A 233 -4.85 -16.49 40.65
N ARG A 234 -4.63 -17.38 39.68
CA ARG A 234 -3.30 -17.96 39.45
C ARG A 234 -2.25 -16.87 39.14
N TYR A 235 -2.66 -15.88 38.34
CA TYR A 235 -1.76 -14.81 37.95
C TYR A 235 -1.54 -13.74 39.03
N GLY A 236 -2.24 -13.84 40.15
CA GLY A 236 -2.12 -12.77 41.15
C GLY A 236 -2.83 -11.50 40.79
N GLY A 237 -3.88 -11.62 39.96
CA GLY A 237 -4.75 -10.50 39.58
C GLY A 237 -6.07 -10.40 40.38
N ASP A 238 -6.37 -11.40 41.22
CA ASP A 238 -7.63 -11.41 41.99
C ASP A 238 -7.37 -10.64 43.28
N LEU A 239 -7.19 -9.34 43.14
CA LEU A 239 -6.86 -8.53 44.31
C LEU A 239 -8.08 -8.43 45.20
N ILE A 240 -7.86 -8.26 46.50
CA ILE A 240 -8.98 -8.08 47.42
C ILE A 240 -9.89 -6.94 46.95
N SER A 241 -9.30 -5.82 46.57
CA SER A 241 -10.06 -4.62 46.23
C SER A 241 -9.56 -3.96 44.95
N LEU A 242 -10.36 -4.06 43.91
CA LEU A 242 -10.05 -3.41 42.62
C LEU A 242 -10.85 -2.11 42.42
N TYR A 243 -11.68 -1.72 43.40
CA TYR A 243 -12.50 -0.52 43.21
C TYR A 243 -11.76 0.79 42.81
N PRO A 244 -10.50 1.02 43.26
CA PRO A 244 -9.90 2.27 42.78
C PRO A 244 -9.85 2.40 41.25
N TYR A 245 -9.59 1.28 40.59
CA TYR A 245 -9.54 1.23 39.13
CA TYR A 245 -9.54 1.23 39.14
C TYR A 245 -10.94 1.07 38.55
N ILE A 246 -11.83 0.33 39.22
CA ILE A 246 -13.21 0.17 38.68
C ILE A 246 -13.97 1.50 38.68
N LEU A 247 -13.96 2.17 39.83
CA LEU A 247 -14.64 3.48 39.92
C LEU A 247 -14.12 4.51 38.90
N SER A 248 -12.79 4.63 38.79
CA SER A 248 -12.18 5.55 37.84
C SER A 248 -12.47 5.12 36.39
N ALA A 249 -12.46 3.81 36.12
CA ALA A 249 -12.77 3.30 34.76
C ALA A 249 -14.19 3.69 34.38
N ASP A 250 -15.12 3.47 35.28
CA ASP A 250 -16.54 3.82 35.01
C ASP A 250 -16.74 5.33 34.87
N TYR A 251 -16.08 6.11 35.73
CA TYR A 251 -16.21 7.58 35.66
C TYR A 251 -15.76 8.12 34.31
N TYR A 252 -14.53 7.79 33.93
CA TYR A 252 -13.94 8.30 32.67
C TYR A 252 -14.63 7.70 31.46
N PHE A 253 -15.13 6.46 31.59
CA PHE A 253 -15.93 5.90 30.47
C PHE A 253 -17.16 6.79 30.21
N GLU A 254 -17.88 7.15 31.27
CA GLU A 254 -19.10 7.94 31.08
C GLU A 254 -18.76 9.36 30.64
N LYS A 255 -17.64 9.88 31.12
CA LYS A 255 -17.20 11.22 30.77
C LYS A 255 -16.77 11.32 29.33
N ARG A 256 -16.11 10.29 28.79
CA ARG A 256 -15.52 10.42 27.45
C ARG A 256 -16.04 9.54 26.33
N ILE A 257 -16.81 8.50 26.62
CA ILE A 257 -17.31 7.62 25.56
C ILE A 257 -18.09 8.42 24.48
N GLY A 258 -18.84 9.45 24.88
CA GLY A 258 -19.57 10.25 23.92
C GLY A 258 -18.73 11.16 23.04
N LYS A 259 -17.42 11.23 23.31
CA LYS A 259 -16.49 12.06 22.54
C LYS A 259 -15.70 11.32 21.45
N MSE A 260 -15.93 10.03 21.26
CA MSE A 260 -15.14 9.29 20.27
C MSE A 260 -15.24 9.89 18.86
O MSE A 260 -14.23 9.97 18.17
CB MSE A 260 -15.46 7.78 20.29
CG MSE A 260 -15.17 7.13 21.63
SE MSE A 260 -13.29 7.21 22.09
CE MSE A 260 -13.44 7.50 24.04
N ALA A 261 -16.45 10.28 18.44
CA ALA A 261 -16.63 10.90 17.12
C ALA A 261 -15.90 12.24 17.00
N GLU A 262 -15.96 13.03 18.08
CA GLU A 262 -15.28 14.33 18.19
C GLU A 262 -13.75 14.16 18.04
N TYR A 263 -13.19 13.16 18.72
CA TYR A 263 -11.75 12.88 18.66
C TYR A 263 -11.34 12.43 17.28
N PHE A 264 -12.20 11.63 16.63
CA PHE A 264 -11.97 11.16 15.24
C PHE A 264 -11.93 12.33 14.25
N GLU A 265 -12.91 13.22 14.34
CA GLU A 265 -12.97 14.40 13.46
C GLU A 265 -11.77 15.33 13.68
N ALA A 266 -11.41 15.49 14.95
CA ALA A 266 -10.27 16.34 15.31
C ALA A 266 -9.01 15.75 14.78
N ALA A 267 -8.81 14.43 14.98
CA ALA A 267 -7.62 13.75 14.44
C ALA A 267 -7.50 13.94 12.92
N LYS A 268 -8.62 13.83 12.20
CA LYS A 268 -8.61 14.02 10.75
C LYS A 268 -8.18 15.45 10.37
N GLY A 269 -8.75 16.45 11.04
CA GLY A 269 -8.39 17.85 10.81
C GLY A 269 -6.90 18.07 11.04
N LEU A 270 -6.37 17.53 12.15
CA LEU A 270 -4.95 17.66 12.49
CA LEU A 270 -4.94 17.63 12.47
C LEU A 270 -4.08 16.97 11.42
N ALA A 271 -4.43 15.74 11.04
CA ALA A 271 -3.66 15.01 10.02
C ALA A 271 -3.61 15.82 8.73
N GLU A 272 -4.74 16.43 8.34
CA GLU A 272 -4.74 17.27 7.12
C GLU A 272 -3.69 18.36 7.20
N ARG A 273 -3.57 18.98 8.37
CA ARG A 273 -2.61 20.06 8.54
C ARG A 273 -1.18 19.51 8.47
N PHE A 274 -0.90 18.37 9.10
CA PHE A 274 0.42 17.75 8.98
C PHE A 274 0.78 17.42 7.52
N ASN A 275 -0.15 16.77 6.82
CA ASN A 275 0.08 16.39 5.42
C ASN A 275 0.28 17.58 4.50
N SER A 276 -0.29 18.73 4.87
CA SER A 276 -0.15 19.94 4.06
CA SER A 276 -0.13 19.92 4.04
C SER A 276 1.28 20.49 4.11
N CYS A 277 2.07 20.02 5.07
CA CYS A 277 3.44 20.49 5.24
C CYS A 277 4.41 19.71 4.35
N SER A 278 5.37 20.45 3.79
N SER A 278 5.32 20.44 3.72
CA SER A 278 6.39 19.91 2.91
CA SER A 278 6.28 19.84 2.79
C SER A 278 7.25 18.92 3.67
C SER A 278 7.24 18.95 3.58
N GLY A 279 7.38 17.71 3.14
CA GLY A 279 8.24 16.72 3.78
C GLY A 279 7.63 16.05 5.01
N VAL A 280 6.32 16.22 5.19
CA VAL A 280 5.59 15.66 6.31
C VAL A 280 4.40 14.90 5.75
N LYS A 281 4.21 13.67 6.22
CA LYS A 281 3.02 12.89 5.89
C LYS A 281 2.50 12.16 7.15
N THR A 282 1.25 11.71 7.12
CA THR A 282 0.76 10.85 8.18
C THR A 282 0.50 9.43 7.67
N VAL A 283 0.53 8.47 8.62
CA VAL A 283 0.16 7.11 8.36
C VAL A 283 -0.85 6.69 9.44
N PRO A 284 -2.09 6.35 9.07
CA PRO A 284 -2.58 6.41 7.69
C PRO A 284 -2.70 7.87 7.24
N GLU A 285 -2.79 8.11 5.93
CA GLU A 285 -2.90 9.48 5.42
C GLU A 285 -4.15 10.18 5.97
N VAL A 286 -5.28 9.44 5.94
CA VAL A 286 -6.50 9.89 6.58
C VAL A 286 -6.77 8.95 7.78
N PRO A 287 -6.69 9.48 9.02
CA PRO A 287 -6.93 8.68 10.20
C PRO A 287 -8.29 7.99 10.14
N VAL A 288 -8.34 6.80 10.74
CA VAL A 288 -9.56 6.03 10.83
C VAL A 288 -9.96 5.93 12.32
N SER A 289 -9.41 6.81 13.15
CA SER A 289 -9.63 6.80 14.61
C SER A 289 -9.05 8.12 15.15
N ASN A 290 -8.80 8.18 16.45
CA ASN A 290 -8.27 9.38 17.05
C ASN A 290 -6.73 9.48 16.95
N MSE A 291 -6.11 8.47 16.35
CA MSE A 291 -4.67 8.40 16.29
C MSE A 291 -4.10 8.30 14.90
O MSE A 291 -4.80 7.99 13.94
CB MSE A 291 -4.18 7.20 17.10
CG MSE A 291 -4.46 5.85 16.50
SE MSE A 291 -3.42 4.41 17.33
CE MSE A 291 -1.66 4.98 16.76
N PHE A 292 -2.80 8.55 14.82
CA PHE A 292 -2.04 8.43 13.59
C PHE A 292 -0.57 8.65 13.94
N HIS A 293 0.30 8.34 12.99
CA HIS A 293 1.73 8.57 13.10
C HIS A 293 2.12 9.64 12.09
N VAL A 294 3.06 10.51 12.46
CA VAL A 294 3.54 11.62 11.60
C VAL A 294 4.98 11.30 11.23
N TYR A 295 5.28 11.30 9.94
CA TYR A 295 6.59 10.95 9.41
C TYR A 295 7.21 12.14 8.74
N PHE A 296 8.52 12.27 8.93
CA PHE A 296 9.27 13.37 8.38
C PHE A 296 10.39 12.87 7.48
N GLU A 297 10.70 13.69 6.46
CA GLU A 297 11.80 13.40 5.53
C GLU A 297 13.10 14.05 5.99
N ASN A 298 13.36 13.96 7.29
CA ASN A 298 14.58 14.46 7.91
C ASN A 298 14.90 13.62 9.11
N SER A 299 16.14 13.65 9.54
CA SER A 299 16.59 12.86 10.67
C SER A 299 15.95 13.35 11.97
N ALA A 300 15.93 12.50 12.98
CA ALA A 300 15.37 12.86 14.29
C ALA A 300 16.08 14.06 14.95
N ASP A 301 17.40 14.14 14.82
CA ASP A 301 18.15 15.28 15.39
C ASP A 301 17.67 16.57 14.77
N GLU A 302 17.55 16.58 13.45
CA GLU A 302 17.09 17.75 12.70
C GLU A 302 15.64 18.17 13.04
N ILE A 303 14.74 17.21 13.09
CA ILE A 303 13.33 17.52 13.40
C ILE A 303 13.15 17.90 14.87
N GLY A 304 13.90 17.27 15.75
CA GLY A 304 13.82 17.60 17.17
C GLY A 304 14.11 19.06 17.44
N ALA A 305 15.13 19.60 16.76
CA ALA A 305 15.51 21.01 16.88
C ALA A 305 14.38 21.92 16.45
N ILE A 306 13.74 21.53 15.35
CA ILE A 306 12.59 22.29 14.83
C ILE A 306 11.42 22.23 15.82
N LEU A 307 11.07 21.04 16.27
CA LEU A 307 9.95 20.88 17.18
C LEU A 307 10.20 21.63 18.51
N THR A 308 11.43 21.60 19.00
CA THR A 308 11.79 22.34 20.22
C THR A 308 11.55 23.82 20.06
N LYS A 309 12.01 24.39 18.94
CA LYS A 309 11.87 25.81 18.72
C LYS A 309 10.39 26.16 18.65
N ILE A 310 9.61 25.33 17.97
CA ILE A 310 8.18 25.61 17.78
C ILE A 310 7.41 25.50 19.09
N GLN A 311 7.68 24.45 19.87
CA GLN A 311 7.02 24.26 21.16
C GLN A 311 7.32 25.43 22.11
N ASP A 312 8.57 25.87 22.13
CA ASP A 312 8.98 26.98 23.00
C ASP A 312 8.30 28.30 22.62
N GLU A 313 8.12 28.53 21.32
N GLU A 313 8.13 28.57 21.32
CA GLU A 313 7.54 29.78 20.79
CA GLU A 313 7.48 29.81 20.89
C GLU A 313 5.99 29.82 20.75
C GLU A 313 5.96 29.79 21.07
N THR A 314 5.34 28.66 20.77
CA THR A 314 3.85 28.57 20.78
C THR A 314 3.18 28.02 22.04
N GLY A 315 3.91 27.29 22.88
CA GLY A 315 3.33 26.68 24.08
C GLY A 315 2.54 25.41 23.79
N VAL A 316 2.62 24.90 22.56
CA VAL A 316 1.90 23.71 22.16
C VAL A 316 2.85 22.52 22.01
N GLY A 317 2.72 21.54 22.89
CA GLY A 317 3.48 20.28 22.81
C GLY A 317 3.11 19.42 21.61
N ILE A 318 4.07 19.17 20.72
N ILE A 318 4.08 19.18 20.74
CA ILE A 318 3.87 18.33 19.55
CA ILE A 318 3.91 18.39 19.51
C ILE A 318 4.24 16.89 19.89
C ILE A 318 4.29 16.92 19.74
N SER A 319 5.48 16.70 20.32
CA SER A 319 5.94 15.35 20.72
C SER A 319 7.13 15.47 21.67
N GLY A 320 7.16 14.58 22.66
CA GLY A 320 8.30 14.53 23.60
C GLY A 320 9.42 13.61 23.14
N TYR A 321 9.23 12.95 22.01
CA TYR A 321 10.22 12.03 21.49
C TYR A 321 10.06 11.94 19.98
N LEU A 322 11.12 11.46 19.35
CA LEU A 322 11.08 11.17 17.94
C LEU A 322 11.71 9.79 17.77
N GLN A 323 11.03 8.95 17.00
CA GLN A 323 11.56 7.62 16.71
C GLN A 323 12.32 7.64 15.39
N GLU A 324 13.59 7.25 15.42
N GLU A 324 13.60 7.28 15.42
CA GLU A 324 14.39 7.15 14.21
CA GLU A 324 14.40 7.20 14.20
C GLU A 324 13.86 5.96 13.41
C GLU A 324 13.88 5.99 13.41
N LYS A 325 13.56 6.18 12.13
CA LYS A 325 13.07 5.09 11.23
C LYS A 325 14.12 4.64 10.20
N SER A 326 14.96 5.57 9.76
N SER A 326 14.90 5.60 9.70
CA SER A 326 16.03 5.31 8.81
CA SER A 326 16.00 5.34 8.76
C SER A 326 17.05 6.41 9.03
C SER A 326 16.97 6.52 8.92
N ALA A 327 18.06 6.53 8.16
CA ALA A 327 19.07 7.59 8.32
C ALA A 327 18.49 9.01 8.35
N ASP A 328 17.56 9.29 7.42
CA ASP A 328 16.96 10.63 7.29
C ASP A 328 15.44 10.62 7.36
N VAL A 329 14.90 9.71 8.17
CA VAL A 329 13.46 9.65 8.39
C VAL A 329 13.18 9.36 9.87
N CYS A 330 12.23 10.10 10.44
CA CYS A 330 11.81 9.87 11.82
C CYS A 330 10.29 10.03 11.90
N ALA A 331 9.72 9.61 13.03
CA ALA A 331 8.28 9.69 13.24
C ALA A 331 7.87 9.77 14.70
N PHE A 332 6.59 10.12 14.93
CA PHE A 332 6.01 10.09 16.26
C PHE A 332 4.53 9.85 16.16
N GLU A 333 3.94 9.47 17.27
CA GLU A 333 2.53 9.17 17.35
C GLU A 333 1.71 10.28 18.02
N VAL A 334 0.51 10.52 17.51
CA VAL A 334 -0.46 11.42 18.12
C VAL A 334 -1.75 10.65 18.41
N SER A 335 -2.24 10.73 19.66
CA SER A 335 -3.54 10.19 20.03
CA SER A 335 -3.54 10.19 20.01
C SER A 335 -4.36 11.34 20.56
N VAL A 336 -5.40 11.75 19.84
CA VAL A 336 -6.23 12.89 20.23
C VAL A 336 -7.14 12.54 21.41
N GLY A 337 -7.24 13.48 22.34
CA GLY A 337 -8.06 13.33 23.54
C GLY A 337 -8.57 14.69 23.94
N ASP A 338 -8.78 14.90 25.24
CA ASP A 338 -9.35 16.18 25.72
C ASP A 338 -8.40 17.38 25.60
N ALA A 339 -7.09 17.14 25.62
CA ALA A 339 -6.12 18.24 25.54
C ALA A 339 -6.26 19.05 24.24
N PHE A 340 -6.51 18.37 23.13
CA PHE A 340 -6.60 19.07 21.84
C PHE A 340 -7.59 20.24 21.82
N ALA A 341 -8.76 20.05 22.43
CA ALA A 341 -9.80 21.05 22.42
C ALA A 341 -9.47 22.28 23.29
N GLU A 342 -8.47 22.16 24.16
CA GLU A 342 -8.05 23.28 25.00
C GLU A 342 -7.04 24.19 24.32
N ILE A 343 -6.52 23.81 23.15
CA ILE A 343 -5.51 24.64 22.50
C ILE A 343 -6.18 25.87 21.89
N PRO A 344 -5.75 27.09 22.26
CA PRO A 344 -6.38 28.25 21.64
C PRO A 344 -6.09 28.26 20.14
N ALA A 345 -7.06 28.67 19.32
CA ALA A 345 -6.89 28.67 17.86
C ALA A 345 -5.62 29.32 17.35
N LYS A 346 -5.27 30.50 17.88
CA LYS A 346 -4.07 31.22 17.45
C LYS A 346 -2.80 30.40 17.61
N ASN A 347 -2.65 29.77 18.77
CA ASN A 347 -1.45 28.97 19.04
C ASN A 347 -1.36 27.78 18.08
N LEU A 348 -2.50 27.13 17.87
CA LEU A 348 -2.60 25.97 16.96
C LEU A 348 -2.22 26.39 15.53
N GLU A 349 -2.79 27.49 15.02
CA GLU A 349 -2.43 28.02 13.69
C GLU A 349 -0.95 28.31 13.59
N LEU A 350 -0.40 28.87 14.66
CA LEU A 350 1.00 29.28 14.66
C LEU A 350 1.95 28.09 14.55
N VAL A 351 1.61 27.00 15.22
CA VAL A 351 2.39 25.76 15.18
C VAL A 351 2.66 25.33 13.74
N PHE A 352 1.60 25.32 12.93
CA PHE A 352 1.70 24.89 11.54
C PHE A 352 2.28 25.94 10.62
N ARG A 353 1.98 27.21 10.86
CA ARG A 353 2.62 28.28 10.09
C ARG A 353 4.14 28.12 10.31
N CYS A 354 4.57 27.92 11.56
CA CYS A 354 6.01 27.74 11.88
C CYS A 354 6.59 26.45 11.32
N LEU A 355 5.80 25.38 11.36
CA LEU A 355 6.25 24.08 10.83
C LEU A 355 6.51 24.21 9.33
N GLU A 356 5.59 24.86 8.63
CA GLU A 356 5.71 25.10 7.18
C GLU A 356 6.93 25.98 6.85
N LYS A 357 7.24 26.93 7.74
CA LYS A 357 8.39 27.85 7.57
C LYS A 357 9.76 27.20 7.83
N GLU A 358 9.82 26.28 8.80
CA GLU A 358 11.09 25.64 9.18
C GLU A 358 11.55 24.47 8.30
N LEU A 359 10.62 23.84 7.60
CA LEU A 359 10.97 22.74 6.68
C LEU A 359 10.46 23.01 5.27
N GLY B 1 -30.21 -24.15 58.40
CA GLY B 1 -28.97 -23.49 57.90
C GLY B 1 -28.80 -22.13 58.55
N MSE B 2 -27.55 -21.73 58.77
CA MSE B 2 -27.24 -20.48 59.45
C MSE B 2 -26.17 -19.62 58.79
O MSE B 2 -26.01 -18.44 59.13
CB MSE B 2 -26.78 -20.81 60.88
CG MSE B 2 -27.90 -21.23 61.83
SE MSE B 2 -29.16 -19.78 62.25
CE MSE B 2 -27.88 -18.35 62.49
N THR B 3 -25.48 -20.19 57.80
CA THR B 3 -24.38 -19.52 57.11
C THR B 3 -24.60 -18.04 56.74
N ASN B 4 -25.64 -17.74 55.96
CA ASN B 4 -25.93 -16.36 55.55
C ASN B 4 -26.60 -15.52 56.64
N THR B 5 -27.36 -16.19 57.50
CA THR B 5 -27.98 -15.53 58.63
C THR B 5 -26.89 -14.97 59.54
N LEU B 6 -25.86 -15.76 59.80
CA LEU B 6 -24.75 -15.32 60.64
C LEU B 6 -24.04 -14.16 59.99
N LYS B 7 -23.76 -14.31 58.69
CA LYS B 7 -23.01 -13.32 57.90
C LYS B 7 -23.71 -11.96 57.89
N THR B 8 -25.03 -11.96 57.71
CA THR B 8 -25.79 -10.73 57.69
C THR B 8 -25.81 -10.08 59.07
N SER B 9 -26.00 -10.90 60.12
CA SER B 9 -25.97 -10.42 61.49
C SER B 9 -24.63 -9.73 61.79
N TYR B 10 -23.55 -10.36 61.34
CA TYR B 10 -22.22 -9.82 61.57
C TYR B 10 -22.03 -8.49 60.85
N GLN B 11 -22.39 -8.43 59.57
CA GLN B 11 -22.23 -7.20 58.78
C GLN B 11 -23.01 -5.99 59.34
N LYS B 12 -24.12 -6.26 60.04
N LYS B 12 -24.13 -6.25 60.03
CA LYS B 12 -24.94 -5.22 60.66
CA LYS B 12 -24.93 -5.17 60.66
C LYS B 12 -24.39 -4.64 61.97
C LYS B 12 -24.30 -4.58 61.93
N THR B 13 -23.46 -5.34 62.62
CA THR B 13 -22.89 -4.88 63.90
C THR B 13 -22.08 -3.59 63.77
N PRO B 14 -22.32 -2.62 64.66
CA PRO B 14 -21.53 -1.37 64.63
C PRO B 14 -20.09 -1.53 65.13
N TYR B 15 -19.86 -2.49 66.03
CA TYR B 15 -18.54 -2.76 66.61
C TYR B 15 -18.10 -4.14 66.19
N LYS B 16 -16.78 -4.36 66.19
CA LYS B 16 -16.26 -5.67 65.82
C LYS B 16 -15.02 -6.03 66.63
N LEU B 17 -14.86 -7.32 66.95
CA LEU B 17 -13.67 -7.77 67.65
C LEU B 17 -12.45 -7.67 66.77
N GLY B 18 -12.62 -8.01 65.49
CA GLY B 18 -11.51 -8.07 64.58
C GLY B 18 -11.44 -6.96 63.55
N GLY B 19 -10.26 -6.81 62.97
CA GLY B 19 -10.08 -5.88 61.86
C GLY B 19 -9.86 -4.44 62.23
N ASN B 20 -9.92 -3.64 61.19
CA ASN B 20 -9.65 -2.22 61.19
C ASN B 20 -10.79 -1.37 60.66
N GLY B 21 -12.01 -1.81 60.82
CA GLY B 21 -13.15 -1.05 60.36
C GLY B 21 -13.56 -1.49 58.97
N PRO B 22 -14.66 -0.93 58.48
CA PRO B 22 -15.17 -1.31 57.18
C PRO B 22 -14.18 -1.03 56.04
N ARG B 23 -14.13 -1.94 55.08
CA ARG B 23 -13.34 -1.77 53.85
C ARG B 23 -14.28 -1.06 52.88
N ASN B 24 -14.27 0.26 52.93
CA ASN B 24 -15.12 1.08 52.07
C ASN B 24 -14.27 2.16 51.36
N VAL B 25 -14.89 2.89 50.44
CA VAL B 25 -14.20 3.91 49.65
C VAL B 25 -13.52 4.96 50.54
N GLY B 26 -14.15 5.25 51.67
CA GLY B 26 -13.57 6.12 52.69
C GLY B 26 -12.15 5.81 53.08
N VAL B 27 -11.77 4.53 53.05
CA VAL B 27 -10.40 4.16 53.36
C VAL B 27 -9.44 4.87 52.38
N LEU B 28 -9.80 4.87 51.10
CA LEU B 28 -9.02 5.56 50.08
C LEU B 28 -9.12 7.06 50.24
N THR B 29 -10.33 7.56 50.45
CA THR B 29 -10.52 9.02 50.60
C THR B 29 -9.58 9.59 51.67
N GLU B 30 -9.58 8.96 52.84
CA GLU B 30 -8.75 9.41 53.97
C GLU B 30 -7.25 9.43 53.61
N ALA B 31 -6.81 8.41 52.88
CA ALA B 31 -5.40 8.30 52.51
C ALA B 31 -4.95 9.39 51.57
N LEU B 32 -5.88 9.95 50.79
CA LEU B 32 -5.56 10.98 49.80
C LEU B 32 -5.76 12.42 50.25
N GLN B 33 -6.25 12.64 51.47
CA GLN B 33 -6.62 13.99 51.91
C GLN B 33 -5.47 14.97 51.92
N ASN B 34 -4.27 14.49 52.23
CA ASN B 34 -3.10 15.35 52.28
C ASN B 34 -2.13 15.21 51.10
N ILE B 35 -2.59 14.55 50.04
CA ILE B 35 -1.83 14.44 48.80
C ILE B 35 -2.29 15.54 47.84
N ASP B 36 -1.33 16.24 47.25
CA ASP B 36 -1.56 17.26 46.24
C ASP B 36 -2.14 16.63 44.98
N ASP B 37 -3.25 17.17 44.49
CA ASP B 37 -3.86 16.65 43.24
C ASP B 37 -2.87 16.72 42.05
N ASN B 38 -1.85 17.57 42.16
CA ASN B 38 -0.85 17.68 41.10
C ASN B 38 0.32 16.67 41.22
N LEU B 39 0.30 15.82 42.25
CA LEU B 39 1.35 14.82 42.39
C LEU B 39 1.27 13.87 41.18
N GLU B 40 2.42 13.67 40.53
CA GLU B 40 2.47 12.87 39.32
C GLU B 40 2.34 11.39 39.58
N SER B 41 1.58 10.72 38.71
CA SER B 41 1.46 9.30 38.79
C SER B 41 2.81 8.64 38.51
N ASP B 42 3.00 7.47 39.12
CA ASP B 42 4.08 6.58 38.72
C ASP B 42 3.79 6.18 37.26
N ILE B 43 4.81 5.76 36.52
CA ILE B 43 4.65 5.31 35.14
C ILE B 43 5.39 3.97 34.92
N TYR B 44 4.61 2.89 34.80
CA TYR B 44 5.13 1.52 34.60
C TYR B 44 6.38 1.22 35.47
N GLY B 45 6.21 1.36 36.77
CA GLY B 45 7.23 1.04 37.78
C GLY B 45 8.27 2.10 38.11
N ASN B 46 8.19 3.28 37.46
CA ASN B 46 9.11 4.39 37.70
C ASN B 46 8.37 5.62 38.17
N GLY B 47 9.12 6.51 38.82
CA GLY B 47 8.57 7.76 39.33
C GLY B 47 8.72 7.84 40.83
N ALA B 48 8.78 9.06 41.37
CA ALA B 48 9.00 9.25 42.79
C ALA B 48 7.98 8.53 43.67
N VAL B 49 6.69 8.61 43.35
CA VAL B 49 5.70 7.99 44.23
C VAL B 49 5.99 6.47 44.46
N ILE B 50 6.39 5.74 43.42
CA ILE B 50 6.67 4.30 43.58
C ILE B 50 8.10 4.04 44.08
N GLU B 51 9.06 4.74 43.49
CA GLU B 51 10.46 4.57 43.86
C GLU B 51 10.74 4.93 45.32
N ASP B 52 10.17 6.04 45.81
CA ASP B 52 10.37 6.44 47.20
C ASP B 52 9.78 5.41 48.19
N PHE B 53 8.63 4.81 47.83
CA PHE B 53 7.98 3.82 48.73
C PHE B 53 8.84 2.55 48.78
N GLU B 54 9.25 2.06 47.61
CA GLU B 54 10.09 0.87 47.52
C GLU B 54 11.36 1.09 48.33
N THR B 55 11.97 2.24 48.15
CA THR B 55 13.20 2.56 48.91
C THR B 55 12.95 2.59 50.43
N LYS B 56 11.82 3.18 50.84
CA LYS B 56 11.47 3.24 52.26
C LYS B 56 11.32 1.85 52.89
N ILE B 57 10.62 0.95 52.18
CA ILE B 57 10.39 -0.38 52.73
C ILE B 57 11.65 -1.23 52.70
N ALA B 58 12.42 -1.14 51.61
CA ALA B 58 13.69 -1.87 51.52
C ALA B 58 14.58 -1.55 52.72
N LYS B 59 14.60 -0.29 53.14
CA LYS B 59 15.44 0.17 54.26
C LYS B 59 14.93 -0.43 55.57
N ILE B 60 13.61 -0.44 55.73
CA ILE B 60 12.96 -1.03 56.90
C ILE B 60 13.27 -2.51 56.98
N LEU B 61 13.29 -3.19 55.84
CA LEU B 61 13.56 -4.64 55.81
C LEU B 61 15.08 -4.96 55.77
N GLY B 62 15.92 -3.94 55.63
CA GLY B 62 17.37 -4.15 55.55
C GLY B 62 17.86 -4.81 54.27
N LYS B 63 17.17 -4.60 53.16
CA LYS B 63 17.55 -5.21 51.89
C LYS B 63 17.99 -4.13 50.89
N GLN B 64 18.81 -4.53 49.92
CA GLN B 64 19.30 -3.61 48.90
C GLN B 64 18.22 -2.93 48.07
N SER B 65 17.16 -3.66 47.76
CA SER B 65 16.13 -3.15 46.85
CA SER B 65 16.15 -3.17 46.83
C SER B 65 14.78 -3.82 47.08
N ALA B 66 13.76 -3.19 46.53
CA ALA B 66 12.37 -3.66 46.64
C ALA B 66 11.58 -3.22 45.42
N VAL B 67 10.53 -3.98 45.16
CA VAL B 67 9.61 -3.75 44.07
C VAL B 67 8.20 -3.90 44.62
N PHE B 68 7.38 -2.91 44.29
CA PHE B 68 5.98 -2.91 44.70
C PHE B 68 5.18 -3.75 43.69
N PHE B 69 4.42 -4.72 44.20
CA PHE B 69 3.59 -5.60 43.39
C PHE B 69 2.14 -5.37 43.69
N PRO B 70 1.26 -5.61 42.72
CA PRO B 70 -0.16 -5.48 43.06
C PRO B 70 -0.62 -6.59 44.04
N SER B 71 0.08 -7.75 44.05
CA SER B 71 -0.27 -8.87 44.92
C SER B 71 0.92 -9.70 45.39
N GLY B 72 0.78 -10.28 46.59
CA GLY B 72 1.71 -11.26 47.13
C GLY B 72 1.63 -12.58 46.37
N THR B 73 0.47 -12.92 45.84
CA THR B 73 0.33 -14.13 45.02
C THR B 73 1.30 -14.03 43.80
N MSE B 74 1.28 -12.91 43.08
CA MSE B 74 2.19 -12.73 41.95
C MSE B 74 3.65 -12.68 42.47
O MSE B 74 4.54 -13.39 41.97
CB MSE B 74 1.84 -11.40 41.24
CG MSE B 74 2.63 -11.13 40.00
SE MSE B 74 2.17 -9.39 39.38
CE MSE B 74 0.25 -9.62 38.86
N ALA B 75 3.87 -11.92 43.54
CA ALA B 75 5.25 -11.71 44.04
C ALA B 75 6.00 -12.98 44.43
N GLN B 76 5.33 -13.86 45.13
CA GLN B 76 5.97 -15.04 45.69
C GLN B 76 6.23 -16.12 44.65
N GLN B 77 5.29 -16.32 43.72
CA GLN B 77 5.54 -17.21 42.58
C GLN B 77 6.81 -16.80 41.84
N ILE B 78 6.95 -15.49 41.65
CA ILE B 78 8.10 -14.91 40.94
C ILE B 78 9.38 -15.16 41.75
N ALA B 79 9.34 -14.89 43.06
CA ALA B 79 10.51 -15.10 43.89
C ALA B 79 11.01 -16.52 43.77
N LEU B 80 10.09 -17.47 43.83
CA LEU B 80 10.51 -18.88 43.80
C LEU B 80 11.07 -19.28 42.44
N ARG B 81 10.48 -18.73 41.36
CA ARG B 81 11.00 -18.99 40.01
C ARG B 81 12.46 -18.46 39.85
N ILE B 82 12.68 -17.26 40.35
CA ILE B 82 14.01 -16.66 40.30
C ILE B 82 15.04 -17.58 41.00
N TRP B 83 14.76 -18.06 42.20
CA TRP B 83 15.70 -18.92 42.90
C TRP B 83 15.83 -20.27 42.20
N ALA B 84 14.73 -20.74 41.62
CA ALA B 84 14.71 -21.99 40.85
C ALA B 84 15.63 -21.92 39.63
N ASP B 85 15.61 -20.76 38.96
CA ASP B 85 16.52 -20.51 37.82
C ASP B 85 18.00 -20.43 38.29
N ARG B 86 18.24 -19.74 39.40
CA ARG B 86 19.60 -19.58 39.91
C ARG B 86 20.23 -20.95 40.23
N LYS B 87 19.44 -21.83 40.85
N LYS B 87 19.42 -21.83 40.81
CA LYS B 87 19.91 -23.17 41.25
CA LYS B 87 19.88 -23.16 41.24
C LYS B 87 19.61 -24.30 40.25
C LYS B 87 19.62 -24.30 40.23
N GLU B 88 19.01 -23.97 39.09
CA GLU B 88 18.63 -24.96 38.08
C GLU B 88 17.84 -26.11 38.73
N ASN B 89 16.88 -25.77 39.59
CA ASN B 89 16.16 -26.80 40.36
C ASN B 89 14.74 -26.29 40.62
N ARG B 90 13.74 -26.96 40.03
CA ARG B 90 12.36 -26.50 40.14
C ARG B 90 11.60 -27.08 41.34
N ARG B 91 12.30 -27.69 42.28
CA ARG B 91 11.67 -28.17 43.50
C ARG B 91 11.84 -27.12 44.58
N VAL B 92 10.80 -26.92 45.40
CA VAL B 92 10.81 -26.03 46.56
C VAL B 92 10.19 -26.81 47.71
N ALA B 93 10.32 -26.29 48.93
CA ALA B 93 9.75 -26.95 50.10
C ALA B 93 9.14 -25.93 51.03
N TYR B 94 7.94 -26.25 51.50
CA TYR B 94 7.22 -25.40 52.43
C TYR B 94 6.15 -26.16 53.22
N HIS B 95 5.50 -25.47 54.18
CA HIS B 95 4.43 -26.04 55.01
C HIS B 95 3.27 -26.50 54.09
N PRO B 96 2.56 -27.61 54.43
CA PRO B 96 1.46 -28.07 53.58
C PRO B 96 0.36 -27.04 53.35
N LEU B 97 0.18 -26.11 54.28
CA LEU B 97 -0.86 -25.09 54.16
C LEU B 97 -0.33 -23.71 53.72
N SER B 98 0.82 -23.69 53.03
CA SER B 98 1.33 -22.47 52.45
C SER B 98 0.30 -21.84 51.53
N HIS B 99 0.27 -20.51 51.47
CA HIS B 99 -0.68 -19.78 50.64
C HIS B 99 -0.51 -20.20 49.18
N LEU B 100 0.75 -20.43 48.77
CA LEU B 100 1.10 -20.91 47.41
C LEU B 100 0.44 -22.27 47.08
N GLU B 101 0.32 -23.12 48.10
CA GLU B 101 -0.19 -24.48 47.92
C GLU B 101 -1.72 -24.57 47.88
N ILE B 102 -2.41 -23.78 48.68
CA ILE B 102 -3.86 -23.91 48.79
C ILE B 102 -4.76 -22.73 48.40
N HIS B 103 -4.21 -21.51 48.27
CA HIS B 103 -5.03 -20.33 48.01
C HIS B 103 -4.85 -19.61 46.67
N GLU B 104 -4.02 -20.15 45.79
CA GLU B 104 -3.73 -19.51 44.52
C GLU B 104 -4.11 -20.33 43.27
N GLN B 105 -5.11 -21.20 43.40
CA GLN B 105 -5.55 -22.05 42.29
C GLN B 105 -4.37 -22.73 41.59
N ASP B 106 -3.40 -23.18 42.39
CA ASP B 106 -2.25 -23.91 41.87
C ASP B 106 -1.37 -23.11 40.89
N GLY B 107 -1.33 -21.79 41.02
CA GLY B 107 -0.52 -20.93 40.17
C GLY B 107 0.96 -21.29 40.08
N LEU B 108 1.58 -21.58 41.21
CA LEU B 108 2.99 -21.95 41.24
C LEU B 108 3.22 -23.16 40.35
N LYS B 109 2.36 -24.16 40.51
CA LYS B 109 2.49 -25.39 39.73
C LYS B 109 2.19 -25.15 38.26
N GLU B 110 1.15 -24.39 38.00
CA GLU B 110 0.64 -24.24 36.64
C GLU B 110 1.38 -23.22 35.80
N LEU B 111 1.76 -22.11 36.41
CA LEU B 111 2.48 -21.06 35.72
C LEU B 111 4.00 -21.20 35.73
N GLN B 112 4.56 -21.66 36.84
CA GLN B 112 6.01 -21.75 37.03
C GLN B 112 6.61 -23.15 36.90
N GLN B 113 5.78 -24.17 36.71
CA GLN B 113 6.27 -25.56 36.56
C GLN B 113 7.25 -25.90 37.68
N ILE B 114 6.85 -25.59 38.92
CA ILE B 114 7.59 -25.89 40.14
C ILE B 114 6.89 -27.02 40.91
N THR B 115 7.68 -27.89 41.53
CA THR B 115 7.20 -29.01 42.30
C THR B 115 7.46 -28.77 43.77
N PRO B 116 6.39 -28.46 44.53
CA PRO B 116 6.59 -28.21 45.94
C PRO B 116 6.56 -29.48 46.81
N LEU B 117 7.57 -29.63 47.65
CA LEU B 117 7.65 -30.69 48.65
C LEU B 117 7.05 -30.11 49.95
N LEU B 118 6.17 -30.88 50.58
CA LEU B 118 5.45 -30.40 51.77
C LEU B 118 6.17 -30.88 53.01
N LEU B 119 6.53 -29.94 53.87
CA LEU B 119 7.30 -30.20 55.08
C LEU B 119 6.45 -30.50 56.31
N GLY B 120 6.72 -31.61 56.99
CA GLY B 120 5.97 -31.94 58.21
C GLY B 120 4.52 -32.35 57.95
N THR B 121 3.62 -31.91 58.84
N THR B 121 3.60 -31.93 58.83
CA THR B 121 2.19 -32.24 58.78
CA THR B 121 2.19 -32.26 58.68
C THR B 121 1.39 -30.94 58.74
C THR B 121 1.37 -30.97 58.79
N ALA B 122 0.22 -30.99 58.12
CA ALA B 122 -0.67 -29.82 58.02
C ALA B 122 -1.07 -29.16 59.35
N ASN B 123 -1.21 -29.96 60.41
CA ASN B 123 -1.71 -29.42 61.69
C ASN B 123 -0.69 -28.83 62.65
N GLN B 124 0.57 -28.76 62.24
CA GLN B 124 1.60 -28.26 63.13
C GLN B 124 2.75 -27.53 62.41
N LEU B 125 3.58 -26.84 63.18
CA LEU B 125 4.74 -26.12 62.66
C LEU B 125 5.76 -27.08 62.03
N LEU B 126 6.33 -26.67 60.90
CA LEU B 126 7.40 -27.43 60.30
C LEU B 126 8.64 -27.20 61.19
N THR B 127 9.55 -28.15 61.21
CA THR B 127 10.74 -28.06 62.03
C THR B 127 12.03 -28.14 61.20
N ILE B 128 13.16 -27.81 61.83
CA ILE B 128 14.47 -27.94 61.17
C ILE B 128 14.73 -29.40 60.78
N ASP B 129 14.23 -30.37 61.55
CA ASP B 129 14.40 -31.80 61.20
C ASP B 129 13.66 -32.10 59.88
N ASP B 130 12.47 -31.52 59.70
CA ASP B 130 11.71 -31.71 58.46
C ASP B 130 12.56 -31.25 57.27
N ILE B 131 13.26 -30.14 57.44
CA ILE B 131 14.12 -29.58 56.40
C ILE B 131 15.37 -30.42 56.21
N LYS B 132 16.05 -30.75 57.31
CA LYS B 132 17.25 -31.57 57.23
C LYS B 132 16.96 -32.97 56.67
N SER B 133 15.74 -33.48 56.91
N SER B 133 15.75 -33.50 56.90
CA SER B 133 15.32 -34.82 56.47
CA SER B 133 15.40 -34.84 56.44
C SER B 133 14.89 -34.96 55.01
C SER B 133 14.81 -34.95 55.03
N LEU B 134 14.79 -33.85 54.27
CA LEU B 134 14.30 -33.90 52.86
C LEU B 134 15.05 -34.93 52.00
N ARG B 135 16.37 -34.99 52.16
CA ARG B 135 17.24 -35.92 51.40
C ARG B 135 17.14 -35.82 49.87
N GLU B 136 16.63 -34.69 49.40
CA GLU B 136 16.63 -34.33 47.97
C GLU B 136 16.92 -32.86 47.87
N PRO B 137 17.69 -32.47 46.85
CA PRO B 137 18.01 -31.04 46.74
C PRO B 137 16.82 -30.19 46.30
N VAL B 138 16.67 -29.02 46.92
CA VAL B 138 15.64 -28.05 46.52
C VAL B 138 16.30 -26.70 46.25
N SER B 139 15.66 -25.85 45.47
CA SER B 139 16.24 -24.54 45.19
C SER B 139 15.97 -23.63 46.38
N SER B 140 14.81 -23.77 47.01
N SER B 140 14.78 -23.75 46.98
CA SER B 140 14.42 -22.91 48.12
CA SER B 140 14.36 -22.88 48.09
C SER B 140 13.46 -23.52 49.10
C SER B 140 13.44 -23.52 49.11
N VAL B 141 13.46 -22.93 50.30
CA VAL B 141 12.55 -23.28 51.38
C VAL B 141 11.80 -21.97 51.63
N LEU B 142 10.48 -22.06 51.80
CA LEU B 142 9.67 -20.88 52.13
C LEU B 142 9.15 -21.07 53.54
N ILE B 143 9.24 -20.00 54.33
CA ILE B 143 8.77 -19.96 55.73
C ILE B 143 7.74 -18.83 55.84
N GLU B 144 6.61 -19.13 56.49
CA GLU B 144 5.56 -18.14 56.71
C GLU B 144 5.52 -17.85 58.19
N LEU B 145 5.83 -16.60 58.56
CA LEU B 145 5.83 -16.15 59.94
C LEU B 145 4.73 -15.12 60.18
N PRO B 146 3.72 -15.46 61.02
CA PRO B 146 3.47 -16.72 61.66
C PRO B 146 2.74 -17.63 60.66
N GLN B 147 2.51 -18.90 61.01
CA GLN B 147 1.78 -19.82 60.16
C GLN B 147 0.29 -19.61 60.44
N ARG B 148 -0.31 -18.77 59.62
CA ARG B 148 -1.71 -18.37 59.78
C ARG B 148 -2.77 -19.49 59.83
N GLU B 149 -2.60 -20.50 59.00
CA GLU B 149 -3.61 -21.55 58.87
C GLU B 149 -3.76 -22.43 60.13
N ILE B 150 -2.73 -22.44 60.98
CA ILE B 150 -2.79 -23.17 62.26
C ILE B 150 -2.89 -22.21 63.48
N GLY B 151 -3.48 -21.03 63.27
CA GLY B 151 -3.74 -20.08 64.35
C GLY B 151 -2.74 -18.95 64.48
N GLY B 152 -1.71 -18.98 63.64
CA GLY B 152 -0.65 -17.99 63.73
C GLY B 152 0.38 -18.45 64.78
N GLN B 153 1.01 -19.58 64.48
CA GLN B 153 2.02 -20.16 65.33
C GLN B 153 3.40 -19.76 64.85
N LEU B 154 4.33 -19.61 65.79
CA LEU B 154 5.73 -19.26 65.48
C LEU B 154 6.75 -20.21 66.13
N PRO B 155 7.83 -20.51 65.39
CA PRO B 155 8.91 -21.26 65.97
C PRO B 155 9.73 -20.28 66.78
N ALA B 156 10.58 -20.81 67.66
CA ALA B 156 11.49 -19.98 68.43
C ALA B 156 12.41 -19.31 67.44
N PHE B 157 12.79 -18.07 67.74
CA PHE B 157 13.69 -17.35 66.87
C PHE B 157 15.00 -18.13 66.70
N GLU B 158 15.43 -18.79 67.77
N GLU B 158 15.42 -18.82 67.75
CA GLU B 158 16.64 -19.60 67.75
CA GLU B 158 16.65 -19.58 67.71
C GLU B 158 16.57 -20.71 66.69
C GLU B 158 16.59 -20.72 66.67
N GLU B 159 15.40 -21.31 66.49
CA GLU B 159 15.23 -22.34 65.45
CA GLU B 159 15.15 -22.33 65.46
C GLU B 159 15.31 -21.72 64.06
N LEU B 160 14.78 -20.50 63.89
N LEU B 160 14.79 -20.50 63.92
CA LEU B 160 14.86 -19.83 62.61
CA LEU B 160 14.84 -19.80 62.66
C LEU B 160 16.31 -19.56 62.22
C LEU B 160 16.29 -19.54 62.24
N GLU B 161 17.12 -19.17 63.22
CA GLU B 161 18.54 -18.93 63.00
C GLU B 161 19.22 -20.19 62.50
N LYS B 162 18.88 -21.32 63.11
CA LYS B 162 19.45 -22.61 62.71
C LYS B 162 19.02 -23.03 61.31
N ILE B 163 17.74 -22.81 60.99
CA ILE B 163 17.21 -23.08 59.63
C ILE B 163 17.97 -22.23 58.61
N SER B 164 18.12 -20.93 58.92
CA SER B 164 18.87 -20.02 58.05
C SER B 164 20.31 -20.51 57.83
N GLU B 165 20.94 -20.91 58.93
CA GLU B 165 22.33 -21.38 58.89
CA GLU B 165 22.32 -21.39 58.91
C GLU B 165 22.46 -22.65 58.06
N TYR B 166 21.56 -23.61 58.28
CA TYR B 166 21.57 -24.84 57.48
C TYR B 166 21.38 -24.53 55.97
N CYS B 167 20.36 -23.76 55.61
CA CYS B 167 20.13 -23.44 54.20
C CYS B 167 21.36 -22.73 53.60
N HIS B 168 21.95 -21.83 54.37
CA HIS B 168 23.16 -21.16 53.92
C HIS B 168 24.30 -22.16 53.57
N GLU B 169 24.57 -23.12 54.44
N GLU B 169 24.51 -23.08 54.50
CA GLU B 169 25.64 -24.10 54.16
CA GLU B 169 25.56 -24.10 54.38
C GLU B 169 25.32 -25.03 52.99
C GLU B 169 25.30 -25.12 53.22
N GLN B 170 24.03 -25.31 52.83
CA GLN B 170 23.59 -26.22 51.75
C GLN B 170 23.29 -25.53 50.40
N GLY B 171 23.40 -24.21 50.33
CA GLY B 171 23.12 -23.48 49.08
C GLY B 171 21.64 -23.44 48.73
N ILE B 172 20.78 -23.43 49.75
CA ILE B 172 19.31 -23.39 49.59
C ILE B 172 18.87 -21.96 49.86
N SER B 173 18.11 -21.37 48.95
CA SER B 173 17.62 -20.00 49.12
C SER B 173 16.50 -20.03 50.15
N LEU B 174 16.44 -19.02 51.03
CA LEU B 174 15.39 -19.01 52.05
C LEU B 174 14.53 -17.78 51.84
N HIS B 175 13.24 -18.01 51.65
CA HIS B 175 12.25 -16.97 51.35
C HIS B 175 11.24 -16.83 52.47
N LEU B 176 11.02 -15.59 52.87
CA LEU B 176 10.01 -15.28 53.89
C LEU B 176 8.68 -14.81 53.32
N ASP B 177 7.63 -15.57 53.63
CA ASP B 177 6.27 -15.14 53.34
C ASP B 177 5.94 -14.34 54.59
N GLY B 178 6.18 -13.03 54.46
CA GLY B 178 5.96 -12.06 55.53
C GLY B 178 4.68 -11.27 55.37
N ALA B 179 3.62 -11.94 54.90
CA ALA B 179 2.30 -11.32 54.80
C ALA B 179 1.96 -10.63 56.13
N ARG B 180 2.31 -11.29 57.23
CA ARG B 180 2.05 -10.81 58.59
C ARG B 180 3.33 -10.57 59.40
N LEU B 181 4.38 -10.10 58.73
CA LEU B 181 5.64 -9.84 59.41
C LEU B 181 5.52 -8.76 60.51
N TRP B 182 4.85 -7.66 60.19
CA TRP B 182 4.71 -6.53 61.11
C TRP B 182 4.13 -7.02 62.45
N GLU B 183 3.16 -7.92 62.38
CA GLU B 183 2.46 -8.43 63.57
C GLU B 183 3.30 -9.24 64.58
N ILE B 184 4.43 -9.79 64.12
CA ILE B 184 5.25 -10.68 64.97
C ILE B 184 6.48 -10.05 65.62
N THR B 185 6.82 -8.81 65.27
CA THR B 185 7.99 -8.21 65.91
C THR B 185 7.80 -8.04 67.42
N PRO B 186 6.56 -7.76 67.89
CA PRO B 186 6.44 -7.62 69.34
C PRO B 186 6.80 -8.89 70.11
N PHE B 187 6.26 -10.04 69.69
CA PHE B 187 6.54 -11.32 70.35
C PHE B 187 8.04 -11.69 70.29
N TYR B 188 8.66 -11.53 69.13
CA TYR B 188 10.06 -11.87 68.95
C TYR B 188 11.00 -10.87 69.59
N GLN B 189 10.53 -9.63 69.77
CA GLN B 189 11.39 -8.54 70.25
C GLN B 189 12.62 -8.39 69.35
N LYS B 190 12.34 -8.49 68.05
CA LYS B 190 13.30 -8.35 66.95
C LYS B 190 12.68 -7.40 65.94
N SER B 191 13.49 -6.57 65.29
CA SER B 191 12.99 -5.64 64.29
C SER B 191 12.69 -6.39 63.01
N ALA B 192 11.96 -5.75 62.10
CA ALA B 192 11.69 -6.34 60.79
C ALA B 192 13.01 -6.67 60.13
N GLU B 193 13.97 -5.77 60.26
CA GLU B 193 15.29 -5.97 59.65
C GLU B 193 16.03 -7.18 60.21
N GLU B 194 16.00 -7.37 61.53
CA GLU B 194 16.65 -8.52 62.15
C GLU B 194 16.03 -9.87 61.71
N ILE B 195 14.72 -9.88 61.55
CA ILE B 195 14.04 -11.08 61.09
C ILE B 195 14.41 -11.36 59.63
N CYS B 196 14.36 -10.31 58.80
CA CYS B 196 14.62 -10.44 57.38
C CYS B 196 16.07 -10.78 57.02
N ALA B 197 16.99 -10.48 57.95
CA ALA B 197 18.42 -10.74 57.82
C ALA B 197 18.71 -12.22 57.66
N LEU B 198 17.78 -13.07 58.08
CA LEU B 198 17.93 -14.51 57.98
C LEU B 198 17.52 -15.08 56.62
N PHE B 199 16.92 -14.24 55.77
CA PHE B 199 16.34 -14.68 54.51
C PHE B 199 16.95 -14.02 53.29
N ASP B 200 16.94 -14.73 52.16
N ASP B 200 16.96 -14.75 52.16
CA ASP B 200 17.44 -14.18 50.90
CA ASP B 200 17.44 -14.20 50.90
C ASP B 200 16.45 -13.19 50.31
C ASP B 200 16.45 -13.18 50.34
N SER B 201 15.16 -13.50 50.45
CA SER B 201 14.09 -12.63 49.95
C SER B 201 12.90 -12.63 50.89
N VAL B 202 12.08 -11.59 50.76
CA VAL B 202 10.92 -11.40 51.63
C VAL B 202 9.77 -10.70 50.93
N TYR B 203 8.57 -11.17 51.22
CA TYR B 203 7.33 -10.59 50.75
C TYR B 203 6.61 -10.06 51.99
N VAL B 204 6.12 -8.83 51.92
CA VAL B 204 5.30 -8.23 52.97
C VAL B 204 4.03 -7.66 52.33
N SER B 205 2.94 -7.65 53.09
CA SER B 205 1.63 -7.16 52.66
C SER B 205 1.28 -5.83 53.31
N PHE B 206 0.43 -5.06 52.62
CA PHE B 206 -0.07 -3.78 53.14
C PHE B 206 -1.56 -3.73 53.42
N TYR B 207 -2.24 -4.84 53.25
CA TYR B 207 -3.67 -4.84 53.49
C TYR B 207 -4.14 -5.72 54.61
N1 LLP B 208 0.62 -15.24 51.77
C2 LLP B 208 -0.14 -15.14 52.92
C2' LLP B 208 0.32 -15.88 54.14
C3 LLP B 208 -1.25 -14.33 52.93
O3 LLP B 208 -1.94 -14.22 53.95
C4 LLP B 208 -1.59 -13.62 51.76
C4' LLP B 208 -2.80 -12.73 51.73
C5 LLP B 208 -0.84 -13.79 50.59
C6 LLP B 208 0.27 -14.59 50.60
C5' LLP B 208 -1.18 -13.17 49.25
OP4 LLP B 208 -1.43 -11.78 49.08
P LLP B 208 -2.29 -11.18 47.90
OP1 LLP B 208 -1.68 -9.82 47.93
OP2 LLP B 208 -3.71 -11.21 48.38
OP3 LLP B 208 -2.13 -12.00 46.68
N LLP B 208 -3.24 -6.42 55.28
CA LLP B 208 -3.64 -7.27 56.38
CB LLP B 208 -2.92 -8.59 56.28
CG LLP B 208 -3.31 -9.18 54.92
CD LLP B 208 -2.87 -10.55 54.60
CE LLP B 208 -3.39 -10.94 53.19
NZ LLP B 208 -3.15 -12.39 52.98
C LLP B 208 -3.55 -6.53 57.71
O LLP B 208 -4.44 -5.72 58.00
N GLY B 209 -2.49 -6.75 58.50
CA GLY B 209 -2.32 -6.07 59.79
C GLY B 209 -2.23 -4.56 59.65
N ILE B 210 -1.67 -4.08 58.53
CA ILE B 210 -1.58 -2.64 58.23
C ILE B 210 -2.98 -2.06 57.90
N GLY B 211 -3.85 -2.88 57.36
CA GLY B 211 -5.18 -2.39 57.03
C GLY B 211 -5.31 -1.41 55.88
N GLY B 212 -4.36 -1.43 54.94
CA GLY B 212 -4.46 -0.70 53.68
C GLY B 212 -5.46 -1.36 52.72
N ILE B 213 -5.40 -0.99 51.45
CA ILE B 213 -6.38 -1.47 50.47
C ILE B 213 -5.89 -2.75 49.80
N ALA B 214 -4.72 -2.69 49.19
N ALA B 214 -4.72 -2.68 49.18
CA ALA B 214 -4.13 -3.86 48.56
CA ALA B 214 -4.13 -3.86 48.55
C ALA B 214 -2.66 -3.58 48.29
C ALA B 214 -2.65 -3.58 48.30
N GLY B 215 -1.92 -4.62 47.95
CA GLY B 215 -0.53 -4.48 47.59
C GLY B 215 0.50 -5.18 48.42
N ALA B 216 1.69 -5.26 47.83
CA ALA B 216 2.80 -5.99 48.38
C ALA B 216 4.13 -5.40 47.97
N ILE B 217 5.12 -5.67 48.79
CA ILE B 217 6.52 -5.42 48.47
C ILE B 217 7.30 -6.74 48.47
N LEU B 218 8.10 -6.95 47.43
CA LEU B 218 9.09 -8.05 47.37
C LEU B 218 10.49 -7.40 47.49
N ALA B 219 11.30 -7.89 48.42
CA ALA B 219 12.60 -7.31 48.64
C ALA B 219 13.73 -8.31 48.71
N GLY B 220 14.93 -7.86 48.33
CA GLY B 220 16.15 -8.69 48.39
C GLY B 220 17.30 -7.98 47.71
N ASN B 221 18.27 -8.75 47.22
CA ASN B 221 19.43 -8.18 46.53
C ASN B 221 18.97 -7.50 45.25
N ASP B 222 19.71 -6.51 44.80
CA ASP B 222 19.30 -5.77 43.62
C ASP B 222 19.17 -6.62 42.35
N ASP B 223 20.07 -7.59 42.15
CA ASP B 223 19.97 -8.43 40.97
C ASP B 223 18.68 -9.26 41.00
N PHE B 224 18.32 -9.78 42.19
CA PHE B 224 17.07 -10.53 42.38
C PHE B 224 15.85 -9.66 42.04
N VAL B 225 15.83 -8.45 42.57
CA VAL B 225 14.70 -7.52 42.34
C VAL B 225 14.59 -7.14 40.86
N GLN B 226 15.72 -6.91 40.20
CA GLN B 226 15.65 -6.57 38.78
C GLN B 226 15.02 -7.69 37.95
N GLU B 227 15.36 -8.94 38.26
CA GLU B 227 14.74 -10.08 37.56
C GLU B 227 13.25 -10.08 37.87
N ALA B 228 12.89 -9.80 39.12
CA ALA B 228 11.48 -9.77 39.52
C ALA B 228 10.68 -8.77 38.69
N LYS B 229 11.31 -7.66 38.32
CA LYS B 229 10.62 -6.66 37.50
C LYS B 229 10.29 -7.17 36.09
N ILE B 230 11.14 -8.01 35.53
N ILE B 230 11.16 -8.02 35.55
CA ILE B 230 10.86 -8.59 34.23
CA ILE B 230 10.93 -8.63 34.24
C ILE B 230 9.66 -9.53 34.34
C ILE B 230 9.70 -9.52 34.34
N TRP B 231 9.67 -10.40 35.35
CA TRP B 231 8.54 -11.30 35.58
C TRP B 231 7.22 -10.53 35.84
N LYS B 232 7.31 -9.40 36.53
CA LYS B 232 6.16 -8.55 36.85
C LYS B 232 5.44 -8.13 35.59
N ARG B 233 6.21 -7.70 34.60
CA ARG B 233 5.62 -7.33 33.32
C ARG B 233 5.01 -8.53 32.62
N ARG B 234 5.68 -9.68 32.69
CA ARG B 234 5.15 -10.90 32.05
C ARG B 234 3.78 -11.30 32.64
N TYR B 235 3.66 -11.18 33.97
CA TYR B 235 2.43 -11.50 34.70
C TYR B 235 1.29 -10.50 34.48
N GLY B 236 1.56 -9.35 33.88
CA GLY B 236 0.54 -8.30 33.76
C GLY B 236 0.40 -7.52 35.07
N GLY B 237 1.47 -7.43 35.84
CA GLY B 237 1.49 -6.68 37.11
C GLY B 237 2.12 -5.29 37.03
N ASP B 238 2.77 -4.98 35.89
CA ASP B 238 3.43 -3.69 35.68
C ASP B 238 2.40 -2.69 35.15
N LEU B 239 1.47 -2.35 36.03
CA LEU B 239 0.39 -1.42 35.65
C LEU B 239 0.98 -0.06 35.43
N ILE B 240 0.38 0.72 34.53
CA ILE B 240 0.89 2.07 34.28
C ILE B 240 0.93 2.86 35.61
N SER B 241 -0.14 2.76 36.40
N SER B 241 -0.14 2.76 36.40
CA SER B 241 -0.28 3.55 37.63
CA SER B 241 -0.28 3.54 37.63
C SER B 241 -0.70 2.69 38.81
C SER B 241 -0.69 2.67 38.79
N LEU B 242 0.22 2.53 39.76
CA LEU B 242 -0.04 1.77 40.99
C LEU B 242 -0.26 2.73 42.17
N TYR B 243 -0.19 4.04 41.94
CA TYR B 243 -0.29 4.99 43.06
C TYR B 243 -1.51 4.83 44.00
N PRO B 244 -2.70 4.45 43.49
CA PRO B 244 -3.83 4.29 44.41
C PRO B 244 -3.54 3.32 45.56
N TYR B 245 -2.79 2.26 45.25
CA TYR B 245 -2.37 1.27 46.25
CA TYR B 245 -2.40 1.28 46.25
C TYR B 245 -1.13 1.69 47.01
N ILE B 246 -0.20 2.33 46.33
CA ILE B 246 1.02 2.80 47.01
C ILE B 246 0.72 3.88 48.07
N LEU B 247 0.02 4.92 47.69
CA LEU B 247 -0.28 6.02 48.61
C LEU B 247 -1.09 5.53 49.84
N SER B 248 -2.06 4.65 49.59
CA SER B 248 -2.85 4.07 50.67
C SER B 248 -2.02 3.15 51.55
N ALA B 249 -1.15 2.32 50.95
CA ALA B 249 -0.29 1.45 51.72
C ALA B 249 0.58 2.26 52.65
N ASP B 250 1.19 3.31 52.12
CA ASP B 250 2.12 4.13 52.92
C ASP B 250 1.38 4.87 54.03
N TYR B 251 0.20 5.40 53.71
CA TYR B 251 -0.62 6.12 54.67
C TYR B 251 -0.99 5.25 55.87
N TYR B 252 -1.49 4.06 55.59
CA TYR B 252 -1.89 3.15 56.68
C TYR B 252 -0.70 2.51 57.39
N PHE B 253 0.42 2.31 56.67
CA PHE B 253 1.65 1.86 57.32
C PHE B 253 2.04 2.85 58.40
N GLU B 254 2.06 4.13 58.03
CA GLU B 254 2.46 5.18 58.99
C GLU B 254 1.48 5.26 60.17
N LYS B 255 0.20 5.11 59.85
CA LYS B 255 -0.84 5.18 60.85
C LYS B 255 -0.82 4.03 61.85
N ARG B 256 -0.49 2.83 61.40
CA ARG B 256 -0.66 1.66 62.26
C ARG B 256 0.60 0.86 62.60
N ILE B 257 1.74 1.07 61.93
CA ILE B 257 2.93 0.25 62.22
C ILE B 257 3.31 0.31 63.70
N GLY B 258 3.15 1.46 64.33
CA GLY B 258 3.49 1.61 65.74
C GLY B 258 2.52 0.96 66.72
N LYS B 259 1.40 0.41 66.23
CA LYS B 259 0.37 -0.19 67.08
C LYS B 259 0.46 -1.70 67.18
N MSE B 260 1.45 -2.31 66.53
CA MSE B 260 1.57 -3.77 66.49
C MSE B 260 1.69 -4.36 67.92
O MSE B 260 1.10 -5.40 68.21
CB MSE B 260 2.76 -4.23 65.62
CG MSE B 260 2.62 -3.90 64.12
SE MSE B 260 1.05 -4.73 63.35
CE MSE B 260 0.67 -3.29 62.14
N ALA B 261 2.41 -3.69 68.80
CA ALA B 261 2.58 -4.19 70.19
C ALA B 261 1.23 -4.13 70.92
N GLU B 262 0.50 -3.05 70.67
CA GLU B 262 -0.83 -2.87 71.23
C GLU B 262 -1.80 -3.94 70.76
N TYR B 263 -1.76 -4.28 69.47
CA TYR B 263 -2.66 -5.30 68.93
C TYR B 263 -2.36 -6.68 69.54
N PHE B 264 -1.08 -6.97 69.74
CA PHE B 264 -0.60 -8.21 70.35
C PHE B 264 -1.13 -8.36 71.78
N GLU B 265 -0.98 -7.31 72.60
CA GLU B 265 -1.50 -7.26 73.99
CA GLU B 265 -1.47 -7.34 73.97
C GLU B 265 -2.99 -7.47 74.03
N ALA B 266 -3.66 -6.77 73.14
CA ALA B 266 -5.10 -6.80 73.07
C ALA B 266 -5.54 -8.21 72.69
N ALA B 267 -4.88 -8.83 71.71
CA ALA B 267 -5.21 -10.19 71.32
C ALA B 267 -5.09 -11.18 72.49
N LYS B 268 -4.03 -11.04 73.27
CA LYS B 268 -3.82 -11.90 74.42
C LYS B 268 -4.95 -11.77 75.42
N GLY B 269 -5.38 -10.54 75.69
CA GLY B 269 -6.46 -10.31 76.63
C GLY B 269 -7.77 -10.90 76.11
N LEU B 270 -8.00 -10.77 74.81
CA LEU B 270 -9.22 -11.29 74.18
C LEU B 270 -9.23 -12.82 74.20
N ALA B 271 -8.07 -13.42 73.94
CA ALA B 271 -7.94 -14.89 73.98
C ALA B 271 -8.23 -15.42 75.39
N GLU B 272 -7.78 -14.69 76.39
CA GLU B 272 -8.06 -15.07 77.78
C GLU B 272 -9.58 -15.12 78.01
N ARG B 273 -10.29 -14.11 77.53
CA ARG B 273 -11.76 -14.08 77.69
C ARG B 273 -12.40 -15.30 76.98
N PHE B 274 -11.98 -15.58 75.75
CA PHE B 274 -12.50 -16.76 75.05
C PHE B 274 -12.22 -18.05 75.82
N ASN B 275 -10.97 -18.25 76.22
CA ASN B 275 -10.61 -19.49 76.94
C ASN B 275 -11.34 -19.71 78.27
N SER B 276 -11.73 -18.63 78.93
CA SER B 276 -12.41 -18.72 80.22
CA SER B 276 -12.42 -18.69 80.22
C SER B 276 -13.85 -19.23 80.07
N CYS B 277 -14.32 -19.34 78.83
CA CYS B 277 -15.66 -19.86 78.57
C CYS B 277 -15.62 -21.37 78.39
N SER B 278 -16.56 -22.07 79.01
CA SER B 278 -16.65 -23.50 78.83
C SER B 278 -17.04 -23.74 77.38
N GLY B 279 -16.55 -24.83 76.80
CA GLY B 279 -16.83 -25.20 75.44
C GLY B 279 -16.10 -24.38 74.39
N VAL B 280 -15.14 -23.55 74.82
CA VAL B 280 -14.41 -22.66 73.90
C VAL B 280 -12.92 -22.64 74.22
N LYS B 281 -12.09 -22.65 73.19
N LYS B 281 -12.08 -22.69 73.18
CA LYS B 281 -10.65 -22.53 73.39
CA LYS B 281 -10.62 -22.67 73.34
C LYS B 281 -10.05 -21.79 72.21
C LYS B 281 -9.94 -22.01 72.13
N THR B 282 -8.81 -21.33 72.37
CA THR B 282 -8.07 -20.67 71.30
C THR B 282 -6.82 -21.48 70.96
N VAL B 283 -6.35 -21.28 69.72
CA VAL B 283 -5.13 -21.88 69.19
C VAL B 283 -4.35 -20.77 68.48
N PRO B 284 -3.17 -20.44 68.98
CA PRO B 284 -2.55 -20.98 70.21
C PRO B 284 -3.34 -20.56 71.46
N GLU B 285 -3.06 -21.20 72.59
CA GLU B 285 -3.72 -20.89 73.84
C GLU B 285 -3.46 -19.43 74.19
N VAL B 286 -2.19 -19.04 74.10
CA VAL B 286 -1.78 -17.67 74.26
C VAL B 286 -1.28 -17.18 72.89
N PRO B 287 -1.94 -16.15 72.31
CA PRO B 287 -1.50 -15.60 71.03
C PRO B 287 -0.04 -15.13 71.04
N VAL B 288 0.64 -15.30 69.91
CA VAL B 288 2.01 -14.85 69.73
C VAL B 288 2.02 -13.67 68.77
N SER B 289 0.84 -13.13 68.46
CA SER B 289 0.65 -12.04 67.54
C SER B 289 -0.73 -11.41 67.85
N ASN B 290 -1.25 -10.64 66.90
CA ASN B 290 -2.59 -10.05 66.98
C ASN B 290 -3.68 -11.05 66.60
N MSE B 291 -3.29 -12.25 66.17
CA MSE B 291 -4.27 -13.24 65.70
C MSE B 291 -4.28 -14.54 66.47
O MSE B 291 -3.32 -14.90 67.14
CB MSE B 291 -4.01 -13.58 64.22
CG MSE B 291 -2.73 -14.37 63.92
SE MSE B 291 -2.77 -15.13 62.12
CE MSE B 291 -4.35 -16.22 62.32
N PHE B 292 -5.37 -15.29 66.24
CA PHE B 292 -5.60 -16.62 66.83
C PHE B 292 -6.87 -17.20 66.28
N HIS B 293 -7.01 -18.50 66.45
CA HIS B 293 -8.23 -19.21 66.10
C HIS B 293 -9.03 -19.59 67.33
N VAL B 294 -10.35 -19.52 67.21
CA VAL B 294 -11.29 -19.87 68.28
C VAL B 294 -12.02 -21.12 67.84
N TYR B 295 -11.92 -22.17 68.66
CA TYR B 295 -12.53 -23.47 68.42
C TYR B 295 -13.66 -23.73 69.41
N PHE B 296 -14.71 -24.40 68.93
CA PHE B 296 -15.87 -24.72 69.72
C PHE B 296 -16.09 -26.23 69.70
N GLU B 297 -16.81 -26.72 70.69
CA GLU B 297 -17.15 -28.16 70.79
C GLU B 297 -18.60 -28.39 70.39
N ASN B 298 -19.05 -27.71 69.34
CA ASN B 298 -20.42 -27.86 68.82
C ASN B 298 -20.41 -27.63 67.32
N SER B 299 -21.52 -27.93 66.66
CA SER B 299 -21.60 -27.78 65.21
C SER B 299 -21.68 -26.34 64.77
N ALA B 300 -21.28 -26.09 63.53
CA ALA B 300 -21.36 -24.77 62.93
C ALA B 300 -22.79 -24.21 63.03
N ASP B 301 -23.80 -25.03 62.73
CA ASP B 301 -25.19 -24.56 62.83
C ASP B 301 -25.57 -24.13 64.25
N GLU B 302 -25.16 -24.91 65.25
CA GLU B 302 -25.47 -24.58 66.66
C GLU B 302 -24.73 -23.32 67.13
N ILE B 303 -23.45 -23.23 66.81
CA ILE B 303 -22.63 -22.05 67.16
C ILE B 303 -23.10 -20.83 66.38
N GLY B 304 -23.41 -21.01 65.09
CA GLY B 304 -23.92 -19.92 64.26
C GLY B 304 -25.18 -19.26 64.87
N ALA B 305 -26.10 -20.07 65.37
CA ALA B 305 -27.31 -19.55 66.04
C ALA B 305 -26.96 -18.72 67.28
N ILE B 306 -26.09 -19.26 68.12
CA ILE B 306 -25.64 -18.56 69.33
C ILE B 306 -24.98 -17.23 69.00
N LEU B 307 -23.98 -17.24 68.11
CA LEU B 307 -23.27 -16.00 67.76
C LEU B 307 -24.24 -14.98 67.14
N THR B 308 -25.19 -15.45 66.33
CA THR B 308 -26.18 -14.55 65.72
C THR B 308 -26.98 -13.79 66.78
N LYS B 309 -27.43 -14.52 67.81
CA LYS B 309 -28.20 -13.98 68.92
C LYS B 309 -27.38 -12.95 69.69
N ILE B 310 -26.13 -13.30 69.99
CA ILE B 310 -25.27 -12.41 70.77
C ILE B 310 -24.93 -11.13 70.00
N GLN B 311 -24.61 -11.27 68.70
CA GLN B 311 -24.32 -10.15 67.82
C GLN B 311 -25.53 -9.19 67.74
N ASP B 312 -26.72 -9.77 67.53
CA ASP B 312 -27.94 -8.97 67.45
C ASP B 312 -28.27 -8.25 68.76
N GLU B 313 -27.97 -8.88 69.90
N GLU B 313 -27.99 -8.85 69.91
CA GLU B 313 -28.27 -8.31 71.22
CA GLU B 313 -28.25 -8.20 71.19
C GLU B 313 -27.20 -7.35 71.78
C GLU B 313 -27.22 -7.15 71.54
N THR B 314 -25.94 -7.46 71.31
CA THR B 314 -24.85 -6.58 71.77
C THR B 314 -24.27 -5.56 70.79
N GLY B 315 -24.51 -5.75 69.49
CA GLY B 315 -23.95 -4.87 68.47
C GLY B 315 -22.46 -5.08 68.23
N VAL B 316 -21.91 -6.19 68.76
CA VAL B 316 -20.51 -6.56 68.58
C VAL B 316 -20.43 -7.78 67.67
N GLY B 317 -19.76 -7.61 66.52
CA GLY B 317 -19.51 -8.69 65.58
C GLY B 317 -18.40 -9.60 66.11
N ILE B 318 -18.72 -10.89 66.22
CA ILE B 318 -17.83 -11.92 66.74
C ILE B 318 -17.17 -12.62 65.55
N SER B 319 -17.98 -13.21 64.67
CA SER B 319 -17.49 -13.78 63.42
C SER B 319 -18.54 -13.75 62.35
N GLY B 320 -18.12 -13.47 61.12
CA GLY B 320 -19.04 -13.47 59.97
C GLY B 320 -19.23 -14.86 59.39
N TYR B 321 -18.37 -15.79 59.80
CA TYR B 321 -18.42 -17.16 59.30
C TYR B 321 -17.95 -18.16 60.38
N LEU B 322 -18.19 -19.44 60.11
CA LEU B 322 -17.71 -20.53 60.94
C LEU B 322 -17.20 -21.61 59.98
N GLN B 323 -16.03 -22.16 60.28
CA GLN B 323 -15.46 -23.22 59.47
C GLN B 323 -15.69 -24.54 60.18
N GLU B 324 -16.42 -25.44 59.53
CA GLU B 324 -16.71 -26.73 60.10
C GLU B 324 -15.44 -27.58 60.06
N LYS B 325 -15.05 -28.16 61.19
CA LYS B 325 -13.88 -29.04 61.29
C LYS B 325 -14.25 -30.53 61.41
N SER B 326 -15.49 -30.77 61.84
CA SER B 326 -16.08 -32.10 61.99
C SER B 326 -17.55 -31.86 62.41
N ALA B 327 -18.36 -32.91 62.37
CA ALA B 327 -19.78 -32.83 62.69
C ALA B 327 -20.07 -31.92 63.89
N ASP B 328 -19.29 -32.08 64.96
CA ASP B 328 -19.50 -31.35 66.22
C ASP B 328 -18.35 -30.41 66.64
N VAL B 329 -17.56 -29.91 65.68
CA VAL B 329 -16.46 -28.97 65.96
C VAL B 329 -16.39 -27.91 64.87
N CYS B 330 -16.24 -26.65 65.28
CA CYS B 330 -16.12 -25.54 64.33
C CYS B 330 -15.16 -24.45 64.87
N ALA B 331 -14.71 -23.56 63.99
CA ALA B 331 -13.76 -22.53 64.40
C ALA B 331 -13.82 -21.30 63.52
N PHE B 332 -13.22 -20.22 64.03
CA PHE B 332 -13.03 -19.01 63.27
C PHE B 332 -11.71 -18.33 63.67
N GLU B 333 -11.29 -17.39 62.85
CA GLU B 333 -10.08 -16.60 63.01
C GLU B 333 -10.40 -15.16 63.42
N VAL B 334 -9.60 -14.64 64.35
CA VAL B 334 -9.65 -13.27 64.83
C VAL B 334 -8.30 -12.61 64.59
N SER B 335 -8.28 -11.46 63.94
CA SER B 335 -7.03 -10.66 63.77
C SER B 335 -7.31 -9.29 64.34
N VAL B 336 -6.72 -8.99 65.50
CA VAL B 336 -6.99 -7.72 66.19
C VAL B 336 -6.34 -6.51 65.52
N GLY B 337 -7.11 -5.44 65.39
CA GLY B 337 -6.62 -4.17 64.85
C GLY B 337 -7.28 -3.01 65.58
N ASP B 338 -7.60 -1.95 64.84
CA ASP B 338 -8.19 -0.74 65.43
C ASP B 338 -9.63 -0.87 65.94
N ALA B 339 -10.40 -1.80 65.38
CA ALA B 339 -11.81 -1.97 65.75
C ALA B 339 -11.98 -2.36 67.20
N PHE B 340 -11.07 -3.20 67.70
CA PHE B 340 -11.22 -3.73 69.04
C PHE B 340 -11.35 -2.67 70.15
N ALA B 341 -10.47 -1.69 70.12
CA ALA B 341 -10.43 -0.64 71.15
C ALA B 341 -11.64 0.30 71.12
N GLU B 342 -12.42 0.27 70.05
CA GLU B 342 -13.60 1.14 69.90
C GLU B 342 -14.86 0.51 70.52
N ILE B 343 -14.79 -0.77 70.89
CA ILE B 343 -15.96 -1.43 71.51
C ILE B 343 -16.16 -0.90 72.94
N PRO B 344 -17.35 -0.34 73.25
CA PRO B 344 -17.51 0.13 74.62
C PRO B 344 -17.38 -1.04 75.59
N ALA B 345 -16.83 -0.79 76.76
CA ALA B 345 -16.62 -1.85 77.76
C ALA B 345 -17.91 -2.63 78.07
N LYS B 346 -19.03 -1.94 78.30
CA LYS B 346 -20.32 -2.61 78.59
C LYS B 346 -20.65 -3.69 77.56
N ASN B 347 -20.55 -3.33 76.27
CA ASN B 347 -20.91 -4.26 75.21
C ASN B 347 -19.99 -5.48 75.20
N LEU B 348 -18.69 -5.23 75.36
CA LEU B 348 -17.70 -6.32 75.34
C LEU B 348 -17.99 -7.29 76.48
N GLU B 349 -18.28 -6.78 77.67
CA GLU B 349 -18.59 -7.62 78.82
CA GLU B 349 -18.58 -7.64 78.82
C GLU B 349 -19.86 -8.44 78.56
N LEU B 350 -20.87 -7.81 77.96
CA LEU B 350 -22.13 -8.52 77.66
C LEU B 350 -21.88 -9.66 76.66
N VAL B 351 -20.95 -9.47 75.72
CA VAL B 351 -20.65 -10.54 74.76
C VAL B 351 -20.24 -11.82 75.48
N PHE B 352 -19.31 -11.69 76.43
CA PHE B 352 -18.77 -12.85 77.12
C PHE B 352 -19.69 -13.44 78.20
N ARG B 353 -20.49 -12.60 78.86
CA ARG B 353 -21.48 -13.14 79.80
C ARG B 353 -22.52 -14.00 79.03
N CYS B 354 -22.87 -13.59 77.81
CA CYS B 354 -23.76 -14.37 76.94
C CYS B 354 -23.08 -15.68 76.48
N LEU B 355 -21.81 -15.61 76.08
CA LEU B 355 -21.09 -16.79 75.64
CA LEU B 355 -21.07 -16.80 75.66
C LEU B 355 -20.96 -17.79 76.79
N GLU B 356 -20.69 -17.27 77.99
CA GLU B 356 -20.61 -18.06 79.21
C GLU B 356 -21.93 -18.77 79.45
N LYS B 357 -23.02 -18.04 79.24
CA LYS B 357 -24.38 -18.54 79.43
C LYS B 357 -24.82 -19.59 78.38
N GLU B 358 -24.62 -19.27 77.11
CA GLU B 358 -25.08 -20.13 76.01
C GLU B 358 -24.32 -21.44 75.81
N LEU B 359 -23.04 -21.46 76.23
CA LEU B 359 -22.20 -22.64 76.09
C LEU B 359 -21.76 -23.20 77.44
N ASN C 4 23.67 25.53 -58.84
CA ASN C 4 22.64 25.06 -57.87
C ASN C 4 22.39 26.07 -56.72
N THR C 5 22.78 27.32 -56.94
CA THR C 5 22.47 28.43 -56.00
C THR C 5 21.05 28.93 -56.37
N LEU C 6 20.48 28.29 -57.40
CA LEU C 6 19.14 28.55 -57.92
C LEU C 6 18.07 28.31 -56.86
N LYS C 7 18.37 27.45 -55.89
CA LYS C 7 17.45 27.17 -54.79
C LYS C 7 17.16 28.44 -53.96
N THR C 8 18.18 29.29 -53.75
CA THR C 8 17.99 30.51 -52.95
C THR C 8 17.14 31.55 -53.69
N SER C 9 17.41 31.71 -54.99
CA SER C 9 16.61 32.57 -55.86
C SER C 9 15.13 32.15 -55.86
N TYR C 10 14.91 30.83 -55.82
CA TYR C 10 13.56 30.22 -55.86
C TYR C 10 12.78 30.44 -54.56
N GLN C 11 13.42 30.12 -53.45
CA GLN C 11 12.82 30.31 -52.13
C GLN C 11 12.40 31.77 -51.87
N LYS C 12 13.08 32.74 -52.48
CA LYS C 12 12.76 34.16 -52.28
C LYS C 12 11.56 34.66 -53.11
N THR C 13 11.16 33.92 -54.16
CA THR C 13 10.06 34.38 -55.00
C THR C 13 8.74 34.34 -54.24
N PRO C 14 7.98 35.45 -54.26
CA PRO C 14 6.67 35.45 -53.58
C PRO C 14 5.61 34.65 -54.36
N TYR C 15 5.84 34.45 -55.67
CA TYR C 15 4.94 33.71 -56.55
C TYR C 15 5.62 32.45 -57.12
N LYS C 16 4.83 31.46 -57.50
CA LYS C 16 5.33 30.21 -58.04
C LYS C 16 4.46 29.68 -59.17
N LEU C 17 5.10 29.14 -60.20
CA LEU C 17 4.38 28.47 -61.28
C LEU C 17 3.73 27.19 -60.75
N GLY C 18 4.46 26.47 -59.90
CA GLY C 18 4.00 25.18 -59.44
C GLY C 18 3.51 25.11 -58.01
N GLY C 19 2.79 24.03 -57.71
CA GLY C 19 2.28 23.74 -56.39
C GLY C 19 1.07 24.52 -55.88
N ASN C 20 0.80 24.30 -54.60
CA ASN C 20 -0.34 24.87 -53.88
C ASN C 20 0.11 25.66 -52.67
N GLY C 21 1.22 26.35 -52.80
CA GLY C 21 1.74 27.19 -51.73
C GLY C 21 2.60 26.42 -50.74
N PRO C 22 3.16 27.13 -49.75
CA PRO C 22 4.07 26.51 -48.78
C PRO C 22 3.46 25.35 -47.99
N ARG C 23 4.28 24.31 -47.77
CA ARG C 23 3.88 23.17 -46.95
CA ARG C 23 3.88 23.18 -46.94
C ARG C 23 4.28 23.56 -45.53
N ASN C 24 3.37 24.23 -44.84
CA ASN C 24 3.67 24.69 -43.48
C ASN C 24 2.57 24.22 -42.52
N VAL C 25 2.72 24.49 -41.22
CA VAL C 25 1.76 24.00 -40.22
C VAL C 25 0.35 24.56 -40.42
N GLY C 26 0.28 25.75 -41.01
CA GLY C 26 -1.00 26.38 -41.38
C GLY C 26 -1.88 25.54 -42.31
N VAL C 27 -1.25 24.65 -43.07
CA VAL C 27 -2.00 23.69 -43.90
C VAL C 27 -2.88 22.84 -42.97
N LEU C 28 -2.28 22.35 -41.88
CA LEU C 28 -3.02 21.54 -40.92
C LEU C 28 -4.02 22.39 -40.10
N THR C 29 -3.61 23.56 -39.65
N THR C 29 -3.58 23.57 -39.68
CA THR C 29 -4.51 24.36 -38.83
CA THR C 29 -4.41 24.49 -38.89
C THR C 29 -5.76 24.74 -39.64
C THR C 29 -5.72 24.78 -39.62
N GLU C 30 -5.60 25.11 -40.91
CA GLU C 30 -6.75 25.43 -41.76
C GLU C 30 -7.72 24.24 -41.84
N ALA C 31 -7.20 23.02 -41.99
CA ALA C 31 -8.05 21.83 -42.11
C ALA C 31 -8.85 21.50 -40.83
N LEU C 32 -8.32 21.90 -39.67
CA LEU C 32 -8.98 21.63 -38.36
C LEU C 32 -9.96 22.71 -37.87
N GLN C 33 -10.01 23.86 -38.54
CA GLN C 33 -10.82 24.99 -38.04
C GLN C 33 -12.28 24.68 -37.77
N ASN C 34 -12.91 23.89 -38.61
CA ASN C 34 -14.31 23.56 -38.40
C ASN C 34 -14.56 22.14 -37.87
N ILE C 35 -13.51 21.55 -37.31
CA ILE C 35 -13.58 20.26 -36.68
C ILE C 35 -13.75 20.52 -35.19
N ASP C 36 -14.73 19.84 -34.60
CA ASP C 36 -15.02 19.92 -33.18
C ASP C 36 -13.87 19.26 -32.39
N ASP C 37 -13.32 19.95 -31.39
CA ASP C 37 -12.22 19.34 -30.60
C ASP C 37 -12.63 18.04 -29.89
N ASN C 38 -13.93 17.84 -29.72
CA ASN C 38 -14.44 16.62 -29.07
C ASN C 38 -14.58 15.42 -30.01
N LEU C 39 -14.36 15.61 -31.32
CA LEU C 39 -14.38 14.50 -32.26
C LEU C 39 -13.38 13.42 -31.84
N GLU C 40 -13.87 12.20 -31.67
CA GLU C 40 -13.04 11.06 -31.27
C GLU C 40 -12.05 10.62 -32.34
N SER C 41 -10.83 10.34 -31.93
CA SER C 41 -9.83 9.81 -32.83
C SER C 41 -10.25 8.43 -33.32
N ASP C 42 -9.82 8.09 -34.53
CA ASP C 42 -9.91 6.71 -34.98
C ASP C 42 -9.05 5.88 -34.01
N ILE C 43 -9.27 4.57 -33.96
CA ILE C 43 -8.49 3.68 -33.07
C ILE C 43 -8.05 2.45 -33.86
N TYR C 44 -6.76 2.35 -34.16
CA TYR C 44 -6.18 1.24 -34.94
C TYR C 44 -7.06 0.79 -36.12
N GLY C 45 -7.37 1.74 -37.00
CA GLY C 45 -8.10 1.44 -38.23
C GLY C 45 -9.63 1.44 -38.17
N ASN C 46 -10.18 1.71 -36.99
CA ASN C 46 -11.64 1.71 -36.79
C ASN C 46 -12.13 3.03 -36.20
N GLY C 47 -13.43 3.25 -36.32
CA GLY C 47 -14.05 4.51 -35.86
C GLY C 47 -14.56 5.35 -37.00
N ALA C 48 -15.56 6.19 -36.73
CA ALA C 48 -16.21 6.99 -37.77
C ALA C 48 -15.27 7.87 -38.62
N VAL C 49 -14.30 8.54 -37.99
CA VAL C 49 -13.44 9.45 -38.73
C VAL C 49 -12.71 8.72 -39.89
N ILE C 50 -12.18 7.51 -39.63
CA ILE C 50 -11.47 6.75 -40.67
C ILE C 50 -12.44 5.97 -41.58
N GLU C 51 -13.43 5.31 -40.99
CA GLU C 51 -14.39 4.54 -41.78
C GLU C 51 -15.22 5.37 -42.74
N ASP C 52 -15.67 6.55 -42.30
CA ASP C 52 -16.43 7.44 -43.17
C ASP C 52 -15.59 7.87 -44.36
N PHE C 53 -14.29 8.17 -44.15
CA PHE C 53 -13.48 8.63 -45.24
C PHE C 53 -13.24 7.48 -46.27
N GLU C 54 -12.90 6.30 -45.77
CA GLU C 54 -12.67 5.14 -46.60
C GLU C 54 -13.91 4.82 -47.41
N THR C 55 -15.07 4.87 -46.76
CA THR C 55 -16.35 4.60 -47.45
C THR C 55 -16.61 5.62 -48.57
N LYS C 56 -16.29 6.88 -48.29
CA LYS C 56 -16.49 7.98 -49.25
C LYS C 56 -15.61 7.82 -50.48
N ILE C 57 -14.31 7.56 -50.26
CA ILE C 57 -13.40 7.39 -51.37
C ILE C 57 -13.71 6.10 -52.15
N ALA C 58 -13.96 4.99 -51.45
CA ALA C 58 -14.39 3.76 -52.14
C ALA C 58 -15.54 4.03 -53.12
N LYS C 59 -16.51 4.82 -52.68
CA LYS C 59 -17.67 5.16 -53.52
C LYS C 59 -17.28 5.98 -54.76
N ILE C 60 -16.40 6.96 -54.56
CA ILE C 60 -15.89 7.80 -55.67
C ILE C 60 -15.10 6.96 -56.69
N LEU C 61 -14.37 5.96 -56.20
CA LEU C 61 -13.59 5.07 -57.09
C LEU C 61 -14.39 3.88 -57.63
N GLY C 62 -15.63 3.72 -57.16
CA GLY C 62 -16.49 2.62 -57.60
C GLY C 62 -16.03 1.25 -57.14
N LYS C 63 -15.37 1.20 -55.98
CA LYS C 63 -14.89 -0.08 -55.43
C LYS C 63 -15.68 -0.45 -54.17
N GLN C 64 -15.71 -1.74 -53.86
CA GLN C 64 -16.45 -2.22 -52.69
C GLN C 64 -15.97 -1.63 -51.38
N SER C 65 -14.66 -1.51 -51.20
N SER C 65 -14.66 -1.59 -51.19
CA SER C 65 -14.13 -0.97 -49.96
CA SER C 65 -14.03 -1.15 -49.94
C SER C 65 -12.79 -0.30 -50.18
C SER C 65 -12.72 -0.40 -50.14
N ALA C 66 -12.30 0.34 -49.12
CA ALA C 66 -11.02 1.05 -49.15
C ALA C 66 -10.40 1.02 -47.77
N VAL C 67 -9.08 1.19 -47.74
CA VAL C 67 -8.31 1.26 -46.51
C VAL C 67 -7.38 2.47 -46.60
N PHE C 68 -7.39 3.30 -45.56
CA PHE C 68 -6.54 4.46 -45.50
C PHE C 68 -5.13 4.06 -45.01
N PHE C 69 -4.13 4.38 -45.82
CA PHE C 69 -2.74 4.07 -45.50
C PHE C 69 -1.92 5.34 -45.28
N PRO C 70 -0.89 5.28 -44.41
CA PRO C 70 -0.01 6.43 -44.22
C PRO C 70 0.75 6.77 -45.50
N SER C 71 1.00 5.76 -46.34
CA SER C 71 1.71 5.97 -47.57
C SER C 71 1.32 5.03 -48.72
N GLY C 72 1.50 5.57 -49.93
CA GLY C 72 1.37 4.81 -51.15
C GLY C 72 2.49 3.78 -51.29
N THR C 73 3.68 4.08 -50.76
CA THR C 73 4.81 3.15 -50.78
C THR C 73 4.43 1.81 -50.10
N MSE C 74 3.86 1.88 -48.90
CA MSE C 74 3.42 0.68 -48.20
C MSE C 74 2.23 0.05 -48.94
O MSE C 74 2.18 -1.16 -49.19
CB MSE C 74 3.02 1.11 -46.78
CG MSE C 74 2.51 0.02 -45.87
SE MSE C 74 1.90 0.86 -44.24
CE MSE C 74 3.60 1.67 -43.62
N ALA C 75 1.27 0.89 -49.31
CA ALA C 75 0.04 0.41 -49.94
C ALA C 75 0.26 -0.44 -51.22
N GLN C 76 1.15 -0.02 -52.10
CA GLN C 76 1.31 -0.70 -53.37
C GLN C 76 2.16 -1.98 -53.25
N GLN C 77 3.18 -1.98 -52.39
CA GLN C 77 3.93 -3.20 -52.14
C GLN C 77 2.93 -4.28 -51.63
N ILE C 78 2.00 -3.87 -50.77
CA ILE C 78 0.98 -4.78 -50.21
C ILE C 78 0.03 -5.29 -51.30
N ALA C 79 -0.49 -4.36 -52.09
CA ALA C 79 -1.37 -4.75 -53.21
C ALA C 79 -0.72 -5.82 -54.10
N LEU C 80 0.53 -5.60 -54.51
CA LEU C 80 1.19 -6.55 -55.37
C LEU C 80 1.47 -7.87 -54.66
N ARG C 81 1.77 -7.86 -53.37
CA ARG C 81 1.93 -9.14 -52.67
C ARG C 81 0.61 -9.94 -52.63
N ILE C 82 -0.49 -9.24 -52.38
CA ILE C 82 -1.80 -9.88 -52.32
C ILE C 82 -2.13 -10.58 -53.63
N TRP C 83 -1.92 -9.93 -54.77
CA TRP C 83 -2.21 -10.56 -56.07
C TRP C 83 -1.20 -11.69 -56.34
N ALA C 84 0.05 -11.51 -55.88
CA ALA C 84 1.10 -12.54 -56.00
C ALA C 84 0.68 -13.82 -55.29
N ASP C 85 0.17 -13.66 -54.07
CA ASP C 85 -0.35 -14.76 -53.29
C ASP C 85 -1.57 -15.42 -53.96
N ARG C 86 -2.49 -14.64 -54.53
CA ARG C 86 -3.68 -15.23 -55.20
C ARG C 86 -3.29 -16.11 -56.38
N LYS C 87 -2.25 -15.69 -57.10
CA LYS C 87 -1.78 -16.38 -58.30
C LYS C 87 -0.59 -17.30 -58.06
N GLU C 88 -0.10 -17.38 -56.82
CA GLU C 88 1.12 -18.16 -56.50
C GLU C 88 2.25 -17.84 -57.52
N ASN C 89 2.47 -16.56 -57.73
CA ASN C 89 3.41 -16.07 -58.74
C ASN C 89 3.97 -14.72 -58.29
N ARG C 90 5.26 -14.70 -57.96
CA ARG C 90 5.93 -13.51 -57.42
C ARG C 90 6.50 -12.56 -58.50
N ARG C 91 6.19 -12.81 -59.76
CA ARG C 91 6.59 -11.88 -60.84
C ARG C 91 5.46 -10.89 -61.13
N VAL C 92 5.84 -9.62 -61.30
CA VAL C 92 4.88 -8.56 -61.67
C VAL C 92 5.54 -7.83 -62.84
N ALA C 93 4.79 -6.98 -63.53
CA ALA C 93 5.35 -6.22 -64.65
C ALA C 93 4.88 -4.78 -64.63
N TYR C 94 5.83 -3.88 -64.86
CA TYR C 94 5.53 -2.44 -64.91
C TYR C 94 6.57 -1.62 -65.69
N HIS C 95 6.30 -0.33 -65.88
CA HIS C 95 7.24 0.55 -66.61
C HIS C 95 8.56 0.58 -65.84
N PRO C 96 9.71 0.73 -66.55
N PRO C 96 9.69 0.74 -66.55
CA PRO C 96 11.00 0.77 -65.87
CA PRO C 96 11.00 0.77 -65.87
C PRO C 96 11.15 1.82 -64.78
C PRO C 96 11.15 1.82 -64.78
N LEU C 97 10.41 2.94 -64.90
CA LEU C 97 10.48 4.05 -63.96
C LEU C 97 9.32 4.11 -62.96
N SER C 98 8.67 2.97 -62.76
CA SER C 98 7.64 2.87 -61.74
C SER C 98 8.22 3.32 -60.39
N HIS C 99 7.36 3.91 -59.55
CA HIS C 99 7.78 4.37 -58.20
C HIS C 99 8.33 3.22 -57.36
N LEU C 100 7.76 2.03 -57.50
CA LEU C 100 8.21 0.83 -56.79
C LEU C 100 9.62 0.46 -57.18
N GLU C 101 9.97 0.71 -58.45
CA GLU C 101 11.27 0.31 -58.98
C GLU C 101 12.39 1.27 -58.64
N ILE C 102 12.10 2.59 -58.58
CA ILE C 102 13.19 3.56 -58.41
C ILE C 102 13.14 4.50 -57.22
N HIS C 103 12.01 4.58 -56.52
CA HIS C 103 11.88 5.55 -55.43
C HIS C 103 11.60 4.98 -54.04
N GLU C 104 11.68 3.66 -53.86
CA GLU C 104 11.36 3.05 -52.56
C GLU C 104 12.50 2.20 -52.00
N GLN C 105 13.74 2.52 -52.38
CA GLN C 105 14.94 1.79 -51.91
C GLN C 105 14.80 0.28 -52.06
N ASP C 106 14.14 -0.13 -53.14
CA ASP C 106 13.98 -1.54 -53.49
C ASP C 106 13.11 -2.32 -52.51
N GLY C 107 12.16 -1.65 -51.86
CA GLY C 107 11.26 -2.30 -50.89
C GLY C 107 10.51 -3.51 -51.42
N LEU C 108 9.95 -3.38 -52.62
CA LEU C 108 9.18 -4.49 -53.25
C LEU C 108 10.05 -5.75 -53.33
N LYS C 109 11.25 -5.57 -53.81
CA LYS C 109 12.18 -6.69 -53.95
C LYS C 109 12.65 -7.23 -52.60
N GLU C 110 13.01 -6.31 -51.70
CA GLU C 110 13.61 -6.73 -50.42
C GLU C 110 12.63 -7.23 -49.39
N LEU C 111 11.48 -6.57 -49.33
CA LEU C 111 10.49 -6.92 -48.33
C LEU C 111 9.47 -7.95 -48.83
N GLN C 112 9.12 -7.88 -50.12
CA GLN C 112 8.12 -8.82 -50.68
C GLN C 112 8.65 -9.95 -51.54
N GLN C 113 9.95 -9.99 -51.75
CA GLN C 113 10.58 -11.05 -52.56
C GLN C 113 9.80 -11.23 -53.87
N ILE C 114 9.52 -10.10 -54.52
CA ILE C 114 8.89 -10.02 -55.82
C ILE C 114 9.91 -9.65 -56.89
N THR C 115 9.74 -10.25 -58.06
CA THR C 115 10.61 -10.02 -59.22
C THR C 115 9.88 -9.20 -60.27
N PRO C 116 10.21 -7.91 -60.38
CA PRO C 116 9.51 -7.12 -61.40
C PRO C 116 10.15 -7.17 -62.79
N LEU C 117 9.32 -7.45 -63.79
CA LEU C 117 9.76 -7.45 -65.18
C LEU C 117 9.45 -6.05 -65.69
N LEU C 118 10.38 -5.44 -66.43
CA LEU C 118 10.25 -4.07 -66.87
C LEU C 118 9.75 -4.03 -68.33
N LEU C 119 8.63 -3.35 -68.54
CA LEU C 119 7.94 -3.25 -69.82
C LEU C 119 8.39 -2.08 -70.67
N GLY C 120 8.71 -2.36 -71.92
CA GLY C 120 9.09 -1.32 -72.85
C GLY C 120 10.45 -0.74 -72.56
N THR C 121 10.55 0.58 -72.67
CA THR C 121 11.81 1.29 -72.51
C THR C 121 11.55 2.48 -71.60
N ALA C 122 12.58 2.94 -70.90
CA ALA C 122 12.42 3.97 -69.89
C ALA C 122 11.90 5.31 -70.37
N ASN C 123 12.23 5.68 -71.61
CA ASN C 123 11.88 7.00 -72.11
C ASN C 123 10.56 7.13 -72.85
N GLN C 124 9.68 6.14 -72.76
CA GLN C 124 8.38 6.21 -73.41
C GLN C 124 7.35 5.35 -72.72
N LEU C 125 6.12 5.57 -73.13
CA LEU C 125 4.98 4.84 -72.62
C LEU C 125 5.07 3.35 -72.96
N LEU C 126 4.66 2.49 -72.03
CA LEU C 126 4.57 1.06 -72.29
C LEU C 126 3.32 0.91 -73.13
N THR C 127 3.28 -0.10 -73.99
CA THR C 127 2.10 -0.32 -74.86
C THR C 127 1.50 -1.71 -74.63
N ILE C 128 0.29 -1.89 -75.15
CA ILE C 128 -0.36 -3.19 -75.16
C ILE C 128 0.60 -4.26 -75.74
N ASP C 129 1.32 -3.90 -76.80
CA ASP C 129 2.26 -4.83 -77.45
C ASP C 129 3.38 -5.28 -76.50
N ASP C 130 3.82 -4.39 -75.62
CA ASP C 130 4.83 -4.77 -74.63
C ASP C 130 4.29 -5.84 -73.69
N ILE C 131 3.06 -5.65 -73.23
CA ILE C 131 2.41 -6.58 -72.32
C ILE C 131 2.10 -7.90 -73.03
N LYS C 132 1.58 -7.83 -74.25
CA LYS C 132 1.27 -9.05 -75.02
C LYS C 132 2.53 -9.86 -75.41
N SER C 133 3.69 -9.21 -75.44
CA SER C 133 4.95 -9.85 -75.76
C SER C 133 5.72 -10.41 -74.55
N LEU C 134 5.20 -10.29 -73.32
CA LEU C 134 5.94 -10.82 -72.14
C LEU C 134 6.40 -12.30 -72.25
N ARG C 135 5.51 -13.18 -72.69
CA ARG C 135 5.79 -14.62 -72.85
C ARG C 135 6.28 -15.32 -71.59
N GLU C 136 5.78 -14.85 -70.49
CA GLU C 136 6.17 -15.29 -69.19
C GLU C 136 5.07 -14.90 -68.23
N PRO C 137 4.54 -15.89 -67.48
CA PRO C 137 3.37 -15.52 -66.68
C PRO C 137 3.72 -14.60 -65.52
N VAL C 138 2.83 -13.66 -65.24
CA VAL C 138 2.97 -12.74 -64.11
C VAL C 138 1.66 -12.69 -63.32
N SER C 139 1.74 -12.33 -62.04
CA SER C 139 0.56 -12.25 -61.21
C SER C 139 -0.18 -10.96 -61.48
N SER C 140 0.56 -9.88 -61.70
CA SER C 140 -0.04 -8.59 -61.96
CA SER C 140 -0.01 -8.56 -61.93
C SER C 140 0.77 -7.68 -62.90
N VAL C 141 0.02 -6.75 -63.47
CA VAL C 141 0.56 -5.67 -64.25
C VAL C 141 0.12 -4.41 -63.46
N LEU C 142 1.08 -3.51 -63.25
CA LEU C 142 0.82 -2.21 -62.62
C LEU C 142 0.94 -1.13 -63.69
N ILE C 143 -0.04 -0.22 -63.74
CA ILE C 143 -0.05 0.93 -64.68
C ILE C 143 -0.11 2.21 -63.86
N GLU C 144 0.70 3.19 -64.23
CA GLU C 144 0.73 4.50 -63.57
C GLU C 144 0.18 5.56 -64.54
N LEU C 145 -1.00 6.11 -64.21
CA LEU C 145 -1.66 7.17 -65.01
C LEU C 145 -1.61 8.53 -64.26
N PRO C 146 -0.86 9.54 -64.80
CA PRO C 146 -0.08 9.48 -65.99
C PRO C 146 1.31 8.99 -65.58
N GLN C 147 2.20 8.74 -66.55
CA GLN C 147 3.57 8.27 -66.24
C GLN C 147 4.41 9.48 -65.95
N ARG C 148 4.55 9.79 -64.66
CA ARG C 148 5.20 11.01 -64.19
C ARG C 148 6.66 11.22 -64.63
N GLU C 149 7.46 10.17 -64.60
CA GLU C 149 8.90 10.29 -64.87
C GLU C 149 9.23 10.65 -66.33
N ILE C 150 8.26 10.51 -67.20
CA ILE C 150 8.39 10.86 -68.62
C ILE C 150 7.52 12.07 -68.97
N GLY C 151 7.18 12.85 -67.94
CA GLY C 151 6.48 14.11 -68.12
C GLY C 151 5.00 14.08 -67.88
N GLY C 152 4.47 12.93 -67.47
CA GLY C 152 3.05 12.79 -67.22
C GLY C 152 2.35 12.47 -68.53
N GLN C 153 2.73 11.36 -69.11
CA GLN C 153 2.16 10.89 -70.39
C GLN C 153 1.10 9.84 -70.15
N LEU C 154 0.11 9.81 -71.04
CA LEU C 154 -1.00 8.88 -70.99
C LEU C 154 -1.20 8.16 -72.31
N PRO C 155 -1.54 6.87 -72.24
CA PRO C 155 -1.98 6.18 -73.46
C PRO C 155 -3.42 6.61 -73.78
N ALA C 156 -3.87 6.32 -74.98
CA ALA C 156 -5.26 6.60 -75.36
C ALA C 156 -6.12 5.76 -74.42
N PHE C 157 -7.27 6.30 -74.01
CA PHE C 157 -8.15 5.54 -73.13
C PHE C 157 -8.49 4.16 -73.74
N GLU C 158 -8.68 4.12 -75.07
N GLU C 158 -8.68 4.15 -75.05
CA GLU C 158 -8.93 2.84 -75.77
CA GLU C 158 -8.94 2.92 -75.81
C GLU C 158 -7.85 1.83 -75.50
C GLU C 158 -7.86 1.85 -75.60
N GLU C 159 -6.60 2.27 -75.45
CA GLU C 159 -5.50 1.34 -75.21
C GLU C 159 -5.59 0.78 -73.79
N LEU C 160 -5.98 1.61 -72.81
CA LEU C 160 -6.21 1.08 -71.46
C LEU C 160 -7.27 -0.01 -71.46
N GLU C 161 -8.34 0.23 -72.21
CA GLU C 161 -9.41 -0.78 -72.34
C GLU C 161 -8.85 -2.10 -72.88
N LYS C 162 -8.03 -2.01 -73.93
CA LYS C 162 -7.36 -3.19 -74.53
C LYS C 162 -6.48 -3.92 -73.51
N ILE C 163 -5.71 -3.17 -72.74
CA ILE C 163 -4.87 -3.76 -71.68
C ILE C 163 -5.72 -4.47 -70.60
N SER C 164 -6.78 -3.82 -70.14
CA SER C 164 -7.65 -4.43 -69.14
C SER C 164 -8.29 -5.72 -69.71
N GLU C 165 -8.78 -5.64 -70.94
CA GLU C 165 -9.38 -6.81 -71.57
C GLU C 165 -8.37 -7.97 -71.70
N TYR C 166 -7.15 -7.66 -72.12
CA TYR C 166 -6.12 -8.71 -72.28
C TYR C 166 -5.82 -9.34 -70.93
N CYS C 167 -5.57 -8.49 -69.94
CA CYS C 167 -5.29 -8.97 -68.59
C CYS C 167 -6.42 -9.84 -68.04
N HIS C 168 -7.67 -9.43 -68.28
CA HIS C 168 -8.82 -10.22 -67.81
C HIS C 168 -8.82 -11.60 -68.48
N GLU C 169 -8.60 -11.63 -69.79
CA GLU C 169 -8.52 -12.88 -70.57
C GLU C 169 -7.41 -13.82 -70.09
N GLN C 170 -6.25 -13.25 -69.72
CA GLN C 170 -5.12 -14.07 -69.28
C GLN C 170 -5.04 -14.37 -67.76
N GLY C 171 -5.96 -13.82 -66.99
CA GLY C 171 -5.98 -14.03 -65.53
C GLY C 171 -4.85 -13.26 -64.86
N ILE C 172 -4.57 -12.06 -65.36
CA ILE C 172 -3.51 -11.22 -64.79
C ILE C 172 -4.22 -10.10 -64.06
N SER C 173 -3.89 -9.88 -62.80
CA SER C 173 -4.50 -8.78 -62.04
C SER C 173 -3.94 -7.45 -62.54
N LEU C 174 -4.77 -6.41 -62.57
CA LEU C 174 -4.33 -5.08 -63.05
C LEU C 174 -4.46 -4.06 -61.91
N HIS C 175 -3.33 -3.45 -61.55
CA HIS C 175 -3.31 -2.48 -60.49
C HIS C 175 -3.01 -1.11 -61.02
N LEU C 176 -3.75 -0.14 -60.52
CA LEU C 176 -3.55 1.26 -60.89
C LEU C 176 -2.75 2.06 -59.86
N ASP C 177 -1.61 2.58 -60.30
CA ASP C 177 -0.87 3.52 -59.47
C ASP C 177 -1.49 4.86 -59.84
N GLY C 178 -2.46 5.24 -59.03
CA GLY C 178 -3.19 6.44 -59.26
C GLY C 178 -2.82 7.58 -58.36
N ALA C 179 -1.53 7.71 -58.06
CA ALA C 179 -1.05 8.82 -57.25
C ALA C 179 -1.59 10.17 -57.75
N ARG C 180 -1.63 10.29 -59.08
CA ARG C 180 -2.13 11.46 -59.80
C ARG C 180 -3.39 11.20 -60.62
N LEU C 181 -4.27 10.32 -60.14
CA LEU C 181 -5.52 9.99 -60.87
C LEU C 181 -6.46 11.19 -61.03
N TRP C 182 -6.58 11.97 -59.97
CA TRP C 182 -7.51 13.08 -59.96
C TRP C 182 -7.20 14.02 -61.13
N GLU C 183 -5.92 14.26 -61.37
CA GLU C 183 -5.48 15.23 -62.37
C GLU C 183 -5.74 14.84 -63.85
N ILE C 184 -6.04 13.57 -64.12
CA ILE C 184 -6.23 13.12 -65.50
C ILE C 184 -7.69 12.98 -65.93
N THR C 185 -8.65 13.15 -65.01
CA THR C 185 -10.06 12.98 -65.41
C THR C 185 -10.48 14.05 -66.45
N PRO C 186 -9.91 15.28 -66.38
CA PRO C 186 -10.28 16.25 -67.40
C PRO C 186 -9.81 15.91 -68.83
N PHE C 187 -8.59 15.43 -68.99
CA PHE C 187 -8.13 15.09 -70.30
C PHE C 187 -8.93 13.92 -70.86
N TYR C 188 -9.08 12.86 -70.07
CA TYR C 188 -9.80 11.67 -70.54
C TYR C 188 -11.30 11.86 -70.71
N GLN C 189 -11.84 12.83 -69.97
CA GLN C 189 -13.31 13.07 -69.92
C GLN C 189 -14.00 11.81 -69.38
N LYS C 190 -13.38 11.26 -68.33
CA LYS C 190 -13.87 10.06 -67.64
C LYS C 190 -13.79 10.34 -66.17
N SER C 191 -14.77 9.85 -65.40
CA SER C 191 -14.73 10.00 -63.96
C SER C 191 -13.65 9.07 -63.40
N ALA C 192 -13.28 9.29 -62.13
CA ALA C 192 -12.36 8.39 -61.44
C ALA C 192 -12.95 6.99 -61.46
N GLU C 193 -14.26 6.88 -61.24
CA GLU C 193 -14.94 5.57 -61.24
C GLU C 193 -14.79 4.83 -62.59
N GLU C 194 -14.96 5.55 -63.70
CA GLU C 194 -14.81 4.99 -65.06
C GLU C 194 -13.38 4.47 -65.32
N ILE C 195 -12.40 5.24 -64.89
CA ILE C 195 -11.01 4.84 -65.07
C ILE C 195 -10.73 3.61 -64.20
N CYS C 196 -11.13 3.67 -62.92
CA CYS C 196 -10.87 2.56 -61.97
C CYS C 196 -11.59 1.25 -62.27
N ALA C 197 -12.65 1.36 -63.08
CA ALA C 197 -13.47 0.22 -63.52
C ALA C 197 -12.67 -0.79 -64.35
N LEU C 198 -11.55 -0.35 -64.91
CA LEU C 198 -10.67 -1.22 -65.71
C LEU C 198 -9.64 -1.98 -64.86
N PHE C 199 -9.56 -1.65 -63.58
CA PHE C 199 -8.55 -2.22 -62.68
C PHE C 199 -9.12 -3.04 -61.55
N ASP C 200 -8.35 -4.05 -61.11
CA ASP C 200 -8.67 -4.86 -59.94
C ASP C 200 -8.49 -4.10 -58.62
N SER C 201 -7.44 -3.26 -58.55
CA SER C 201 -7.11 -2.45 -57.36
C SER C 201 -6.52 -1.13 -57.78
N VAL C 202 -6.61 -0.14 -56.89
CA VAL C 202 -6.16 1.21 -57.19
C VAL C 202 -5.64 1.89 -55.94
N TYR C 203 -4.52 2.58 -56.09
CA TYR C 203 -3.95 3.45 -55.07
C TYR C 203 -4.11 4.90 -55.53
N VAL C 204 -4.58 5.79 -54.64
CA VAL C 204 -4.66 7.21 -54.89
C VAL C 204 -4.01 7.96 -53.71
N SER C 205 -3.44 9.13 -54.00
CA SER C 205 -2.76 9.97 -53.02
C SER C 205 -3.60 11.21 -52.68
N PHE C 206 -3.33 11.76 -51.50
CA PHE C 206 -3.98 12.99 -51.06
C PHE C 206 -3.05 14.17 -50.87
N TYR C 207 -1.77 14.02 -51.18
CA TYR C 207 -0.84 15.13 -51.00
C TYR C 207 -0.18 15.63 -52.26
N1 LLP C 208 3.63 6.26 -56.78
C2 LLP C 208 3.73 7.51 -57.38
C2' LLP C 208 3.63 7.61 -58.87
C3 LLP C 208 3.95 8.66 -56.60
O3 LLP C 208 4.05 9.78 -57.15
C4 LLP C 208 4.02 8.53 -55.21
C4' LLP C 208 4.22 9.74 -54.37
C5 LLP C 208 3.93 7.24 -54.62
C6 LLP C 208 3.71 6.13 -55.41
C5' LLP C 208 4.08 6.97 -53.15
OP4 LLP C 208 3.40 7.78 -52.19
P LLP C 208 3.88 7.98 -50.68
OP1 LLP C 208 4.80 9.13 -50.77
OP2 LLP C 208 4.56 6.70 -50.28
OP3 LLP C 208 2.60 8.20 -50.02
N LLP C 208 -0.55 15.06 -53.39
CA LLP C 208 0.01 15.50 -54.65
CB LLP C 208 0.35 14.30 -55.51
CG LLP C 208 1.40 13.50 -54.71
CD LLP C 208 2.04 12.40 -55.37
CE LLP C 208 2.97 11.71 -54.35
NZ LLP C 208 3.78 10.80 -55.06
C LLP C 208 -0.94 16.56 -55.29
O LLP C 208 -0.92 17.71 -54.85
N GLY C 209 -1.76 16.19 -56.24
CA GLY C 209 -2.66 17.18 -56.88
C GLY C 209 -3.63 17.80 -55.89
N ILE C 210 -4.02 17.04 -54.88
CA ILE C 210 -4.96 17.50 -53.87
C ILE C 210 -4.32 18.48 -52.89
N GLY C 211 -2.99 18.42 -52.73
CA GLY C 211 -2.32 19.37 -51.88
C GLY C 211 -2.59 19.23 -50.40
N GLY C 212 -2.90 18.01 -49.97
CA GLY C 212 -3.01 17.69 -48.53
C GLY C 212 -1.63 17.49 -47.92
N ILE C 213 -1.58 16.88 -46.75
CA ILE C 213 -0.34 16.74 -46.02
C ILE C 213 0.38 15.41 -46.35
N ALA C 214 -0.32 14.31 -46.16
CA ALA C 214 0.18 12.97 -46.50
C ALA C 214 -0.96 12.00 -46.51
N GLY C 215 -0.69 10.75 -46.92
CA GLY C 215 -1.78 9.77 -46.94
C GLY C 215 -2.19 9.23 -48.30
N ALA C 216 -2.82 8.06 -48.24
CA ALA C 216 -3.18 7.32 -49.41
C ALA C 216 -4.39 6.45 -49.14
N ILE C 217 -5.08 6.11 -50.22
CA ILE C 217 -6.17 5.14 -50.16
C ILE C 217 -5.83 4.00 -51.08
N LEU C 218 -6.09 2.77 -50.63
CA LEU C 218 -6.00 1.57 -51.43
C LEU C 218 -7.44 1.00 -51.52
N ALA C 219 -7.92 0.81 -52.73
CA ALA C 219 -9.29 0.37 -52.91
C ALA C 219 -9.39 -0.85 -53.83
N GLY C 220 -10.44 -1.64 -53.60
CA GLY C 220 -10.69 -2.84 -54.37
C GLY C 220 -11.80 -3.64 -53.70
N ASN C 221 -11.89 -4.94 -54.03
CA ASN C 221 -12.88 -5.83 -53.43
C ASN C 221 -12.68 -5.95 -51.93
N ASP C 222 -13.74 -6.24 -51.19
N ASP C 222 -13.77 -6.25 -51.21
CA ASP C 222 -13.66 -6.32 -49.72
CA ASP C 222 -13.76 -6.42 -49.75
C ASP C 222 -12.67 -7.39 -49.23
C ASP C 222 -12.66 -7.38 -49.28
N ASP C 223 -12.57 -8.54 -49.91
CA ASP C 223 -11.59 -9.57 -49.50
C ASP C 223 -10.14 -9.07 -49.65
N PHE C 224 -9.86 -8.38 -50.77
CA PHE C 224 -8.55 -7.76 -51.06
C PHE C 224 -8.21 -6.73 -49.97
N VAL C 225 -9.15 -5.83 -49.68
N VAL C 225 -9.15 -5.84 -49.68
CA VAL C 225 -8.93 -4.81 -48.66
CA VAL C 225 -8.93 -4.81 -48.66
C VAL C 225 -8.69 -5.42 -47.27
C VAL C 225 -8.70 -5.42 -47.27
N GLN C 226 -9.46 -6.45 -46.92
CA GLN C 226 -9.29 -7.10 -45.62
C GLN C 226 -7.90 -7.73 -45.50
N GLU C 227 -7.39 -8.33 -46.57
CA GLU C 227 -6.01 -8.88 -46.53
C GLU C 227 -5.00 -7.71 -46.43
N ALA C 228 -5.28 -6.59 -47.09
CA ALA C 228 -4.36 -5.41 -47.01
C ALA C 228 -4.22 -4.91 -45.57
N LYS C 229 -5.32 -4.96 -44.80
CA LYS C 229 -5.25 -4.50 -43.41
C LYS C 229 -4.32 -5.36 -42.51
N ILE C 230 -4.23 -6.65 -42.80
CA ILE C 230 -3.31 -7.52 -42.04
C ILE C 230 -1.85 -7.09 -42.36
N TRP C 231 -1.56 -6.93 -43.63
CA TRP C 231 -0.22 -6.47 -44.05
C TRP C 231 0.07 -5.08 -43.48
N LYS C 232 -0.95 -4.21 -43.44
CA LYS C 232 -0.81 -2.86 -42.89
C LYS C 232 -0.24 -2.96 -41.48
N ARG C 233 -0.76 -3.88 -40.67
CA ARG C 233 -0.23 -4.02 -39.30
C ARG C 233 1.21 -4.54 -39.30
N ARG C 234 1.49 -5.53 -40.15
CA ARG C 234 2.83 -6.08 -40.28
C ARG C 234 3.91 -5.04 -40.63
N TYR C 235 3.53 -4.10 -41.49
CA TYR C 235 4.41 -2.99 -41.88
C TYR C 235 4.59 -1.90 -40.83
N GLY C 236 3.80 -1.90 -39.77
CA GLY C 236 3.86 -0.79 -38.80
C GLY C 236 3.10 0.45 -39.30
N GLY C 237 2.07 0.25 -40.14
CA GLY C 237 1.23 1.35 -40.66
C GLY C 237 -0.15 1.46 -40.00
N ASP C 238 -0.46 0.51 -39.12
CA ASP C 238 -1.72 0.54 -38.38
C ASP C 238 -1.53 1.40 -37.14
N LEU C 239 -1.33 2.69 -37.39
CA LEU C 239 -1.16 3.66 -36.31
C LEU C 239 -2.44 3.78 -35.48
N ILE C 240 -2.26 4.02 -34.19
CA ILE C 240 -3.43 4.16 -33.33
C ILE C 240 -4.36 5.24 -33.89
N SER C 241 -3.76 6.36 -34.30
CA SER C 241 -4.51 7.54 -34.77
C SER C 241 -3.95 8.11 -36.09
N LEU C 242 -4.74 7.99 -37.16
CA LEU C 242 -4.38 8.55 -38.47
C LEU C 242 -5.22 9.79 -38.79
N TYR C 243 -6.09 10.22 -37.87
CA TYR C 243 -6.92 11.42 -38.12
C TYR C 243 -6.16 12.70 -38.57
N PRO C 244 -4.94 12.93 -38.12
CA PRO C 244 -4.35 14.17 -38.64
C PRO C 244 -4.24 14.18 -40.17
N TYR C 245 -3.96 13.02 -40.76
CA TYR C 245 -3.86 12.89 -42.22
CA TYR C 245 -3.85 12.90 -42.21
C TYR C 245 -5.22 12.70 -42.87
N ILE C 246 -6.13 12.00 -42.19
CA ILE C 246 -7.47 11.75 -42.74
C ILE C 246 -8.27 13.04 -42.89
N LEU C 247 -8.32 13.82 -41.79
CA LEU C 247 -9.06 15.09 -41.80
C LEU C 247 -8.48 16.09 -42.79
N SER C 248 -7.15 16.22 -42.83
CA SER C 248 -6.54 17.12 -43.83
C SER C 248 -6.74 16.63 -45.29
N ALA C 249 -6.66 15.32 -45.52
CA ALA C 249 -6.91 14.72 -46.85
C ALA C 249 -8.31 15.07 -47.35
N ASP C 250 -9.28 14.87 -46.47
CA ASP C 250 -10.68 15.10 -46.82
C ASP C 250 -10.96 16.58 -47.06
N TYR C 251 -10.47 17.42 -46.13
CA TYR C 251 -10.61 18.85 -46.27
C TYR C 251 -10.05 19.34 -47.62
N TYR C 252 -8.81 18.95 -47.94
CA TYR C 252 -8.19 19.43 -49.19
C TYR C 252 -8.79 18.76 -50.44
N PHE C 253 -9.26 17.53 -50.30
CA PHE C 253 -9.98 16.86 -51.38
C PHE C 253 -11.21 17.71 -51.74
N GLU C 254 -11.99 18.08 -50.74
CA GLU C 254 -13.19 18.89 -50.97
C GLU C 254 -12.80 20.25 -51.52
N LYS C 255 -11.70 20.81 -51.05
CA LYS C 255 -11.30 22.12 -51.54
C LYS C 255 -10.85 22.14 -53.01
N ARG C 256 -10.09 21.13 -53.40
CA ARG C 256 -9.42 21.15 -54.71
C ARG C 256 -9.91 20.18 -55.77
N ILE C 257 -10.72 19.18 -55.43
CA ILE C 257 -11.09 18.18 -56.46
C ILE C 257 -11.76 18.82 -57.68
N GLY C 258 -12.64 19.79 -57.45
CA GLY C 258 -13.34 20.50 -58.53
C GLY C 258 -12.48 21.41 -59.39
N LYS C 259 -11.22 21.58 -59.01
CA LYS C 259 -10.29 22.45 -59.70
C LYS C 259 -9.39 21.73 -60.71
N MSE C 260 -9.54 20.40 -60.83
CA MSE C 260 -8.64 19.65 -61.72
C MSE C 260 -8.67 20.15 -63.14
O MSE C 260 -7.62 20.21 -63.78
CB MSE C 260 -8.93 18.14 -61.67
CG MSE C 260 -8.70 17.55 -60.28
SE MSE C 260 -6.82 17.75 -59.73
CE MSE C 260 -6.98 17.99 -57.82
N ALA C 261 -9.85 20.48 -63.64
CA ALA C 261 -9.99 20.94 -64.99
C ALA C 261 -9.28 22.28 -65.16
N GLU C 262 -9.43 23.15 -64.18
CA GLU C 262 -8.76 24.44 -64.20
C GLU C 262 -7.24 24.29 -64.27
N TYR C 263 -6.68 23.37 -63.48
CA TYR C 263 -5.23 23.16 -63.44
C TYR C 263 -4.72 22.62 -64.78
N PHE C 264 -5.53 21.75 -65.38
CA PHE C 264 -5.26 21.16 -66.69
C PHE C 264 -5.19 22.28 -67.76
N GLU C 265 -6.20 23.16 -67.80
CA GLU C 265 -6.19 24.26 -68.80
C GLU C 265 -5.05 25.25 -68.56
N ALA C 266 -4.78 25.54 -67.29
CA ALA C 266 -3.69 26.44 -66.93
C ALA C 266 -2.36 25.82 -67.39
N ALA C 267 -2.20 24.51 -67.17
CA ALA C 267 -0.97 23.82 -67.58
C ALA C 267 -0.77 23.87 -69.11
N LYS C 268 -1.83 23.62 -69.86
CA LYS C 268 -1.77 23.71 -71.31
C LYS C 268 -1.36 25.11 -71.73
N GLY C 269 -1.92 26.14 -71.09
CA GLY C 269 -1.59 27.53 -71.39
C GLY C 269 -0.13 27.84 -71.14
N LEU C 270 0.35 27.46 -69.97
CA LEU C 270 1.76 27.63 -69.57
C LEU C 270 2.73 26.83 -70.47
N ALA C 271 2.35 25.61 -70.85
CA ALA C 271 3.18 24.80 -71.75
C ALA C 271 3.33 25.48 -73.10
N GLU C 272 2.25 26.05 -73.61
CA GLU C 272 2.30 26.82 -74.86
C GLU C 272 3.33 27.94 -74.78
N ARG C 273 3.42 28.62 -73.64
CA ARG C 273 4.40 29.70 -73.46
C ARG C 273 5.84 29.17 -73.48
N PHE C 274 6.07 28.01 -72.86
CA PHE C 274 7.39 27.38 -72.85
C PHE C 274 7.78 26.94 -74.26
N ASN C 275 6.89 26.23 -74.93
CA ASN C 275 7.14 25.78 -76.29
C ASN C 275 7.42 26.94 -77.27
N SER C 276 6.80 28.09 -77.04
CA SER C 276 7.05 29.26 -77.90
C SER C 276 8.48 29.80 -77.80
N CYS C 277 9.22 29.41 -76.76
CA CYS C 277 10.60 29.88 -76.56
C CYS C 277 11.65 29.07 -77.32
N SER C 278 12.74 29.76 -77.68
CA SER C 278 13.82 29.17 -78.46
C SER C 278 14.65 28.24 -77.61
N GLY C 279 14.81 27.00 -78.05
CA GLY C 279 15.60 26.04 -77.30
C GLY C 279 14.84 25.53 -76.08
N VAL C 280 13.51 25.52 -76.17
CA VAL C 280 12.67 25.02 -75.08
C VAL C 280 11.54 24.20 -75.66
N LYS C 281 11.24 23.07 -75.04
CA LYS C 281 10.11 22.25 -75.44
C LYS C 281 9.55 21.64 -74.17
N THR C 282 8.27 21.25 -74.18
CA THR C 282 7.71 20.54 -73.04
C THR C 282 7.43 19.10 -73.48
N VAL C 283 7.43 18.20 -72.50
CA VAL C 283 7.09 16.80 -72.72
C VAL C 283 6.03 16.46 -71.68
N PRO C 284 4.80 16.08 -72.12
CA PRO C 284 4.35 16.08 -73.51
C PRO C 284 4.31 17.50 -74.08
N GLU C 285 4.23 17.60 -75.40
CA GLU C 285 4.20 18.90 -76.05
C GLU C 285 2.94 19.63 -75.60
N VAL C 286 1.82 18.93 -75.55
CA VAL C 286 0.58 19.46 -75.04
C VAL C 286 0.23 18.64 -73.79
N PRO C 287 0.28 19.24 -72.58
CA PRO C 287 -0.05 18.48 -71.38
C PRO C 287 -1.37 17.75 -71.44
N VAL C 288 -1.43 16.60 -70.76
CA VAL C 288 -2.64 15.80 -70.63
C VAL C 288 -3.09 15.79 -69.18
N SER C 289 -2.57 16.75 -68.40
CA SER C 289 -2.87 16.86 -66.99
C SER C 289 -2.35 18.22 -66.54
N ASN C 290 -2.22 18.40 -65.23
CA ASN C 290 -1.74 19.64 -64.65
C ASN C 290 -0.22 19.68 -64.70
N MSE C 291 0.42 18.61 -65.18
CA MSE C 291 1.87 18.59 -65.19
C MSE C 291 2.53 18.36 -66.54
O MSE C 291 1.93 17.88 -67.52
CB MSE C 291 2.40 17.50 -64.26
CG MSE C 291 2.26 16.07 -64.81
SE MSE C 291 3.18 14.64 -63.84
CE MSE C 291 4.99 15.17 -64.22
N PHE C 292 3.82 18.68 -66.55
CA PHE C 292 4.67 18.49 -67.71
C PHE C 292 6.13 18.74 -67.33
N HIS C 293 7.02 18.31 -68.20
CA HIS C 293 8.44 18.55 -68.02
C HIS C 293 8.87 19.55 -69.06
N VAL C 294 9.79 20.42 -68.69
CA VAL C 294 10.31 21.43 -69.60
C VAL C 294 11.75 21.07 -69.89
N TYR C 295 12.06 20.91 -71.18
CA TYR C 295 13.38 20.56 -71.65
C TYR C 295 14.02 21.74 -72.39
N PHE C 296 15.31 21.94 -72.15
CA PHE C 296 16.09 22.98 -72.78
C PHE C 296 17.19 22.36 -73.63
N GLU C 297 17.56 23.02 -74.74
CA GLU C 297 18.67 22.57 -75.60
C GLU C 297 19.95 23.23 -75.07
N ASN C 298 20.15 23.17 -73.76
CA ASN C 298 21.31 23.79 -73.13
C ASN C 298 21.61 23.11 -71.80
N SER C 299 22.80 23.34 -71.25
CA SER C 299 23.23 22.69 -70.01
C SER C 299 22.57 23.33 -68.79
N ALA C 300 22.65 22.63 -67.65
CA ALA C 300 22.11 23.15 -66.39
C ALA C 300 22.74 24.50 -65.97
N ASP C 301 23.95 24.80 -66.42
CA ASP C 301 24.60 26.07 -66.04
C ASP C 301 24.04 27.30 -66.74
N GLU C 302 23.99 27.30 -68.08
CA GLU C 302 23.47 28.46 -68.80
C GLU C 302 22.00 28.75 -68.47
N ILE C 303 21.21 27.69 -68.33
CA ILE C 303 19.78 27.85 -68.02
C ILE C 303 19.57 28.34 -66.59
N GLY C 304 20.27 27.73 -65.62
CA GLY C 304 20.20 28.14 -64.22
C GLY C 304 20.43 29.64 -64.01
N ALA C 305 21.37 30.21 -64.77
CA ALA C 305 21.68 31.63 -64.70
C ALA C 305 20.57 32.47 -65.34
N ILE C 306 19.98 31.95 -66.41
CA ILE C 306 18.88 32.65 -67.08
C ILE C 306 17.62 32.69 -66.21
N LEU C 307 17.34 31.59 -65.50
CA LEU C 307 16.18 31.49 -64.61
C LEU C 307 16.37 32.31 -63.33
N THR C 308 17.56 32.26 -62.72
CA THR C 308 17.86 33.04 -61.49
C THR C 308 17.60 34.52 -61.72
N LYS C 309 18.21 35.07 -62.77
CA LYS C 309 18.02 36.47 -63.11
CA LYS C 309 18.02 36.47 -63.13
C LYS C 309 16.52 36.76 -63.21
N ILE C 310 15.84 35.99 -64.04
CA ILE C 310 14.40 36.15 -64.30
C ILE C 310 13.54 36.04 -63.04
N GLN C 311 13.91 35.17 -62.11
CA GLN C 311 13.15 35.01 -60.88
C GLN C 311 13.41 36.20 -59.96
N ASP C 312 14.66 36.67 -59.95
CA ASP C 312 15.04 37.78 -59.11
C ASP C 312 14.42 39.10 -59.58
N GLU C 313 14.32 39.28 -60.90
CA GLU C 313 13.72 40.48 -61.47
C GLU C 313 12.18 40.46 -61.47
N THR C 314 11.56 39.29 -61.65
CA THR C 314 10.09 39.20 -61.76
C THR C 314 9.34 38.68 -60.51
N GLY C 315 10.05 38.03 -59.59
CA GLY C 315 9.44 37.47 -58.39
C GLY C 315 8.62 36.20 -58.61
N VAL C 316 8.82 35.53 -59.74
N VAL C 316 8.82 35.53 -59.74
CA VAL C 316 8.11 34.29 -60.07
CA VAL C 316 8.12 34.29 -60.06
C VAL C 316 9.08 33.11 -60.08
C VAL C 316 9.07 33.11 -60.08
N GLY C 317 8.87 32.15 -59.17
CA GLY C 317 9.69 30.96 -59.09
C GLY C 317 9.34 30.00 -60.22
N ILE C 318 10.31 29.78 -61.10
CA ILE C 318 10.15 28.93 -62.28
C ILE C 318 10.53 27.51 -61.88
N SER C 319 11.74 27.38 -61.36
CA SER C 319 12.19 26.11 -60.82
C SER C 319 13.35 26.38 -59.87
N GLY C 320 13.47 25.56 -58.84
CA GLY C 320 14.56 25.66 -57.87
C GLY C 320 15.63 24.59 -58.09
N TYR C 321 15.49 23.82 -59.16
CA TYR C 321 16.43 22.77 -59.52
C TYR C 321 16.35 22.56 -61.03
N LEU C 322 17.46 22.15 -61.63
CA LEU C 322 17.50 21.76 -63.03
C LEU C 322 18.18 20.41 -63.00
N GLN C 323 17.57 19.41 -63.63
CA GLN C 323 18.17 18.07 -63.65
C GLN C 323 18.84 17.91 -65.00
N GLU C 324 20.10 17.47 -64.97
CA GLU C 324 20.87 17.28 -66.22
C GLU C 324 20.58 15.90 -66.82
N LYS C 325 20.26 15.86 -68.11
CA LYS C 325 19.95 14.61 -68.81
C LYS C 325 20.97 14.25 -69.91
N SER C 326 21.95 15.11 -70.10
CA SER C 326 23.09 14.92 -71.00
C SER C 326 23.90 16.19 -70.81
N ALA C 327 25.06 16.28 -71.44
CA ALA C 327 25.89 17.46 -71.32
C ALA C 327 25.23 18.71 -71.90
N ASP C 328 24.37 18.52 -72.91
CA ASP C 328 23.74 19.65 -73.60
C ASP C 328 22.21 19.69 -73.46
N VAL C 329 21.69 19.02 -72.44
CA VAL C 329 20.24 18.99 -72.20
C VAL C 329 19.97 18.98 -70.70
N CYS C 330 18.97 19.75 -70.27
CA CYS C 330 18.53 19.78 -68.88
C CYS C 330 17.03 20.02 -68.82
N ALA C 331 16.42 19.66 -67.69
CA ALA C 331 14.97 19.76 -67.55
C ALA C 331 14.48 19.93 -66.12
N PHE C 332 13.20 20.31 -65.99
CA PHE C 332 12.55 20.38 -64.68
C PHE C 332 11.07 20.08 -64.87
N GLU C 333 10.39 19.84 -63.74
CA GLU C 333 8.99 19.50 -63.70
C GLU C 333 8.11 20.62 -63.15
N VAL C 334 6.91 20.76 -63.72
CA VAL C 334 5.91 21.71 -63.24
C VAL C 334 4.60 20.94 -63.01
N SER C 335 4.01 21.13 -61.84
CA SER C 335 2.69 20.56 -61.53
C SER C 335 1.84 21.76 -61.10
N VAL C 336 0.89 22.13 -61.94
CA VAL C 336 0.07 23.30 -61.67
C VAL C 336 -0.99 23.04 -60.59
N GLY C 337 -1.18 24.02 -59.72
CA GLY C 337 -2.15 23.95 -58.64
C GLY C 337 -2.64 25.37 -58.39
N ASP C 338 -2.92 25.67 -57.14
CA ASP C 338 -3.45 27.02 -56.78
C ASP C 338 -2.47 28.21 -56.87
N ALA C 339 -1.16 27.98 -56.76
CA ALA C 339 -0.21 29.10 -56.81
C ALA C 339 -0.19 29.81 -58.16
N PHE C 340 -0.40 29.08 -59.25
CA PHE C 340 -0.32 29.68 -60.59
C PHE C 340 -1.30 30.84 -60.80
N ALA C 341 -2.54 30.68 -60.36
CA ALA C 341 -3.57 31.71 -60.56
C ALA C 341 -3.35 32.95 -59.69
N GLU C 342 -2.45 32.86 -58.72
CA GLU C 342 -2.11 33.98 -57.86
C GLU C 342 -1.03 34.86 -58.47
N ILE C 343 -0.31 34.37 -59.48
CA ILE C 343 0.76 35.21 -60.10
C ILE C 343 0.13 36.41 -60.81
N PRO C 344 0.57 37.64 -60.50
CA PRO C 344 -0.01 38.78 -61.21
C PRO C 344 0.35 38.73 -62.70
N ALA C 345 -0.64 38.98 -63.54
CA ALA C 345 -0.51 38.91 -65.01
C ALA C 345 0.77 39.54 -65.56
N LYS C 346 1.12 40.72 -65.08
CA LYS C 346 2.32 41.42 -65.54
C LYS C 346 3.63 40.68 -65.19
N ASN C 347 3.66 40.05 -64.02
CA ASN C 347 4.84 39.30 -63.58
C ASN C 347 5.04 38.06 -64.46
N LEU C 348 3.93 37.43 -64.84
CA LEU C 348 3.96 36.22 -65.68
C LEU C 348 4.36 36.57 -67.11
N GLU C 349 3.84 37.68 -67.64
CA GLU C 349 4.17 38.10 -69.00
C GLU C 349 5.67 38.39 -69.13
N LEU C 350 6.22 39.07 -68.12
CA LEU C 350 7.64 39.40 -68.06
C LEU C 350 8.54 38.15 -68.01
N VAL C 351 8.07 37.09 -67.34
CA VAL C 351 8.85 35.83 -67.28
C VAL C 351 9.13 35.29 -68.69
N PHE C 352 8.13 35.34 -69.57
CA PHE C 352 8.24 34.82 -70.93
C PHE C 352 8.71 35.81 -71.99
N ARG C 353 8.64 37.11 -71.71
CA ARG C 353 9.21 38.09 -72.63
C ARG C 353 10.72 37.93 -72.41
N CYS C 354 11.13 37.80 -71.15
CA CYS C 354 12.53 37.60 -70.79
C CYS C 354 13.11 36.29 -71.39
N LEU C 355 12.39 35.17 -71.26
CA LEU C 355 12.87 33.90 -71.84
C LEU C 355 12.98 33.96 -73.37
N GLU C 356 11.94 34.49 -74.03
CA GLU C 356 11.91 34.58 -75.51
C GLU C 356 13.10 35.33 -76.12
N GLY D 1 -24.55 -8.76 -23.72
CA GLY D 1 -23.87 -9.56 -22.66
C GLY D 1 -23.03 -8.66 -21.76
N MSE D 2 -22.46 -9.23 -20.71
CA MSE D 2 -21.68 -8.44 -19.77
CA MSE D 2 -21.62 -8.46 -19.75
C MSE D 2 -20.53 -7.66 -20.44
O MSE D 2 -20.27 -6.53 -20.04
CB MSE D 2 -21.15 -9.30 -18.62
CB MSE D 2 -20.94 -9.39 -18.72
CG MSE D 2 -20.61 -8.48 -17.45
CG MSE D 2 -19.81 -8.70 -17.88
SE MSE D 2 -21.94 -7.23 -16.79
SE MSE D 2 -18.03 -8.54 -18.73
CE MSE D 2 -23.30 -8.50 -16.25
CE MSE D 2 -17.15 -7.23 -17.63
N THR D 3 -19.89 -8.25 -21.45
CA THR D 3 -18.78 -7.59 -22.18
C THR D 3 -19.23 -6.24 -22.74
N ASN D 4 -20.45 -6.21 -23.27
CA ASN D 4 -21.03 -4.99 -23.86
C ASN D 4 -21.52 -4.00 -22.80
N THR D 5 -22.16 -4.52 -21.75
CA THR D 5 -22.67 -3.69 -20.66
C THR D 5 -21.51 -2.97 -19.96
N LEU D 6 -20.43 -3.69 -19.69
CA LEU D 6 -19.24 -3.11 -19.04
C LEU D 6 -18.59 -2.04 -19.93
N LYS D 7 -18.41 -2.36 -21.21
CA LYS D 7 -17.82 -1.42 -22.16
C LYS D 7 -18.64 -0.14 -22.17
N THR D 8 -19.97 -0.26 -22.34
CA THR D 8 -20.87 0.90 -22.38
C THR D 8 -20.81 1.77 -21.12
N SER D 9 -20.82 1.12 -19.96
CA SER D 9 -20.72 1.82 -18.69
C SER D 9 -19.40 2.61 -18.58
N TYR D 10 -18.30 1.97 -18.95
CA TYR D 10 -16.99 2.59 -18.90
C TYR D 10 -16.90 3.84 -19.79
N GLN D 11 -17.42 3.71 -21.01
CA GLN D 11 -17.46 4.80 -21.99
CA GLN D 11 -17.42 4.80 -21.98
C GLN D 11 -18.20 6.02 -21.47
N LYS D 12 -19.26 5.81 -20.68
CA LYS D 12 -20.07 6.93 -20.16
C LYS D 12 -19.50 7.67 -18.94
N THR D 13 -18.45 7.14 -18.31
CA THR D 13 -17.87 7.77 -17.12
C THR D 13 -17.13 9.06 -17.43
N PRO D 14 -17.39 10.14 -16.65
CA PRO D 14 -16.63 11.38 -16.88
C PRO D 14 -15.18 11.36 -16.35
N TYR D 15 -14.88 10.44 -15.42
CA TYR D 15 -13.58 10.33 -14.80
C TYR D 15 -13.08 8.92 -15.01
N LYS D 16 -11.77 8.74 -14.94
CA LYS D 16 -11.13 7.45 -15.19
C LYS D 16 -9.95 7.27 -14.29
N LEU D 17 -9.75 6.04 -13.79
CA LEU D 17 -8.54 5.72 -13.04
C LEU D 17 -7.34 5.72 -13.97
N GLY D 18 -7.49 5.12 -15.14
CA GLY D 18 -6.38 5.04 -16.09
C GLY D 18 -6.35 6.07 -17.21
N GLY D 19 -5.19 6.16 -17.85
CA GLY D 19 -5.01 6.99 -19.06
C GLY D 19 -4.88 8.49 -18.88
N ASN D 20 -4.88 9.17 -20.01
CA ASN D 20 -4.69 10.61 -20.08
C ASN D 20 -5.85 11.37 -20.66
N GLY D 21 -7.08 10.91 -20.44
CA GLY D 21 -8.26 11.57 -20.94
C GLY D 21 -8.64 11.13 -22.35
N PRO D 22 -9.75 11.66 -22.87
CA PRO D 22 -10.17 11.21 -24.20
C PRO D 22 -9.16 11.45 -25.33
N ARG D 23 -9.08 10.48 -26.25
CA ARG D 23 -8.24 10.60 -27.44
CA ARG D 23 -8.24 10.62 -27.44
C ARG D 23 -9.11 11.27 -28.51
N ASN D 24 -9.10 12.60 -28.53
CA ASN D 24 -9.89 13.38 -29.49
C ASN D 24 -9.08 14.41 -30.26
N VAL D 25 -9.73 15.13 -31.19
CA VAL D 25 -9.00 16.11 -32.04
C VAL D 25 -8.39 17.22 -31.19
N GLY D 26 -9.03 17.52 -30.07
CA GLY D 26 -8.50 18.51 -29.10
C GLY D 26 -7.08 18.23 -28.63
N VAL D 27 -6.67 16.97 -28.66
CA VAL D 27 -5.29 16.59 -28.24
C VAL D 27 -4.30 17.25 -29.20
N LEU D 28 -4.64 17.19 -30.49
CA LEU D 28 -3.83 17.81 -31.52
C LEU D 28 -3.92 19.33 -31.47
N THR D 29 -5.12 19.88 -31.39
CA THR D 29 -5.24 21.34 -31.40
C THR D 29 -4.58 21.97 -30.18
N GLU D 30 -4.63 21.34 -29.00
CA GLU D 30 -3.89 21.90 -27.86
C GLU D 30 -2.37 21.93 -28.13
N ALA D 31 -1.82 20.88 -28.76
CA ALA D 31 -0.40 20.85 -29.08
C ALA D 31 0.06 21.92 -30.03
N LEU D 32 -0.84 22.40 -30.89
CA LEU D 32 -0.51 23.39 -31.92
C LEU D 32 -0.76 24.84 -31.48
N GLN D 33 -1.28 25.06 -30.26
CA GLN D 33 -1.58 26.40 -29.79
C GLN D 33 -0.37 27.37 -29.85
N ASN D 34 0.81 26.87 -29.51
CA ASN D 34 2.02 27.71 -29.46
C ASN D 34 2.90 27.63 -30.72
N ILE D 35 2.42 26.95 -31.75
CA ILE D 35 3.18 26.74 -32.99
C ILE D 35 2.81 27.78 -34.05
N ASP D 36 3.81 28.35 -34.72
CA ASP D 36 3.58 29.34 -35.77
C ASP D 36 3.06 28.67 -37.04
N ASP D 37 1.96 29.18 -37.58
CA ASP D 37 1.40 28.61 -38.81
C ASP D 37 2.40 28.66 -39.98
N ASN D 38 3.38 29.55 -39.90
CA ASN D 38 4.39 29.62 -40.97
C ASN D 38 5.53 28.63 -40.78
N LEU D 39 5.54 27.85 -39.71
CA LEU D 39 6.58 26.84 -39.50
C LEU D 39 6.56 25.86 -40.66
N GLU D 40 7.72 25.65 -41.27
CA GLU D 40 7.82 24.76 -42.42
C GLU D 40 7.73 23.30 -42.04
N SER D 41 7.02 22.54 -42.85
CA SER D 41 6.96 21.11 -42.64
C SER D 41 8.32 20.49 -42.87
N ASP D 42 8.53 19.37 -42.19
CA ASP D 42 9.65 18.49 -42.52
C ASP D 42 9.39 17.97 -43.96
N ILE D 43 10.44 17.49 -44.64
CA ILE D 43 10.29 16.96 -46.00
C ILE D 43 11.10 15.66 -46.10
N TYR D 44 10.37 14.54 -46.16
CA TYR D 44 10.96 13.20 -46.29
C TYR D 44 12.19 12.99 -45.38
N GLY D 45 11.98 13.25 -44.09
CA GLY D 45 12.98 12.97 -43.07
C GLY D 45 13.94 14.11 -42.73
N ASN D 46 13.85 15.23 -43.42
CA ASN D 46 14.74 16.36 -43.23
C ASN D 46 13.98 17.62 -42.89
N GLY D 47 14.68 18.57 -42.29
CA GLY D 47 14.08 19.84 -41.93
C GLY D 47 14.17 20.01 -40.43
N ALA D 48 14.19 21.26 -39.97
CA ALA D 48 14.38 21.54 -38.55
C ALA D 48 13.35 20.88 -37.66
N VAL D 49 12.08 20.84 -38.08
CA VAL D 49 11.05 20.30 -37.17
C VAL D 49 11.35 18.85 -36.79
N ILE D 50 11.79 18.03 -37.75
CA ILE D 50 12.11 16.62 -37.44
C ILE D 50 13.52 16.46 -36.87
N GLU D 51 14.49 17.15 -37.47
CA GLU D 51 15.90 17.07 -37.06
C GLU D 51 16.12 17.56 -35.63
N ASP D 52 15.47 18.67 -35.26
CA ASP D 52 15.58 19.19 -33.90
C ASP D 52 15.03 18.21 -32.87
N PHE D 53 13.88 17.56 -33.15
CA PHE D 53 13.29 16.65 -32.18
C PHE D 53 14.15 15.40 -32.05
N GLU D 54 14.63 14.87 -33.17
CA GLU D 54 15.49 13.70 -33.15
C GLU D 54 16.76 13.98 -32.33
N THR D 55 17.37 15.13 -32.56
CA THR D 55 18.57 15.50 -31.79
C THR D 55 18.27 15.58 -30.29
N LYS D 56 17.16 16.22 -29.95
CA LYS D 56 16.73 16.39 -28.57
C LYS D 56 16.56 15.08 -27.86
N ILE D 57 15.87 14.12 -28.49
CA ILE D 57 15.64 12.82 -27.86
C ILE D 57 16.91 12.01 -27.83
N ALA D 58 17.71 12.06 -28.90
CA ALA D 58 19.01 11.37 -28.92
C ALA D 58 19.85 11.81 -27.72
N LYS D 59 19.84 13.11 -27.43
CA LYS D 59 20.63 13.64 -26.30
C LYS D 59 20.14 13.10 -24.95
N ILE D 60 18.82 13.06 -24.80
CA ILE D 60 18.16 12.51 -23.61
C ILE D 60 18.48 11.02 -23.40
N LEU D 61 18.54 10.29 -24.50
CA LEU D 61 18.85 8.86 -24.46
C LEU D 61 20.35 8.58 -24.41
N GLY D 62 21.16 9.62 -24.61
CA GLY D 62 22.63 9.49 -24.61
C GLY D 62 23.16 8.72 -25.82
N LYS D 63 22.47 8.81 -26.95
CA LYS D 63 22.87 8.11 -28.15
C LYS D 63 23.28 9.11 -29.20
N GLN D 64 24.16 8.67 -30.11
CA GLN D 64 24.68 9.54 -31.14
C GLN D 64 23.62 10.15 -31.99
N SER D 65 22.67 9.32 -32.43
N SER D 65 22.68 9.33 -32.45
CA SER D 65 21.64 9.76 -33.34
CA SER D 65 21.64 9.79 -33.35
C SER D 65 20.29 9.10 -33.08
C SER D 65 20.31 9.10 -33.10
N ALA D 66 19.27 9.68 -33.68
CA ALA D 66 17.89 9.18 -33.59
C ALA D 66 17.17 9.47 -34.90
N VAL D 67 16.14 8.67 -35.15
CA VAL D 67 15.28 8.83 -36.31
C VAL D 67 13.83 8.70 -35.84
N PHE D 68 12.99 9.63 -36.28
CA PHE D 68 11.59 9.61 -35.93
C PHE D 68 10.82 8.67 -36.87
N PHE D 69 10.15 7.71 -36.29
CA PHE D 69 9.34 6.72 -37.02
C PHE D 69 7.86 6.89 -36.78
N PRO D 70 7.05 6.59 -37.80
CA PRO D 70 5.59 6.68 -37.48
C PRO D 70 5.13 5.63 -36.45
N SER D 71 5.84 4.49 -36.36
CA SER D 71 5.51 3.47 -35.39
C SER D 71 6.69 2.68 -34.85
N GLY D 72 6.51 2.18 -33.63
CA GLY D 72 7.46 1.28 -33.03
C GLY D 72 7.43 -0.08 -33.68
N THR D 73 6.27 -0.45 -34.24
CA THR D 73 6.16 -1.73 -34.92
C THR D 73 7.17 -1.77 -36.11
N MSE D 74 7.18 -0.72 -36.91
CA MSE D 74 8.11 -0.60 -38.01
C MSE D 74 9.56 -0.47 -37.48
O MSE D 74 10.46 -1.17 -37.93
CB MSE D 74 7.76 0.64 -38.85
CG MSE D 74 8.62 0.89 -40.04
SE MSE D 74 8.12 2.58 -40.88
CE MSE D 74 6.33 2.07 -41.56
N ALA D 75 9.74 0.39 -36.49
CA ALA D 75 11.09 0.68 -35.94
C ALA D 75 11.86 -0.54 -35.40
N GLN D 76 11.16 -1.39 -34.65
CA GLN D 76 11.80 -2.51 -33.99
C GLN D 76 12.15 -3.67 -34.92
N GLN D 77 11.27 -3.96 -35.90
CA GLN D 77 11.60 -4.97 -36.92
C GLN D 77 12.87 -4.56 -37.67
N ILE D 78 12.97 -3.28 -37.97
CA ILE D 78 14.11 -2.72 -38.66
C ILE D 78 15.36 -2.83 -37.82
N ALA D 79 15.26 -2.46 -36.56
CA ALA D 79 16.43 -2.58 -35.68
C ALA D 79 16.93 -4.00 -35.66
N LEU D 80 16.04 -4.97 -35.51
CA LEU D 80 16.42 -6.37 -35.44
C LEU D 80 17.04 -6.88 -36.75
N ARG D 81 16.50 -6.43 -37.88
CA ARG D 81 17.10 -6.79 -39.19
C ARG D 81 18.51 -6.22 -39.33
N ILE D 82 18.71 -4.96 -38.94
CA ILE D 82 20.05 -4.34 -39.02
C ILE D 82 21.08 -5.15 -38.24
N TRP D 83 20.77 -5.48 -36.98
CA TRP D 83 21.72 -6.28 -36.20
C TRP D 83 21.91 -7.72 -36.77
N ALA D 84 20.84 -8.29 -37.35
CA ALA D 84 20.90 -9.60 -37.98
C ALA D 84 21.84 -9.58 -39.18
N ASP D 85 21.81 -8.49 -39.95
CA ASP D 85 22.74 -8.36 -41.08
C ASP D 85 24.18 -8.20 -40.56
N ARG D 86 24.36 -7.39 -39.51
CA ARG D 86 25.72 -7.14 -38.97
C ARG D 86 26.40 -8.44 -38.50
N LYS D 87 25.61 -9.27 -37.82
CA LYS D 87 26.10 -10.53 -37.24
CA LYS D 87 26.07 -10.52 -37.23
C LYS D 87 25.90 -11.74 -38.15
N GLU D 88 25.25 -11.54 -39.30
CA GLU D 88 24.96 -12.62 -40.26
C GLU D 88 24.25 -13.77 -39.52
N ASN D 89 23.14 -13.43 -38.85
CA ASN D 89 22.40 -14.41 -38.05
C ASN D 89 20.98 -13.94 -37.87
N ARG D 90 20.03 -14.63 -38.54
CA ARG D 90 18.60 -14.29 -38.48
C ARG D 90 17.80 -14.79 -37.27
N ARG D 91 18.48 -15.26 -36.23
N ARG D 91 18.49 -15.23 -36.22
CA ARG D 91 17.82 -15.62 -34.98
CA ARG D 91 17.84 -15.67 -34.99
C ARG D 91 17.98 -14.49 -34.00
C ARG D 91 18.00 -14.52 -33.97
N VAL D 92 16.94 -14.26 -33.22
CA VAL D 92 16.92 -13.25 -32.16
C VAL D 92 16.30 -13.95 -30.94
N ALA D 93 16.35 -13.33 -29.77
CA ALA D 93 15.77 -13.93 -28.56
C ALA D 93 15.05 -12.86 -27.77
N TYR D 94 13.84 -13.17 -27.30
CA TYR D 94 13.06 -12.25 -26.52
C TYR D 94 11.99 -12.99 -25.70
N HIS D 95 11.30 -12.25 -24.82
CA HIS D 95 10.26 -12.84 -23.96
C HIS D 95 9.12 -13.37 -24.86
N PRO D 96 8.48 -14.49 -24.48
CA PRO D 96 7.40 -15.02 -25.30
C PRO D 96 6.28 -14.01 -25.64
N LEU D 97 6.05 -13.02 -24.79
CA LEU D 97 4.96 -12.06 -25.01
C LEU D 97 5.45 -10.69 -25.49
N SER D 98 6.61 -10.68 -26.15
CA SER D 98 7.13 -9.46 -26.79
C SER D 98 6.09 -8.96 -27.78
N HIS D 99 6.02 -7.64 -27.95
CA HIS D 99 5.08 -7.00 -28.88
C HIS D 99 5.31 -7.55 -30.28
N LEU D 100 6.58 -7.79 -30.65
CA LEU D 100 6.92 -8.31 -31.97
C LEU D 100 6.31 -9.70 -32.18
N GLU D 101 6.22 -10.51 -31.11
CA GLU D 101 5.71 -11.88 -31.21
C GLU D 101 4.21 -12.04 -31.28
N ILE D 102 3.48 -11.14 -30.63
CA ILE D 102 2.02 -11.32 -30.49
C ILE D 102 1.11 -10.20 -30.98
N HIS D 103 1.63 -8.98 -31.21
CA HIS D 103 0.78 -7.82 -31.57
C HIS D 103 1.04 -7.20 -32.94
N GLU D 104 1.84 -7.86 -33.78
CA GLU D 104 2.22 -7.25 -35.07
C GLU D 104 1.89 -8.14 -36.27
N GLN D 105 0.90 -9.02 -36.12
CA GLN D 105 0.49 -9.96 -37.16
C GLN D 105 1.70 -10.67 -37.78
N ASP D 106 2.64 -11.06 -36.94
CA ASP D 106 3.82 -11.83 -37.36
C ASP D 106 4.76 -11.12 -38.34
N GLY D 107 4.73 -9.78 -38.32
CA GLY D 107 5.54 -8.97 -39.20
C GLY D 107 7.02 -9.30 -39.24
N LEU D 108 7.62 -9.49 -38.06
CA LEU D 108 9.05 -9.82 -37.96
C LEU D 108 9.37 -11.10 -38.77
N LYS D 109 8.54 -12.11 -38.61
CA LYS D 109 8.71 -13.39 -39.31
C LYS D 109 8.36 -13.28 -40.81
N GLU D 110 7.26 -12.59 -41.13
CA GLU D 110 6.79 -12.51 -42.51
C GLU D 110 7.55 -11.56 -43.41
N LEU D 111 8.00 -10.44 -42.85
CA LEU D 111 8.74 -9.42 -43.63
C LEU D 111 10.27 -9.52 -43.55
N GLN D 112 10.77 -10.03 -42.42
CA GLN D 112 12.21 -10.17 -42.22
C GLN D 112 12.72 -11.60 -42.17
N GLN D 113 11.82 -12.59 -42.19
CA GLN D 113 12.24 -14.01 -42.07
C GLN D 113 13.21 -14.22 -40.91
N ILE D 114 12.93 -13.56 -39.80
CA ILE D 114 13.68 -13.66 -38.57
C ILE D 114 13.01 -14.72 -37.66
N THR D 115 13.83 -15.56 -37.04
CA THR D 115 13.35 -16.64 -36.19
C THR D 115 13.56 -16.28 -34.71
N PRO D 116 12.49 -15.91 -33.97
CA PRO D 116 12.69 -15.57 -32.56
C PRO D 116 12.68 -16.77 -31.64
N LEU D 117 13.70 -16.86 -30.82
CA LEU D 117 13.82 -17.90 -29.82
C LEU D 117 13.21 -17.29 -28.57
N LEU D 118 12.25 -17.97 -27.95
CA LEU D 118 11.55 -17.38 -26.81
C LEU D 118 12.32 -17.67 -25.50
N LEU D 119 12.47 -16.65 -24.69
CA LEU D 119 13.26 -16.71 -23.45
C LEU D 119 12.39 -16.95 -22.22
N GLY D 120 12.62 -18.08 -21.57
CA GLY D 120 11.94 -18.42 -20.34
C GLY D 120 10.51 -18.89 -20.53
N THR D 121 9.60 -18.33 -19.73
N THR D 121 9.59 -18.38 -19.71
CA THR D 121 8.19 -18.70 -19.74
CA THR D 121 8.16 -18.74 -19.83
C THR D 121 7.34 -17.44 -19.89
C THR D 121 7.35 -17.46 -19.90
N ALA D 122 6.14 -17.58 -20.46
CA ALA D 122 5.24 -16.48 -20.69
C ALA D 122 4.74 -15.72 -19.45
N ASN D 123 4.71 -16.37 -18.29
CA ASN D 123 4.22 -15.71 -17.06
C ASN D 123 5.29 -15.14 -16.11
N GLN D 124 6.54 -15.14 -16.55
CA GLN D 124 7.66 -14.70 -15.71
C GLN D 124 8.63 -13.85 -16.49
N LEU D 125 9.44 -13.09 -15.76
CA LEU D 125 10.54 -12.34 -16.33
C LEU D 125 11.60 -13.29 -16.85
N LEU D 126 12.20 -12.91 -17.97
CA LEU D 126 13.30 -13.67 -18.53
C LEU D 126 14.54 -13.38 -17.66
N THR D 127 15.47 -14.34 -17.64
CA THR D 127 16.68 -14.16 -16.84
C THR D 127 17.93 -14.38 -17.65
N ILE D 128 19.05 -13.97 -17.07
CA ILE D 128 20.33 -14.19 -17.72
C ILE D 128 20.54 -15.69 -17.96
N ASP D 129 19.97 -16.57 -17.11
CA ASP D 129 20.13 -18.02 -17.34
C ASP D 129 19.39 -18.48 -18.58
N ASP D 130 18.25 -17.86 -18.89
CA ASP D 130 17.48 -18.16 -20.11
C ASP D 130 18.33 -17.85 -21.35
N ILE D 131 19.04 -16.71 -21.30
CA ILE D 131 19.92 -16.30 -22.41
C ILE D 131 21.09 -17.30 -22.55
N LYS D 132 21.70 -17.64 -21.42
CA LYS D 132 22.81 -18.62 -21.39
C LYS D 132 22.40 -20.03 -21.83
N SER D 133 21.11 -20.34 -21.73
CA SER D 133 20.56 -21.63 -22.10
C SER D 133 20.11 -21.73 -23.55
N LEU D 134 20.22 -20.64 -24.31
CA LEU D 134 19.84 -20.67 -25.73
C LEU D 134 20.65 -21.78 -26.42
N ARG D 135 19.98 -22.50 -27.33
CA ARG D 135 20.58 -23.66 -28.00
C ARG D 135 21.30 -23.32 -29.30
N GLU D 136 21.21 -22.06 -29.71
CA GLU D 136 21.94 -21.56 -30.87
C GLU D 136 22.27 -20.10 -30.68
N PRO D 137 23.32 -19.63 -31.35
CA PRO D 137 23.63 -18.22 -31.20
C PRO D 137 22.55 -17.34 -31.82
N VAL D 138 22.44 -16.12 -31.31
CA VAL D 138 21.50 -15.14 -31.83
C VAL D 138 22.24 -13.85 -32.15
N SER D 139 21.71 -13.07 -33.08
CA SER D 139 22.31 -11.78 -33.39
C SER D 139 21.98 -10.74 -32.33
N SER D 140 20.79 -10.82 -31.74
N SER D 140 20.77 -10.80 -31.78
CA SER D 140 20.38 -9.87 -30.72
CA SER D 140 20.29 -9.84 -30.78
C SER D 140 19.39 -10.45 -29.73
C SER D 140 19.40 -10.48 -29.72
N VAL D 141 19.34 -9.81 -28.57
CA VAL D 141 18.36 -10.12 -27.52
C VAL D 141 17.58 -8.80 -27.34
N LEU D 142 16.26 -8.87 -27.35
CA LEU D 142 15.40 -7.70 -27.09
C LEU D 142 14.88 -7.79 -25.66
N ILE D 143 14.94 -6.67 -24.92
CA ILE D 143 14.46 -6.56 -23.55
C ILE D 143 13.41 -5.47 -23.52
N GLU D 144 12.23 -5.76 -22.94
CA GLU D 144 11.17 -4.76 -22.78
C GLU D 144 11.12 -4.31 -21.33
N LEU D 145 11.39 -3.04 -21.09
CA LEU D 145 11.40 -2.49 -19.73
C LEU D 145 10.25 -1.50 -19.59
N PRO D 146 9.22 -1.82 -18.76
CA PRO D 146 8.98 -3.04 -18.01
C PRO D 146 8.28 -4.02 -18.93
N GLN D 147 8.12 -5.27 -18.51
CA GLN D 147 7.43 -6.29 -19.32
C GLN D 147 5.91 -6.11 -19.14
N ARG D 148 5.31 -5.36 -20.05
CA ARG D 148 3.89 -4.97 -19.96
C ARG D 148 2.89 -6.12 -19.82
N GLU D 149 3.08 -7.17 -20.62
CA GLU D 149 2.11 -8.26 -20.65
C GLU D 149 2.04 -9.04 -19.33
N ILE D 150 3.07 -8.93 -18.49
CA ILE D 150 3.01 -9.55 -17.16
C ILE D 150 2.81 -8.53 -16.02
N GLY D 151 2.16 -7.41 -16.35
CA GLY D 151 1.81 -6.36 -15.40
C GLY D 151 2.78 -5.20 -15.27
N GLY D 152 3.87 -5.20 -16.04
CA GLY D 152 4.89 -4.16 -15.93
C GLY D 152 5.93 -4.60 -14.91
N GLN D 153 6.60 -5.71 -15.19
CA GLN D 153 7.62 -6.22 -14.27
C GLN D 153 9.04 -5.85 -14.77
N LEU D 154 9.94 -5.70 -13.80
CA LEU D 154 11.31 -5.30 -14.06
C LEU D 154 12.33 -6.16 -13.33
N PRO D 155 13.47 -6.39 -13.96
CA PRO D 155 14.54 -7.05 -13.25
C PRO D 155 15.29 -6.00 -12.42
N ALA D 156 16.07 -6.44 -11.44
CA ALA D 156 16.92 -5.53 -10.69
C ALA D 156 17.85 -4.88 -11.70
N PHE D 157 18.20 -3.62 -11.48
CA PHE D 157 19.07 -2.94 -12.42
C PHE D 157 20.41 -3.67 -12.54
N GLU D 158 20.93 -4.20 -11.43
CA GLU D 158 22.20 -4.91 -11.46
C GLU D 158 22.10 -6.16 -12.32
N GLU D 159 20.93 -6.80 -12.35
CA GLU D 159 20.68 -7.98 -13.19
C GLU D 159 20.69 -7.56 -14.66
N LEU D 160 20.13 -6.38 -14.93
CA LEU D 160 20.12 -5.84 -16.28
C LEU D 160 21.55 -5.54 -16.72
N GLU D 161 22.37 -5.01 -15.80
CA GLU D 161 23.80 -4.73 -16.08
C GLU D 161 24.53 -6.01 -16.45
N LYS D 162 24.20 -7.10 -15.76
CA LYS D 162 24.85 -8.39 -16.01
C LYS D 162 24.41 -9.03 -17.33
N ILE D 163 23.18 -8.74 -17.74
CA ILE D 163 22.69 -9.22 -19.02
C ILE D 163 23.44 -8.49 -20.13
N SER D 164 23.64 -7.20 -19.94
CA SER D 164 24.32 -6.33 -20.90
C SER D 164 25.78 -6.79 -21.05
N GLU D 165 26.45 -6.99 -19.91
CA GLU D 165 27.85 -7.45 -19.90
C GLU D 165 28.02 -8.82 -20.58
N TYR D 166 27.13 -9.76 -20.29
CA TYR D 166 27.18 -11.06 -20.93
C TYR D 166 27.01 -10.94 -22.46
N CYS D 167 25.99 -10.21 -22.90
CA CYS D 167 25.75 -10.02 -24.33
C CYS D 167 26.95 -9.39 -25.02
N HIS D 168 27.57 -8.40 -24.37
CA HIS D 168 28.77 -7.72 -24.90
C HIS D 168 29.90 -8.72 -25.12
N GLU D 169 30.11 -9.59 -24.13
N GLU D 169 30.12 -9.60 -24.15
CA GLU D 169 31.12 -10.65 -24.19
CA GLU D 169 31.19 -10.59 -24.25
C GLU D 169 30.88 -11.56 -25.37
C GLU D 169 30.92 -11.67 -25.31
N GLN D 170 29.63 -11.98 -25.54
CA GLN D 170 29.26 -12.96 -26.56
C GLN D 170 29.03 -12.38 -27.97
N GLY D 171 29.14 -11.06 -28.12
CA GLY D 171 28.91 -10.41 -29.42
C GLY D 171 27.43 -10.40 -29.79
N ILE D 172 26.57 -10.31 -28.79
CA ILE D 172 25.13 -10.30 -29.00
C ILE D 172 24.68 -8.86 -28.85
N SER D 173 24.07 -8.27 -29.87
CA SER D 173 23.53 -6.91 -29.78
C SER D 173 22.34 -6.88 -28.80
N LEU D 174 22.22 -5.81 -28.02
CA LEU D 174 21.15 -5.73 -27.03
C LEU D 174 20.26 -4.55 -27.39
N HIS D 175 18.97 -4.83 -27.63
CA HIS D 175 18.02 -3.82 -28.03
C HIS D 175 16.92 -3.61 -27.00
N LEU D 176 16.61 -2.34 -26.74
CA LEU D 176 15.60 -1.97 -25.75
C LEU D 176 14.25 -1.57 -26.35
N ASP D 177 13.22 -2.35 -26.01
CA ASP D 177 11.85 -1.97 -26.31
C ASP D 177 11.47 -1.08 -25.13
N GLY D 178 11.69 0.22 -25.33
CA GLY D 178 11.45 1.25 -24.35
C GLY D 178 10.15 1.95 -24.59
N ALA D 179 9.14 1.22 -25.06
CA ALA D 179 7.81 1.80 -25.24
C ALA D 179 7.36 2.54 -23.99
N ARG D 180 7.73 1.97 -22.82
CA ARG D 180 7.40 2.54 -21.49
C ARG D 180 8.67 2.86 -20.67
N LEU D 181 9.73 3.29 -21.35
CA LEU D 181 10.99 3.65 -20.66
C LEU D 181 10.83 4.81 -19.68
N TRP D 182 10.13 5.84 -20.11
CA TRP D 182 9.97 7.04 -19.31
C TRP D 182 9.41 6.72 -17.91
N GLU D 183 8.45 5.81 -17.88
CA GLU D 183 7.72 5.41 -16.72
C GLU D 183 8.52 4.66 -15.65
N ILE D 184 9.68 4.09 -16.01
CA ILE D 184 10.50 3.30 -15.06
C ILE D 184 11.68 4.04 -14.45
N THR D 185 11.97 5.25 -14.91
CA THR D 185 13.10 5.98 -14.31
C THR D 185 12.91 6.27 -12.81
N PRO D 186 11.65 6.48 -12.35
CA PRO D 186 11.50 6.71 -10.89
C PRO D 186 11.84 5.49 -10.04
N PHE D 187 11.34 4.30 -10.41
CA PHE D 187 11.68 3.10 -9.64
C PHE D 187 13.19 2.77 -9.63
N TYR D 188 13.83 2.85 -10.79
CA TYR D 188 15.25 2.53 -10.89
C TYR D 188 16.18 3.61 -10.33
N GLN D 189 15.71 4.84 -10.24
CA GLN D 189 16.54 5.99 -9.82
C GLN D 189 17.76 6.10 -10.75
N LYS D 190 17.50 5.87 -12.05
CA LYS D 190 18.49 6.02 -13.11
C LYS D 190 17.86 6.87 -14.20
N SER D 191 18.65 7.75 -14.83
CA SER D 191 18.14 8.53 -15.94
C SER D 191 17.89 7.62 -17.16
N ALA D 192 17.14 8.10 -18.12
CA ALA D 192 16.93 7.42 -19.39
C ALA D 192 18.30 7.10 -19.99
N GLU D 193 19.23 8.04 -19.87
CA GLU D 193 20.58 7.88 -20.40
C GLU D 193 21.35 6.73 -19.75
N GLU D 194 21.28 6.65 -18.43
CA GLU D 194 21.93 5.56 -17.67
C GLU D 194 21.35 4.20 -18.03
N ILE D 195 20.03 4.13 -18.18
CA ILE D 195 19.39 2.87 -18.60
C ILE D 195 19.78 2.50 -20.05
N CYS D 196 19.77 3.49 -20.95
CA CYS D 196 20.08 3.23 -22.37
C CYS D 196 21.55 2.94 -22.63
N ALA D 197 22.44 3.31 -21.69
CA ALA D 197 23.87 3.06 -21.84
C ALA D 197 24.18 1.56 -21.91
N LEU D 198 23.27 0.73 -21.42
CA LEU D 198 23.47 -0.71 -21.42
C LEU D 198 23.07 -1.38 -22.74
N PHE D 199 22.55 -0.57 -23.66
CA PHE D 199 21.98 -1.05 -24.90
C PHE D 199 22.64 -0.49 -26.15
N ASP D 200 22.66 -1.32 -27.20
CA ASP D 200 23.19 -0.92 -28.50
C ASP D 200 22.18 0.01 -29.20
N SER D 201 20.89 -0.33 -29.12
CA SER D 201 19.82 0.47 -29.75
C SER D 201 18.58 0.50 -28.83
N VAL D 202 17.77 1.54 -29.03
CA VAL D 202 16.62 1.82 -28.18
C VAL D 202 15.47 2.41 -28.99
N TYR D 203 14.27 1.89 -28.71
CA TYR D 203 13.01 2.41 -29.25
C TYR D 203 12.20 3.00 -28.09
N VAL D 204 11.71 4.23 -28.25
CA VAL D 204 10.83 4.87 -27.29
C VAL D 204 9.54 5.33 -28.01
N SER D 205 8.42 5.34 -27.29
N SER D 205 8.41 5.33 -27.29
CA SER D 205 7.12 5.79 -27.81
CA SER D 205 7.09 5.77 -27.77
C SER D 205 6.76 7.16 -27.24
C SER D 205 6.68 7.12 -27.18
N PHE D 206 5.83 7.83 -27.93
CA PHE D 206 5.28 9.12 -27.49
C PHE D 206 3.76 9.10 -27.27
N TYR D 207 3.15 7.92 -27.37
CA TYR D 207 1.71 7.85 -27.10
C TYR D 207 1.30 6.90 -25.96
N1 LLP D 208 6.30 -2.42 -28.08
C2 LLP D 208 5.53 -2.19 -26.97
C2' LLP D 208 5.92 -2.79 -25.63
C3 LLP D 208 4.39 -1.37 -27.07
O3 LLP D 208 3.71 -1.15 -26.04
C4 LLP D 208 4.01 -0.79 -28.27
C4' LLP D 208 2.77 0.09 -28.28
C5 LLP D 208 4.79 -1.08 -29.41
C6 LLP D 208 5.93 -1.89 -29.31
C5' LLP D 208 4.47 -0.61 -30.79
OP4 LLP D 208 4.20 0.75 -31.04
P LLP D 208 3.40 1.33 -32.30
OP1 LLP D 208 4.01 2.69 -32.43
OP2 LLP D 208 1.95 1.26 -31.93
OP3 LLP D 208 3.67 0.42 -33.44
N LLP D 208 2.25 6.36 -25.23
CA LLP D 208 1.95 5.48 -24.11
CB LLP D 208 2.96 4.31 -24.00
CG LLP D 208 3.14 3.43 -25.27
CD LLP D 208 1.83 2.83 -25.78
CE LLP D 208 1.97 2.07 -27.14
NZ LLP D 208 2.57 0.70 -27.09
C LLP D 208 1.89 6.38 -22.86
O LLP D 208 0.93 7.11 -22.67
N GLY D 209 2.93 6.35 -22.02
CA GLY D 209 2.96 7.17 -20.79
C GLY D 209 2.99 8.67 -21.04
N ILE D 210 3.50 9.06 -22.22
CA ILE D 210 3.55 10.45 -22.59
C ILE D 210 2.15 10.92 -23.01
N GLY D 211 1.32 10.01 -23.52
CA GLY D 211 -0.04 10.40 -23.91
C GLY D 211 -0.19 11.33 -25.13
N GLY D 212 0.81 11.32 -26.02
CA GLY D 212 0.74 11.98 -27.31
C GLY D 212 -0.16 11.22 -28.25
N ILE D 213 -0.06 11.49 -29.54
CA ILE D 213 -0.99 10.92 -30.49
C ILE D 213 -0.47 9.63 -31.05
N ALA D 214 0.74 9.71 -31.63
CA ALA D 214 1.41 8.53 -32.15
C ALA D 214 2.88 8.86 -32.39
N GLY D 215 3.67 7.84 -32.69
CA GLY D 215 5.06 8.05 -33.04
C GLY D 215 6.08 7.40 -32.15
N ALA D 216 7.29 7.28 -32.68
CA ALA D 216 8.37 6.55 -32.03
C ALA D 216 9.73 7.17 -32.39
N ILE D 217 10.72 6.95 -31.54
CA ILE D 217 12.11 7.27 -31.85
C ILE D 217 12.91 5.97 -31.77
N LEU D 218 13.76 5.75 -32.76
CA LEU D 218 14.74 4.68 -32.72
C LEU D 218 16.10 5.41 -32.63
N ALA D 219 16.91 5.07 -31.63
CA ALA D 219 18.20 5.71 -31.44
C ALA D 219 19.34 4.72 -31.23
N GLY D 220 20.53 5.15 -31.63
CA GLY D 220 21.72 4.35 -31.50
C GLY D 220 22.87 5.07 -32.15
N ASN D 221 23.92 4.33 -32.51
CA ASN D 221 25.06 4.93 -33.21
C ASN D 221 24.60 5.48 -34.56
N ASP D 222 25.32 6.47 -35.04
CA ASP D 222 24.98 7.06 -36.32
C ASP D 222 24.94 6.07 -37.51
N ASP D 223 25.90 5.15 -37.62
CA ASP D 223 25.86 4.22 -38.73
C ASP D 223 24.56 3.36 -38.70
N PHE D 224 24.16 2.93 -37.50
CA PHE D 224 22.94 2.15 -37.30
C PHE D 224 21.71 2.96 -37.71
N VAL D 225 21.66 4.21 -37.26
CA VAL D 225 20.52 5.07 -37.55
C VAL D 225 20.41 5.36 -39.06
N GLN D 226 21.53 5.55 -39.74
CA GLN D 226 21.46 5.81 -41.17
C GLN D 226 20.96 4.58 -41.95
N GLU D 227 21.33 3.40 -41.49
CA GLU D 227 20.85 2.17 -42.12
C GLU D 227 19.35 2.07 -41.88
N ALA D 228 18.89 2.50 -40.70
CA ALA D 228 17.45 2.44 -40.38
C ALA D 228 16.64 3.32 -41.33
N LYS D 229 17.22 4.43 -41.76
CA LYS D 229 16.53 5.35 -42.68
C LYS D 229 16.28 4.70 -44.04
N ILE D 230 17.20 3.83 -44.47
CA ILE D 230 17.03 3.12 -45.76
C ILE D 230 15.81 2.20 -45.64
N TRP D 231 15.74 1.46 -44.54
CA TRP D 231 14.63 0.56 -44.27
C TRP D 231 13.34 1.32 -44.04
N LYS D 232 13.40 2.50 -43.41
CA LYS D 232 12.21 3.31 -43.20
C LYS D 232 11.56 3.61 -44.56
N ARG D 233 12.36 3.97 -45.55
CA ARG D 233 11.82 4.18 -46.91
C ARG D 233 11.21 2.89 -47.52
N ARG D 234 11.90 1.76 -47.37
CA ARG D 234 11.37 0.49 -47.91
C ARG D 234 10.03 0.14 -47.30
N TYR D 235 9.90 0.37 -45.98
CA TYR D 235 8.64 0.12 -45.26
C TYR D 235 7.51 1.11 -45.54
N GLY D 236 7.74 2.18 -46.28
CA GLY D 236 6.68 3.18 -46.49
C GLY D 236 6.45 4.07 -45.27
N GLY D 237 7.51 4.28 -44.51
CA GLY D 237 7.47 5.13 -43.30
C GLY D 237 8.12 6.49 -43.44
N ASP D 238 8.71 6.74 -44.61
CA ASP D 238 9.37 8.02 -44.90
C ASP D 238 8.35 8.93 -45.54
N LEU D 239 7.36 9.28 -44.74
CA LEU D 239 6.26 10.12 -45.15
CA LEU D 239 6.27 10.13 -45.20
C LEU D 239 6.81 11.52 -45.47
N ILE D 240 6.21 12.19 -46.43
CA ILE D 240 6.65 13.54 -46.74
C ILE D 240 6.67 14.45 -45.51
N SER D 241 5.59 14.38 -44.72
CA SER D 241 5.41 15.24 -43.55
C SER D 241 4.96 14.48 -42.32
N LEU D 242 5.84 14.35 -41.32
CA LEU D 242 5.53 13.70 -40.05
C LEU D 242 5.28 14.72 -38.93
N TYR D 243 5.37 16.01 -39.21
CA TYR D 243 5.19 17.05 -38.17
C TYR D 243 3.90 16.96 -37.31
N PRO D 244 2.76 16.50 -37.85
CA PRO D 244 1.64 16.42 -36.90
C PRO D 244 1.93 15.51 -35.70
N TYR D 245 2.70 14.44 -35.94
CA TYR D 245 3.08 13.51 -34.88
CA TYR D 245 3.09 13.52 -34.88
C TYR D 245 4.30 14.04 -34.10
N ILE D 246 5.22 14.71 -34.80
CA ILE D 246 6.42 15.25 -34.12
C ILE D 246 6.08 16.37 -33.13
N LEU D 247 5.32 17.35 -33.61
CA LEU D 247 4.91 18.48 -32.78
C LEU D 247 4.12 18.05 -31.54
N SER D 248 3.13 17.15 -31.73
CA SER D 248 2.37 16.62 -30.57
C SER D 248 3.23 15.78 -29.63
N ALA D 249 4.15 15.00 -30.19
CA ALA D 249 5.01 14.16 -29.35
C ALA D 249 5.82 15.07 -28.43
N ASP D 250 6.39 16.13 -29.00
CA ASP D 250 7.24 17.03 -28.24
C ASP D 250 6.41 17.82 -27.21
N TYR D 251 5.23 18.25 -27.62
CA TYR D 251 4.32 18.98 -26.72
C TYR D 251 4.00 18.14 -25.48
N TYR D 252 3.53 16.91 -25.68
CA TYR D 252 3.13 16.04 -24.57
C TYR D 252 4.33 15.50 -23.76
N PHE D 253 5.46 15.32 -24.44
CA PHE D 253 6.69 14.97 -23.75
C PHE D 253 7.00 16.04 -22.72
N GLU D 254 7.04 17.31 -23.12
CA GLU D 254 7.37 18.37 -22.19
C GLU D 254 6.34 18.56 -21.07
N LYS D 255 5.07 18.33 -21.42
CA LYS D 255 3.95 18.46 -20.50
C LYS D 255 3.97 17.37 -19.44
N ARG D 256 4.31 16.13 -19.81
CA ARG D 256 4.21 15.02 -18.88
C ARG D 256 5.49 14.33 -18.39
N ILE D 257 6.64 14.61 -18.99
CA ILE D 257 7.85 13.90 -18.57
C ILE D 257 8.14 14.09 -17.07
N GLY D 258 7.89 15.30 -16.57
CA GLY D 258 8.09 15.60 -15.16
C GLY D 258 7.07 14.96 -14.22
N LYS D 259 6.07 14.27 -14.77
CA LYS D 259 5.03 13.60 -13.97
C LYS D 259 5.28 12.10 -13.70
N MSE D 260 6.37 11.54 -14.21
CA MSE D 260 6.57 10.08 -14.11
C MSE D 260 6.60 9.62 -12.65
O MSE D 260 5.97 8.62 -12.31
CB MSE D 260 7.84 9.64 -14.87
CG MSE D 260 7.77 9.89 -16.41
SE MSE D 260 6.30 8.93 -17.23
CE MSE D 260 5.84 10.22 -18.63
N ALA D 261 7.31 10.34 -11.81
CA ALA D 261 7.38 9.97 -10.37
C ALA D 261 5.97 10.04 -9.73
N GLU D 262 5.20 11.05 -10.09
CA GLU D 262 3.85 11.24 -9.58
C GLU D 262 2.95 10.06 -9.97
N TYR D 263 3.04 9.66 -11.23
CA TYR D 263 2.24 8.53 -11.73
C TYR D 263 2.62 7.24 -10.99
N PHE D 264 3.92 7.04 -10.79
CA PHE D 264 4.45 5.90 -10.04
C PHE D 264 3.86 5.80 -8.61
N GLU D 265 3.91 6.89 -7.86
CA GLU D 265 3.38 6.94 -6.49
C GLU D 265 1.86 6.72 -6.49
N ALA D 266 1.15 7.30 -7.45
CA ALA D 266 -0.30 7.11 -7.56
C ALA D 266 -0.61 5.65 -7.87
N ALA D 267 0.13 5.05 -8.80
CA ALA D 267 -0.03 3.64 -9.11
C ALA D 267 0.14 2.76 -7.85
N LYS D 268 1.19 3.01 -7.07
CA LYS D 268 1.45 2.20 -5.88
C LYS D 268 0.30 2.41 -4.89
N GLY D 269 -0.17 3.66 -4.78
CA GLY D 269 -1.29 3.95 -3.89
C GLY D 269 -2.55 3.18 -4.23
N LEU D 270 -2.89 3.20 -5.52
CA LEU D 270 -4.08 2.50 -6.03
CA LEU D 270 -4.08 2.53 -6.03
C LEU D 270 -3.92 0.99 -5.87
N ALA D 271 -2.73 0.48 -6.14
CA ALA D 271 -2.48 -0.96 -6.01
C ALA D 271 -2.69 -1.43 -4.56
N GLU D 272 -2.24 -0.65 -3.59
CA GLU D 272 -2.41 -0.97 -2.16
C GLU D 272 -3.88 -1.17 -1.83
N ARG D 273 -4.71 -0.32 -2.42
CA ARG D 273 -6.15 -0.36 -2.16
CA ARG D 273 -6.15 -0.34 -2.19
C ARG D 273 -6.77 -1.59 -2.81
N PHE D 274 -6.35 -1.93 -4.03
CA PHE D 274 -6.89 -3.16 -4.65
C PHE D 274 -6.48 -4.39 -3.86
N ASN D 275 -5.19 -4.47 -3.51
CA ASN D 275 -4.67 -5.62 -2.74
C ASN D 275 -5.32 -5.84 -1.39
N SER D 276 -5.72 -4.76 -0.74
CA SER D 276 -6.36 -4.84 0.58
C SER D 276 -7.67 -5.63 0.53
N CYS D 277 -8.28 -5.72 -0.66
CA CYS D 277 -9.49 -6.54 -0.82
C CYS D 277 -9.08 -8.00 -1.01
N SER D 278 -9.68 -8.89 -0.22
CA SER D 278 -9.43 -10.32 -0.36
C SER D 278 -10.07 -10.80 -1.68
N GLY D 279 -9.37 -11.69 -2.38
CA GLY D 279 -9.82 -12.16 -3.69
C GLY D 279 -9.39 -11.22 -4.81
N VAL D 280 -8.67 -10.15 -4.48
CA VAL D 280 -8.14 -9.24 -5.46
C VAL D 280 -6.64 -9.11 -5.21
N LYS D 281 -5.84 -9.21 -6.26
CA LYS D 281 -4.38 -9.06 -6.15
C LYS D 281 -3.82 -8.36 -7.35
N THR D 282 -2.72 -7.61 -7.17
CA THR D 282 -2.11 -6.97 -8.32
C THR D 282 -0.80 -7.67 -8.69
N VAL D 283 -0.43 -7.55 -9.95
CA VAL D 283 0.83 -8.09 -10.45
C VAL D 283 1.45 -6.94 -11.21
N PRO D 284 2.64 -6.49 -10.76
CA PRO D 284 3.34 -6.94 -9.55
C PRO D 284 2.53 -6.54 -8.30
N GLU D 285 2.86 -7.10 -7.13
CA GLU D 285 2.18 -6.74 -5.88
C GLU D 285 2.36 -5.23 -5.56
N VAL D 286 3.59 -4.75 -5.70
CA VAL D 286 3.91 -3.34 -5.55
C VAL D 286 4.39 -2.87 -6.91
N PRO D 287 3.62 -1.98 -7.57
CA PRO D 287 4.05 -1.52 -8.89
C PRO D 287 5.48 -0.97 -8.91
N VAL D 288 6.15 -1.14 -10.05
CA VAL D 288 7.49 -0.59 -10.27
C VAL D 288 7.44 0.50 -11.37
N SER D 289 6.23 0.95 -11.67
CA SER D 289 5.98 1.98 -12.68
C SER D 289 4.56 2.54 -12.46
N ASN D 290 4.03 3.21 -13.48
CA ASN D 290 2.68 3.74 -13.42
C ASN D 290 1.61 2.67 -13.68
N MSE D 291 2.02 1.45 -14.04
CA MSE D 291 1.06 0.40 -14.39
C MSE D 291 1.10 -0.86 -13.53
O MSE D 291 2.04 -1.12 -12.79
CB MSE D 291 1.25 -0.07 -15.83
CG MSE D 291 2.57 -0.79 -16.09
SE MSE D 291 2.63 -1.72 -17.82
CE MSE D 291 1.17 -2.96 -17.50
N PHE D 292 0.04 -1.65 -13.69
CA PHE D 292 -0.08 -2.93 -13.02
C PHE D 292 -1.32 -3.62 -13.52
N HIS D 293 -1.39 -4.93 -13.28
CA HIS D 293 -2.59 -5.72 -13.55
C HIS D 293 -3.31 -6.10 -12.28
N VAL D 294 -4.65 -6.14 -12.36
CA VAL D 294 -5.51 -6.47 -11.24
C VAL D 294 -6.19 -7.78 -11.56
N TYR D 295 -5.96 -8.79 -10.73
CA TYR D 295 -6.55 -10.10 -10.88
C TYR D 295 -7.61 -10.34 -9.83
N PHE D 296 -8.69 -10.99 -10.24
CA PHE D 296 -9.80 -11.33 -9.34
C PHE D 296 -10.01 -12.84 -9.26
N GLU D 297 -10.33 -13.33 -8.06
CA GLU D 297 -10.66 -14.75 -7.86
C GLU D 297 -12.15 -14.97 -8.18
N ASN D 298 -12.63 -14.33 -9.23
CA ASN D 298 -14.00 -14.50 -9.73
C ASN D 298 -14.03 -14.40 -11.22
N SER D 299 -15.14 -14.83 -11.82
CA SER D 299 -15.30 -14.80 -13.27
C SER D 299 -15.46 -13.37 -13.78
N ALA D 300 -15.23 -13.20 -15.08
CA ALA D 300 -15.39 -11.94 -15.77
C ALA D 300 -16.83 -11.45 -15.68
N ASP D 301 -17.79 -12.37 -15.85
CA ASP D 301 -19.21 -12.02 -15.74
C ASP D 301 -19.57 -11.49 -14.34
N GLU D 302 -19.06 -12.14 -13.29
CA GLU D 302 -19.32 -11.70 -11.90
C GLU D 302 -18.67 -10.35 -11.60
N ILE D 303 -17.41 -10.17 -12.01
CA ILE D 303 -16.71 -8.92 -11.75
C ILE D 303 -17.27 -7.81 -12.67
N GLY D 304 -17.60 -8.17 -13.89
CA GLY D 304 -18.17 -7.21 -14.84
C GLY D 304 -19.41 -6.51 -14.30
N ALA D 305 -20.27 -7.31 -13.66
CA ALA D 305 -21.52 -6.80 -13.06
C ALA D 305 -21.20 -5.84 -11.93
N ILE D 306 -20.21 -6.19 -11.12
CA ILE D 306 -19.80 -5.34 -10.02
C ILE D 306 -19.18 -4.04 -10.53
N LEU D 307 -18.29 -4.09 -11.52
CA LEU D 307 -17.66 -2.86 -12.02
C LEU D 307 -18.68 -1.94 -12.76
N THR D 308 -19.64 -2.53 -13.48
CA THR D 308 -20.64 -1.73 -14.20
C THR D 308 -21.46 -0.89 -13.22
N LYS D 309 -21.89 -1.51 -12.12
CA LYS D 309 -22.67 -0.82 -11.14
C LYS D 309 -21.88 0.32 -10.51
N ILE D 310 -20.63 0.03 -10.13
CA ILE D 310 -19.77 1.03 -9.49
C ILE D 310 -19.50 2.20 -10.44
N GLN D 311 -19.19 1.90 -11.71
CA GLN D 311 -18.96 2.95 -12.70
C GLN D 311 -20.19 3.86 -12.86
N ASP D 312 -21.37 3.25 -12.97
CA ASP D 312 -22.61 3.99 -13.14
C ASP D 312 -22.95 4.92 -11.96
N GLU D 313 -22.62 4.48 -10.75
CA GLU D 313 -22.94 5.25 -9.56
C GLU D 313 -21.88 6.23 -9.08
N THR D 314 -20.60 6.00 -9.41
CA THR D 314 -19.54 6.93 -9.00
C THR D 314 -19.05 7.84 -10.13
N GLY D 315 -19.32 7.46 -11.38
CA GLY D 315 -18.84 8.21 -12.53
C GLY D 315 -17.36 8.04 -12.80
N VAL D 316 -16.73 7.03 -12.19
CA VAL D 316 -15.29 6.75 -12.35
C VAL D 316 -15.09 5.41 -13.08
N GLY D 317 -14.46 5.49 -14.25
CA GLY D 317 -14.17 4.34 -15.07
C GLY D 317 -13.03 3.53 -14.48
N ILE D 318 -13.30 2.25 -14.26
CA ILE D 318 -12.33 1.30 -13.68
C ILE D 318 -11.68 0.49 -14.82
N SER D 319 -12.53 -0.20 -15.60
CA SER D 319 -12.06 -0.91 -16.79
C SER D 319 -13.20 -1.14 -17.76
N GLY D 320 -12.87 -1.06 -19.04
CA GLY D 320 -13.85 -1.28 -20.11
C GLY D 320 -13.92 -2.71 -20.60
N TYR D 321 -13.01 -3.56 -20.12
CA TYR D 321 -12.92 -4.95 -20.56
C TYR D 321 -12.36 -5.78 -19.43
N LEU D 322 -12.75 -7.06 -19.37
CA LEU D 322 -12.17 -7.97 -18.41
C LEU D 322 -11.60 -9.16 -19.19
N GLN D 323 -10.31 -9.39 -19.08
CA GLN D 323 -9.64 -10.52 -19.75
C GLN D 323 -9.90 -11.80 -18.93
N GLU D 324 -10.63 -12.74 -19.52
CA GLU D 324 -10.91 -14.03 -18.90
C GLU D 324 -9.60 -14.81 -18.86
N LYS D 325 -9.22 -15.31 -17.68
CA LYS D 325 -7.97 -16.08 -17.51
C LYS D 325 -8.28 -17.57 -17.35
N SER D 326 -9.36 -17.86 -16.63
CA SER D 326 -9.86 -19.20 -16.44
C SER D 326 -11.34 -18.99 -16.11
N ALA D 327 -12.10 -20.07 -15.89
CA ALA D 327 -13.53 -19.97 -15.58
C ALA D 327 -13.83 -18.98 -14.44
N ASP D 328 -13.01 -19.02 -13.38
CA ASP D 328 -13.23 -18.16 -12.21
C ASP D 328 -12.07 -17.20 -11.89
N VAL D 329 -11.35 -16.78 -12.91
CA VAL D 329 -10.29 -15.78 -12.75
C VAL D 329 -10.35 -14.81 -13.93
N CYS D 330 -10.29 -13.51 -13.63
CA CYS D 330 -10.27 -12.50 -14.70
C CYS D 330 -9.32 -11.39 -14.27
N ALA D 331 -8.96 -10.53 -15.21
CA ALA D 331 -8.00 -9.50 -14.92
C ALA D 331 -8.12 -8.30 -15.82
N PHE D 332 -7.50 -7.20 -15.42
CA PHE D 332 -7.45 -6.00 -16.28
C PHE D 332 -6.22 -5.17 -15.94
N GLU D 333 -5.88 -4.25 -16.83
CA GLU D 333 -4.73 -3.40 -16.69
C GLU D 333 -5.08 -1.94 -16.32
N VAL D 334 -4.24 -1.36 -15.49
CA VAL D 334 -4.33 0.06 -15.16
C VAL D 334 -3.00 0.70 -15.49
N SER D 335 -3.05 1.79 -16.26
CA SER D 335 -1.87 2.63 -16.55
C SER D 335 -2.20 4.07 -16.10
N VAL D 336 -1.57 4.56 -15.04
CA VAL D 336 -1.87 5.89 -14.52
C VAL D 336 -1.27 7.00 -15.37
N GLY D 337 -2.06 8.04 -15.57
CA GLY D 337 -1.66 9.21 -16.33
C GLY D 337 -2.36 10.39 -15.71
N ASP D 338 -2.64 11.41 -16.52
CA ASP D 338 -3.28 12.62 -15.99
C ASP D 338 -4.70 12.46 -15.51
N ALA D 339 -5.43 11.47 -16.02
CA ALA D 339 -6.84 11.33 -15.65
C ALA D 339 -7.02 11.10 -14.16
N PHE D 340 -6.12 10.33 -13.57
CA PHE D 340 -6.27 9.97 -12.17
C PHE D 340 -6.44 11.15 -11.24
N ALA D 341 -5.62 12.18 -11.45
CA ALA D 341 -5.60 13.35 -10.59
C ALA D 341 -6.81 14.27 -10.79
N GLU D 342 -7.63 14.02 -11.81
CA GLU D 342 -8.84 14.83 -12.03
C GLU D 342 -10.04 14.26 -11.28
N ILE D 343 -9.89 13.05 -10.72
CA ILE D 343 -10.98 12.42 -10.00
C ILE D 343 -11.17 13.12 -8.67
N PRO D 344 -12.38 13.64 -8.40
CA PRO D 344 -12.60 14.28 -7.10
C PRO D 344 -12.46 13.24 -5.99
N ALA D 345 -11.87 13.64 -4.87
CA ALA D 345 -11.61 12.71 -3.76
C ALA D 345 -12.84 11.90 -3.37
N LYS D 346 -13.99 12.56 -3.27
CA LYS D 346 -15.25 11.90 -2.91
C LYS D 346 -15.58 10.69 -3.82
N ASN D 347 -15.49 10.90 -5.13
CA ASN D 347 -15.84 9.86 -6.08
C ASN D 347 -14.88 8.69 -6.01
N LEU D 348 -13.60 9.01 -5.81
CA LEU D 348 -12.55 8.00 -5.67
C LEU D 348 -12.79 7.16 -4.42
N GLU D 349 -12.95 7.81 -3.26
CA GLU D 349 -13.16 7.04 -2.04
C GLU D 349 -14.40 6.13 -2.18
N LEU D 350 -15.47 6.66 -2.80
CA LEU D 350 -16.71 5.91 -3.03
C LEU D 350 -16.50 4.66 -3.93
N VAL D 351 -15.65 4.76 -4.96
CA VAL D 351 -15.38 3.59 -5.80
C VAL D 351 -14.86 2.44 -4.97
N PHE D 352 -13.83 2.73 -4.18
CA PHE D 352 -13.21 1.70 -3.36
C PHE D 352 -14.10 1.26 -2.22
N ARG D 353 -14.96 2.15 -1.72
CA ARG D 353 -15.89 1.77 -0.68
C ARG D 353 -16.91 0.77 -1.27
N CYS D 354 -17.36 1.02 -2.49
CA CYS D 354 -18.26 0.13 -3.20
C CYS D 354 -17.63 -1.24 -3.49
N LEU D 355 -16.36 -1.24 -3.90
CA LEU D 355 -15.65 -2.48 -4.18
CA LEU D 355 -15.65 -2.49 -4.17
C LEU D 355 -15.60 -3.33 -2.90
N GLU D 356 -15.22 -2.69 -1.79
CA GLU D 356 -15.15 -3.37 -0.50
C GLU D 356 -16.51 -4.00 -0.12
N LYS D 357 -17.58 -3.30 -0.48
CA LYS D 357 -18.92 -3.73 -0.15
C LYS D 357 -19.49 -4.82 -1.09
N GLU D 358 -19.09 -4.84 -2.36
CA GLU D 358 -19.66 -5.77 -3.37
C GLU D 358 -18.88 -7.05 -3.61
N LEU D 359 -17.56 -7.00 -3.47
CA LEU D 359 -16.73 -8.17 -3.71
C LEU D 359 -17.09 -9.34 -2.77
C1 MRD E . 4.33 3.50 18.32
C2 MRD E . 5.57 4.36 18.61
O2 MRD E . 6.74 3.51 18.51
CM MRD E . 5.47 4.90 20.03
C3 MRD E . 5.74 5.54 17.64
C4 MRD E . 5.97 5.12 16.19
O4 MRD E . 7.16 4.35 16.05
C5 MRD E . 6.03 6.31 15.26
C1 MRD F . -18.71 -15.71 18.01
C2 MRD F . -18.48 -16.18 16.58
O2 MRD F . -18.84 -17.59 16.48
CM MRD F . -19.35 -15.43 15.59
C3 MRD F . -17.01 -15.99 16.25
C4 MRD F . -16.54 -16.69 14.97
O4 MRD F . -16.72 -18.07 15.11
C5 MRD F . -15.05 -16.43 14.72
NA NA G . -17.86 12.33 49.19
CL CL H . -17.29 -20.83 25.95
C1 MRD I . 20.89 -13.78 53.34
C2 MRD I . 21.35 -15.07 54.03
O2 MRD I . 22.51 -15.53 53.31
CM MRD I . 21.79 -14.79 55.47
C3 MRD I . 20.26 -16.15 53.97
C4 MRD I . 20.79 -17.55 54.24
O4 MRD I . 21.76 -17.91 53.28
C5 MRD I . 19.70 -18.62 54.19
C1 MRD J . -10.28 -18.59 57.89
C2 MRD J . -9.62 -19.85 58.45
O2 MRD J . -9.88 -20.94 57.52
CM MRD J . -8.11 -19.64 58.50
C3 MRD J . -10.18 -20.16 59.84
C4 MRD J . -9.74 -21.52 60.40
O4 MRD J . -10.23 -22.58 59.60
C5 MRD J . -10.25 -21.71 61.83
C1 MRD K . 11.94 15.58 -60.69
C2 MRD K . 12.10 14.80 -61.99
O2 MRD K . 13.27 13.96 -61.97
CM MRD K . 10.88 13.89 -62.21
C3 MRD K . 12.33 15.80 -63.11
C4 MRD K . 12.55 15.20 -64.50
O4 MRD K . 13.80 14.55 -64.56
C5 MRD K . 12.47 16.30 -65.57
NA NA L . 10.29 26.00 -78.56
C1 MRD M . 27.31 -4.42 -24.23
C2 MRD M . 26.32 -4.01 -25.28
O2 MRD M . 26.93 -4.13 -26.59
CM MRD M . 25.13 -4.95 -25.16
C3 MRD M . 25.92 -2.55 -25.00
C4 MRD M . 26.86 -1.52 -25.63
O4 MRD M . 28.20 -1.73 -25.23
C5 MRD M . 26.45 -0.13 -25.21
C1 MPD N . -4.65 -5.81 -22.07
C2 MPD N . -3.98 -6.95 -21.30
O2 MPD N . -4.26 -8.18 -22.03
CM MPD N . -2.48 -6.75 -21.25
C3 MPD N . -4.48 -6.98 -19.85
C4 MPD N . -4.84 -8.34 -19.26
O4 MPD N . -4.04 -9.41 -19.72
C5 MPD N . -4.77 -8.24 -17.73
#